data_6CAB
# 
_entry.id   6CAB 
# 
_audit_conform.dict_name       mmcif_pdbx.dic 
_audit_conform.dict_version    5.397 
_audit_conform.dict_location   http://mmcif.pdb.org/dictionaries/ascii/mmcif_pdbx.dic 
# 
loop_
_database_2.database_id 
_database_2.database_code 
_database_2.pdbx_database_accession 
_database_2.pdbx_DOI 
PDB   6CAB         pdb_00006cab 10.2210/pdb6cab/pdb 
WWPDB D_1000232409 ?            ?                   
# 
loop_
_pdbx_audit_revision_history.ordinal 
_pdbx_audit_revision_history.data_content_type 
_pdbx_audit_revision_history.major_revision 
_pdbx_audit_revision_history.minor_revision 
_pdbx_audit_revision_history.revision_date 
1 'Structure model' 1 0 2018-05-30 
2 'Structure model' 1 1 2018-10-31 
3 'Structure model' 1 2 2019-11-20 
4 'Structure model' 1 3 2023-10-04 
5 'Structure model' 2 0 2024-10-16 
# 
_pdbx_audit_revision_details.ordinal             1 
_pdbx_audit_revision_details.revision_ordinal    1 
_pdbx_audit_revision_details.data_content_type   'Structure model' 
_pdbx_audit_revision_details.provider            repository 
_pdbx_audit_revision_details.type                'Initial release' 
_pdbx_audit_revision_details.description         ? 
_pdbx_audit_revision_details.details             ? 
# 
loop_
_pdbx_audit_revision_group.ordinal 
_pdbx_audit_revision_group.revision_ordinal 
_pdbx_audit_revision_group.data_content_type 
_pdbx_audit_revision_group.group 
1  2 'Structure model' 'Data collection'            
2  2 'Structure model' 'Database references'        
3  3 'Structure model' 'Author supporting evidence' 
4  4 'Structure model' 'Data collection'            
5  4 'Structure model' 'Database references'        
6  4 'Structure model' 'Derived calculations'       
7  4 'Structure model' 'Refinement description'     
8  5 'Structure model' 'Atomic model'               
9  5 'Structure model' 'Data collection'            
10 5 'Structure model' 'Derived calculations'       
11 5 'Structure model' 'Non-polymer description'    
12 5 'Structure model' 'Structure summary'          
# 
loop_
_pdbx_audit_revision_category.ordinal 
_pdbx_audit_revision_category.revision_ordinal 
_pdbx_audit_revision_category.data_content_type 
_pdbx_audit_revision_category.category 
1  2 'Structure model' citation                      
2  2 'Structure model' citation_author               
3  3 'Structure model' pdbx_audit_support            
4  4 'Structure model' chem_comp_atom                
5  4 'Structure model' chem_comp_bond                
6  4 'Structure model' database_2                    
7  4 'Structure model' pdbx_initial_refinement_model 
8  4 'Structure model' pdbx_struct_conn_angle        
9  4 'Structure model' struct_conn                   
10 5 'Structure model' atom_site                     
11 5 'Structure model' chem_comp                     
12 5 'Structure model' chem_comp_atom                
13 5 'Structure model' chem_comp_bond                
14 5 'Structure model' pdbx_entity_nonpoly           
15 5 'Structure model' pdbx_entry_details            
16 5 'Structure model' pdbx_nonpoly_scheme           
17 5 'Structure model' pdbx_struct_conn_angle        
18 5 'Structure model' struct_conn                   
19 5 'Structure model' struct_site                   
20 5 'Structure model' struct_site_gen               
# 
loop_
_pdbx_audit_revision_item.ordinal 
_pdbx_audit_revision_item.revision_ordinal 
_pdbx_audit_revision_item.data_content_type 
_pdbx_audit_revision_item.item 
1  2 'Structure model' '_citation.page_first'                        
2  2 'Structure model' '_citation.pdbx_database_id_PubMed'           
3  2 'Structure model' '_citation.title'                             
4  2 'Structure model' '_citation_author.identifier_ORCID'           
5  3 'Structure model' '_pdbx_audit_support.funding_organization'    
6  4 'Structure model' '_database_2.pdbx_DOI'                        
7  4 'Structure model' '_database_2.pdbx_database_accession'         
8  4 'Structure model' '_pdbx_struct_conn_angle.ptnr1_auth_asym_id'  
9  4 'Structure model' '_pdbx_struct_conn_angle.ptnr1_auth_comp_id'  
10 4 'Structure model' '_pdbx_struct_conn_angle.ptnr1_auth_seq_id'   
11 4 'Structure model' '_pdbx_struct_conn_angle.ptnr1_label_asym_id' 
12 4 'Structure model' '_pdbx_struct_conn_angle.ptnr1_label_atom_id' 
13 4 'Structure model' '_pdbx_struct_conn_angle.ptnr1_label_comp_id' 
14 4 'Structure model' '_pdbx_struct_conn_angle.ptnr1_label_seq_id'  
15 4 'Structure model' '_pdbx_struct_conn_angle.ptnr2_auth_asym_id'  
16 4 'Structure model' '_pdbx_struct_conn_angle.ptnr2_auth_seq_id'   
17 4 'Structure model' '_pdbx_struct_conn_angle.ptnr2_label_asym_id' 
18 4 'Structure model' '_pdbx_struct_conn_angle.ptnr3_auth_asym_id'  
19 4 'Structure model' '_pdbx_struct_conn_angle.ptnr3_auth_comp_id'  
20 4 'Structure model' '_pdbx_struct_conn_angle.ptnr3_auth_seq_id'   
21 4 'Structure model' '_pdbx_struct_conn_angle.ptnr3_label_asym_id' 
22 4 'Structure model' '_pdbx_struct_conn_angle.ptnr3_label_atom_id' 
23 4 'Structure model' '_pdbx_struct_conn_angle.ptnr3_label_comp_id' 
24 4 'Structure model' '_pdbx_struct_conn_angle.ptnr3_label_seq_id'  
25 4 'Structure model' '_pdbx_struct_conn_angle.value'               
26 4 'Structure model' '_struct_conn.conn_type_id'                   
27 4 'Structure model' '_struct_conn.id'                             
28 4 'Structure model' '_struct_conn.pdbx_dist_value'                
29 4 'Structure model' '_struct_conn.pdbx_leaving_atom_flag'         
30 4 'Structure model' '_struct_conn.ptnr1_auth_asym_id'             
31 4 'Structure model' '_struct_conn.ptnr1_auth_comp_id'             
32 4 'Structure model' '_struct_conn.ptnr1_auth_seq_id'              
33 4 'Structure model' '_struct_conn.ptnr1_label_asym_id'            
34 4 'Structure model' '_struct_conn.ptnr1_label_atom_id'            
35 4 'Structure model' '_struct_conn.ptnr1_label_comp_id'            
36 4 'Structure model' '_struct_conn.ptnr1_label_seq_id'             
37 4 'Structure model' '_struct_conn.ptnr2_auth_asym_id'             
38 4 'Structure model' '_struct_conn.ptnr2_auth_comp_id'             
39 4 'Structure model' '_struct_conn.ptnr2_auth_seq_id'              
40 4 'Structure model' '_struct_conn.ptnr2_label_asym_id'            
41 4 'Structure model' '_struct_conn.ptnr2_label_atom_id'            
42 4 'Structure model' '_struct_conn.ptnr2_label_comp_id'            
43 4 'Structure model' '_struct_conn.ptnr2_label_seq_id'             
44 4 'Structure model' '_struct_conn.ptnr2_symmetry'                 
45 5 'Structure model' '_atom_site.B_iso_or_equiv'                   
46 5 'Structure model' '_atom_site.Cartn_x'                          
47 5 'Structure model' '_atom_site.Cartn_y'                          
48 5 'Structure model' '_atom_site.Cartn_z'                          
49 5 'Structure model' '_atom_site.auth_atom_id'                     
50 5 'Structure model' '_atom_site.auth_comp_id'                     
51 5 'Structure model' '_atom_site.label_atom_id'                    
52 5 'Structure model' '_atom_site.label_comp_id'                    
53 5 'Structure model' '_atom_site.type_symbol'                      
54 5 'Structure model' '_chem_comp.formula'                          
55 5 'Structure model' '_chem_comp.formula_weight'                   
56 5 'Structure model' '_chem_comp.id'                               
57 5 'Structure model' '_chem_comp.mon_nstd_flag'                    
58 5 'Structure model' '_chem_comp.name'                             
59 5 'Structure model' '_chem_comp.type'                             
60 5 'Structure model' '_pdbx_entity_nonpoly.comp_id'                
61 5 'Structure model' '_pdbx_nonpoly_scheme.mon_id'                 
62 5 'Structure model' '_pdbx_nonpoly_scheme.pdb_mon_id'             
63 5 'Structure model' '_pdbx_struct_conn_angle.ptnr1_auth_comp_id'  
64 5 'Structure model' '_pdbx_struct_conn_angle.ptnr1_label_comp_id' 
65 5 'Structure model' '_pdbx_struct_conn_angle.ptnr3_auth_comp_id'  
66 5 'Structure model' '_pdbx_struct_conn_angle.ptnr3_label_comp_id' 
67 5 'Structure model' '_struct_conn.ptnr1_auth_comp_id'             
68 5 'Structure model' '_struct_conn.ptnr1_label_comp_id'            
69 5 'Structure model' '_struct_site.details'                        
70 5 'Structure model' '_struct_site.pdbx_auth_comp_id'              
71 5 'Structure model' '_struct_site_gen.auth_comp_id'               
72 5 'Structure model' '_struct_site_gen.label_comp_id'              
# 
_pdbx_database_status.status_code                     REL 
_pdbx_database_status.status_code_sf                  REL 
_pdbx_database_status.status_code_mr                  ? 
_pdbx_database_status.entry_id                        6CAB 
_pdbx_database_status.recvd_initial_deposition_date   2018-01-29 
_pdbx_database_status.SG_entry                        N 
_pdbx_database_status.deposit_site                    RCSB 
_pdbx_database_status.process_site                    RCSB 
_pdbx_database_status.status_code_cs                  ? 
_pdbx_database_status.methods_development_category    ? 
_pdbx_database_status.pdb_format_compatible           Y 
_pdbx_database_status.status_code_nmr_data            ? 
# 
loop_
_audit_author.name 
_audit_author.pdbx_ordinal 
_audit_author.identifier_ORCID 
'Zhang, W.'     1 ? 
'Szostak, J.W.' 2 ? 
# 
_citation.abstract                  ? 
_citation.abstract_id_CAS           ? 
_citation.book_id_ISBN              ? 
_citation.book_publisher            ? 
_citation.book_publisher_city       ? 
_citation.book_title                ? 
_citation.coordinate_linkage        ? 
_citation.country                   US 
_citation.database_id_Medline       ? 
_citation.details                   ? 
_citation.id                        primary 
_citation.journal_abbrev            Elife 
_citation.journal_id_ASTM           ? 
_citation.journal_id_CSD            ? 
_citation.journal_id_ISSN           2050-084X 
_citation.journal_full              ? 
_citation.journal_issue             ? 
_citation.journal_volume            7 
_citation.language                  ? 
_citation.page_first                ? 
_citation.page_last                 ? 
_citation.title                     'Crystallographic observation of nonenzymatic RNA primer extension.' 
_citation.year                      2018 
_citation.database_id_CSD           ? 
_citation.pdbx_database_id_DOI      10.7554/eLife.36422 
_citation.pdbx_database_id_PubMed   29851379 
_citation.unpublished_flag          ? 
# 
loop_
_citation_author.citation_id 
_citation_author.name 
_citation_author.ordinal 
_citation_author.identifier_ORCID 
primary 'Zhang, W.'     1 0000-0003-4811-4384 
primary 'Walton, T.'    2 0000-0001-6812-1579 
primary 'Li, L.'        3 0000-0003-4766-5782 
primary 'Szostak, J.W.' 4 0000-0003-4131-1203 
# 
loop_
_entity.id 
_entity.type 
_entity.src_method 
_entity.pdbx_description 
_entity.formula_weight 
_entity.pdbx_number_of_molecules 
_entity.pdbx_ec 
_entity.pdbx_mutation 
_entity.pdbx_fragment 
_entity.details 
1 polymer     syn 
;RNA (5'-R(*(LCC)P*(LCC)P*(LCC)P*(LCG)P*AP*CP*UP*UP*AP*AP*GP*UP*CP*G)-3')
;
4512.804 2 ? ? ? ? 
2 non-polymer syn "GUANOSINE-5'-MONOPHOSPHATE"                                               363.221  4 ? ? ? ? 
3 non-polymer syn 'STRONTIUM ION'                                                            87.620   4 ? ? ? ? 
4 water       nat water                                                                      18.015   8 ? ? ? ? 
# 
_entity_poly.entity_id                      1 
_entity_poly.type                           polyribonucleotide 
_entity_poly.nstd_linkage                   no 
_entity_poly.nstd_monomer                   yes 
_entity_poly.pdbx_seq_one_letter_code       '(LCC)(LCC)(LCC)(LCG)ACUUAAGUCG' 
_entity_poly.pdbx_seq_one_letter_code_can   NNNGACUUAAGUCG 
_entity_poly.pdbx_strand_id                 A,B 
_entity_poly.pdbx_target_identifier         ? 
# 
loop_
_pdbx_entity_nonpoly.entity_id 
_pdbx_entity_nonpoly.name 
_pdbx_entity_nonpoly.comp_id 
2 "GUANOSINE-5'-MONOPHOSPHATE" 5GP 
3 'STRONTIUM ION'              SR  
4 water                        HOH 
# 
loop_
_entity_poly_seq.entity_id 
_entity_poly_seq.num 
_entity_poly_seq.mon_id 
_entity_poly_seq.hetero 
1 1  LCC n 
1 2  LCC n 
1 3  LCC n 
1 4  LCG n 
1 5  A   n 
1 6  C   n 
1 7  U   n 
1 8  U   n 
1 9  A   n 
1 10 A   n 
1 11 G   n 
1 12 U   n 
1 13 C   n 
1 14 G   n 
# 
_pdbx_entity_src_syn.entity_id              1 
_pdbx_entity_src_syn.pdbx_src_id            1 
_pdbx_entity_src_syn.pdbx_alt_source_flag   sample 
_pdbx_entity_src_syn.pdbx_beg_seq_num       1 
_pdbx_entity_src_syn.pdbx_end_seq_num       14 
_pdbx_entity_src_syn.organism_scientific    'synthetic construct' 
_pdbx_entity_src_syn.organism_common_name   ? 
_pdbx_entity_src_syn.ncbi_taxonomy_id       32630 
_pdbx_entity_src_syn.details                ? 
# 
loop_
_chem_comp.id 
_chem_comp.type 
_chem_comp.mon_nstd_flag 
_chem_comp.name 
_chem_comp.pdbx_synonyms 
_chem_comp.formula 
_chem_comp.formula_weight 
5GP non-polymer   . "GUANOSINE-5'-MONOPHOSPHATE" ? 'C10 H14 N5 O8 P' 363.221 
A   'RNA linking' y "ADENOSINE-5'-MONOPHOSPHATE" ? 'C10 H14 N5 O7 P' 347.221 
C   'RNA linking' y "CYTIDINE-5'-MONOPHOSPHATE" ? 'C9 H14 N3 O8 P'  323.197 
G   'RNA linking' y "GUANOSINE-5'-MONOPHOSPHATE" ? 'C10 H14 N5 O8 P' 363.221 
HOH non-polymer   . WATER ? 'H2 O'            18.015  
LCC 'RNA linking' . 
'[(1R,3R,4R,7S)-7-HYDROXY-3-(5-METHYLCYTOSIN-1-YL)-2,5-DIOXABICYCLO[2.2.1]HEPT-1-YL]METHYL DIHYDROGEN PHOSPHATE' ? 
'C11 H16 N3 O8 P' 349.234 
LCG 'RNA linking' n '[(1R,3R,4R,7S)-7-HYDROXY-3-(GUANIN-9-YL)-2,5-DIOXABICYCLO[2.2.1]HEPT-1-YL]METHYL DIHYDROGEN PHOSPHATE' ? 
'C11 H14 N5 O8 P' 375.231 
SR  non-polymer   . 'STRONTIUM ION' ? 'Sr 2'            87.620  
U   'RNA linking' y "URIDINE-5'-MONOPHOSPHATE" ? 'C9 H13 N2 O9 P'  324.181 
# 
loop_
_pdbx_poly_seq_scheme.asym_id 
_pdbx_poly_seq_scheme.entity_id 
_pdbx_poly_seq_scheme.seq_id 
_pdbx_poly_seq_scheme.mon_id 
_pdbx_poly_seq_scheme.ndb_seq_num 
_pdbx_poly_seq_scheme.pdb_seq_num 
_pdbx_poly_seq_scheme.auth_seq_num 
_pdbx_poly_seq_scheme.pdb_mon_id 
_pdbx_poly_seq_scheme.auth_mon_id 
_pdbx_poly_seq_scheme.pdb_strand_id 
_pdbx_poly_seq_scheme.pdb_ins_code 
_pdbx_poly_seq_scheme.hetero 
A 1 1  LCC 1  1  1  LCC LCC A . n 
A 1 2  LCC 2  2  2  LCC LCC A . n 
A 1 3  LCC 3  3  3  LCC LCC A . n 
A 1 4  LCG 4  4  4  LCG LCG A . n 
A 1 5  A   5  5  5  A   A   A . n 
A 1 6  C   6  6  6  C   C   A . n 
A 1 7  U   7  7  7  U   U   A . n 
A 1 8  U   8  8  8  U   U   A . n 
A 1 9  A   9  9  9  A   A   A . n 
A 1 10 A   10 10 10 A   A   A . n 
A 1 11 G   11 11 11 G   G   A . n 
A 1 12 U   12 12 12 U   U   A . n 
A 1 13 C   13 13 13 C   C   A . n 
A 1 14 G   14 14 14 G   G   A . n 
B 1 1  LCC 1  1  1  LCC LCC B . n 
B 1 2  LCC 2  2  2  LCC LCC B . n 
B 1 3  LCC 3  3  3  LCC LCC B . n 
B 1 4  LCG 4  4  4  LCG LCG B . n 
B 1 5  A   5  5  5  A   A   B . n 
B 1 6  C   6  6  6  C   C   B . n 
B 1 7  U   7  7  7  U   U   B . n 
B 1 8  U   8  8  8  U   U   B . n 
B 1 9  A   9  9  9  A   A   B . n 
B 1 10 A   10 10 10 A   A   B . n 
B 1 11 G   11 11 11 G   G   B . n 
B 1 12 U   12 12 12 U   U   B . n 
B 1 13 C   13 13 13 C   C   B . n 
B 1 14 G   14 14 14 G   G   B . n 
# 
loop_
_pdbx_nonpoly_scheme.asym_id 
_pdbx_nonpoly_scheme.entity_id 
_pdbx_nonpoly_scheme.mon_id 
_pdbx_nonpoly_scheme.ndb_seq_num 
_pdbx_nonpoly_scheme.pdb_seq_num 
_pdbx_nonpoly_scheme.auth_seq_num 
_pdbx_nonpoly_scheme.pdb_mon_id 
_pdbx_nonpoly_scheme.auth_mon_id 
_pdbx_nonpoly_scheme.pdb_strand_id 
_pdbx_nonpoly_scheme.pdb_ins_code 
C 2 5GP 1 101 101 5GP G   A . 
D 2 5GP 1 102 102 5GP G   A . 
E 3 SR  1 103 103 SR  SR  A . 
F 3 SR  1 104 105 SR  SR  A . 
G 2 5GP 1 101 101 5GP G   B . 
H 2 5GP 1 102 102 5GP G   B . 
I 3 SR  1 103 103 SR  SR  B . 
J 3 SR  1 104 106 SR  SR  B . 
K 4 HOH 1 201 201 HOH HOH A . 
K 4 HOH 2 202 202 HOH HOH A . 
K 4 HOH 3 203 203 HOH HOH A . 
L 4 HOH 1 201 201 HOH HOH B . 
L 4 HOH 2 202 202 HOH HOH B . 
L 4 HOH 3 203 203 HOH HOH B . 
L 4 HOH 4 204 204 HOH HOH B . 
L 4 HOH 5 205 205 HOH HOH B . 
# 
loop_
_software.citation_id 
_software.classification 
_software.compiler_name 
_software.compiler_version 
_software.contact_author 
_software.contact_author_email 
_software.date 
_software.description 
_software.dependencies 
_software.hardware 
_software.language 
_software.location 
_software.mods 
_software.name 
_software.os 
_software.os_version 
_software.type 
_software.version 
_software.pdbx_ordinal 
? refinement       ? ? ? ? ? ? ? ? ? ? ? REFMAC   ? ? ? 5.8.0158 1 
? 'data reduction' ? ? ? ? ? ? ? ? ? ? ? HKL-2000 ? ? ? .        2 
? 'data scaling'   ? ? ? ? ? ? ? ? ? ? ? HKL-2000 ? ? ? .        3 
? phasing          ? ? ? ? ? ? ? ? ? ? ? PHASER   ? ? ? .        4 
# 
_cell.entry_id           6CAB 
_cell.length_a           48.707 
_cell.length_b           48.707 
_cell.length_c           80.580 
_cell.angle_alpha        90.00 
_cell.angle_beta         90.00 
_cell.angle_gamma        120.00 
_cell.Z_PDB              12 
_cell.pdbx_unique_axis   ? 
# 
_symmetry.entry_id                         6CAB 
_symmetry.space_group_name_H-M             'P 3 2 1' 
_symmetry.pdbx_full_space_group_name_H-M   ? 
_symmetry.cell_setting                     ? 
_symmetry.Int_Tables_number                150 
# 
_exptl.absorpt_coefficient_mu     ? 
_exptl.absorpt_correction_T_max   ? 
_exptl.absorpt_correction_T_min   ? 
_exptl.absorpt_correction_type    ? 
_exptl.absorpt_process_details    ? 
_exptl.entry_id                   6CAB 
_exptl.crystals_number            1 
_exptl.details                    ? 
_exptl.method                     'X-RAY DIFFRACTION' 
_exptl.method_details             ? 
# 
_exptl_crystal.colour                      ? 
_exptl_crystal.density_diffrn              ? 
_exptl_crystal.density_Matthews            2.8 
_exptl_crystal.density_method              ? 
_exptl_crystal.density_percent_sol         56.3 
_exptl_crystal.description                 ? 
_exptl_crystal.F_000                       ? 
_exptl_crystal.id                          1 
_exptl_crystal.preparation                 ? 
_exptl_crystal.size_max                    ? 
_exptl_crystal.size_mid                    ? 
_exptl_crystal.size_min                    ? 
_exptl_crystal.size_rad                    ? 
_exptl_crystal.colour_lustre               ? 
_exptl_crystal.colour_modifier             ? 
_exptl_crystal.colour_primary              ? 
_exptl_crystal.density_meas                ? 
_exptl_crystal.density_meas_esd            ? 
_exptl_crystal.density_meas_gt             ? 
_exptl_crystal.density_meas_lt             ? 
_exptl_crystal.density_meas_temp           ? 
_exptl_crystal.density_meas_temp_esd       ? 
_exptl_crystal.density_meas_temp_gt        ? 
_exptl_crystal.density_meas_temp_lt        ? 
_exptl_crystal.pdbx_crystal_image_url      ? 
_exptl_crystal.pdbx_crystal_image_format   ? 
_exptl_crystal.pdbx_mosaicity              ? 
_exptl_crystal.pdbx_mosaicity_esd          ? 
# 
_exptl_crystal_grow.apparatus       ? 
_exptl_crystal_grow.atmosphere      ? 
_exptl_crystal_grow.crystal_id      1 
_exptl_crystal_grow.details         ? 
_exptl_crystal_grow.method          'VAPOR DIFFUSION, HANGING DROP' 
_exptl_crystal_grow.method_ref      ? 
_exptl_crystal_grow.pH              7 
_exptl_crystal_grow.pressure        ? 
_exptl_crystal_grow.pressure_esd    ? 
_exptl_crystal_grow.seeding         ? 
_exptl_crystal_grow.seeding_ref     ? 
_exptl_crystal_grow.temp            291 
_exptl_crystal_grow.temp_details    ? 
_exptl_crystal_grow.temp_esd        ? 
_exptl_crystal_grow.time            ? 
_exptl_crystal_grow.pdbx_details    
;10% v/v (+/-)-2-Methyl-2,4-pentanediol, 0.040 M Sodium cacodylate trihydrate pH 7.0, 0.012 M Spermine tetrahydrochloride, 0.080 M Sodium chloride,  0.020 M Strontium chloride
;
_exptl_crystal_grow.pdbx_pH_range   ? 
# 
_diffrn.ambient_environment    ? 
_diffrn.ambient_temp           99 
_diffrn.ambient_temp_details   ? 
_diffrn.ambient_temp_esd       ? 
_diffrn.crystal_id             1 
_diffrn.crystal_support        ? 
_diffrn.crystal_treatment      ? 
_diffrn.details                ? 
_diffrn.id                     1 
_diffrn.ambient_pressure       ? 
_diffrn.ambient_pressure_esd   ? 
_diffrn.ambient_pressure_gt    ? 
_diffrn.ambient_pressure_lt    ? 
_diffrn.ambient_temp_gt        ? 
_diffrn.ambient_temp_lt        ? 
# 
_diffrn_detector.details                      ? 
_diffrn_detector.detector                     CCD 
_diffrn_detector.diffrn_id                    1 
_diffrn_detector.type                         'MAR CCD 130 mm' 
_diffrn_detector.area_resol_mean              ? 
_diffrn_detector.dtime                        ? 
_diffrn_detector.pdbx_frames_total            ? 
_diffrn_detector.pdbx_collection_time_total   ? 
_diffrn_detector.pdbx_collection_date         2017-10-25 
# 
_diffrn_radiation.collimation                      ? 
_diffrn_radiation.diffrn_id                        1 
_diffrn_radiation.filter_edge                      ? 
_diffrn_radiation.inhomogeneity                    ? 
_diffrn_radiation.monochromator                    ? 
_diffrn_radiation.polarisn_norm                    ? 
_diffrn_radiation.polarisn_ratio                   ? 
_diffrn_radiation.probe                            ? 
_diffrn_radiation.type                             ? 
_diffrn_radiation.xray_symbol                      ? 
_diffrn_radiation.wavelength_id                    1 
_diffrn_radiation.pdbx_monochromatic_or_laue_m_l   M 
_diffrn_radiation.pdbx_wavelength_list             ? 
_diffrn_radiation.pdbx_wavelength                  ? 
_diffrn_radiation.pdbx_diffrn_protocol             'SINGLE WAVELENGTH' 
_diffrn_radiation.pdbx_analyzer                    ? 
_diffrn_radiation.pdbx_scattering_type             x-ray 
# 
_diffrn_radiation_wavelength.id           1 
_diffrn_radiation_wavelength.wavelength   1 
_diffrn_radiation_wavelength.wt           1.0 
# 
_diffrn_source.current                     ? 
_diffrn_source.details                     ? 
_diffrn_source.diffrn_id                   1 
_diffrn_source.power                       ? 
_diffrn_source.size                        ? 
_diffrn_source.source                      SYNCHROTRON 
_diffrn_source.target                      ? 
_diffrn_source.type                        'ALS BEAMLINE 8.2.2' 
_diffrn_source.voltage                     ? 
_diffrn_source.take-off_angle              ? 
_diffrn_source.pdbx_wavelength_list        1 
_diffrn_source.pdbx_wavelength             ? 
_diffrn_source.pdbx_synchrotron_beamline   8.2.2 
_diffrn_source.pdbx_synchrotron_site       ALS 
# 
_reflns.pdbx_diffrn_id               1 
_reflns.pdbx_ordinal                 1 
_reflns.entry_id                     6CAB 
_reflns.observed_criterion_sigma_I   ? 
_reflns.observed_criterion_sigma_F   ? 
_reflns.d_resolution_low             50.000 
_reflns.d_resolution_high            2.500 
_reflns.number_obs                   4047 
_reflns.number_all                   ? 
_reflns.percent_possible_obs         97.5 
_reflns.pdbx_Rmerge_I_obs            0.09600 
_reflns.pdbx_Rsym_value              ? 
_reflns.pdbx_netI_over_sigmaI        13.1000 
_reflns.B_iso_Wilson_estimate        ? 
_reflns.pdbx_redundancy              4.500 
_reflns.pdbx_CC_half                 ? 
_reflns.pdbx_Rpim_I_all              ? 
_reflns.pdbx_Rrim_I_all              ? 
# 
_reflns_shell.pdbx_diffrn_id         1 
_reflns_shell.pdbx_ordinal           1 
_reflns_shell.d_res_high             2.50 
_reflns_shell.d_res_low              2.59 
_reflns_shell.percent_possible_all   82.0 
_reflns_shell.Rmerge_I_obs           0.44000 
_reflns_shell.pdbx_Rsym_value        ? 
_reflns_shell.meanI_over_sigI_obs    1.960 
_reflns_shell.pdbx_redundancy        3.10 
_reflns_shell.number_measured_obs    ? 
_reflns_shell.number_unique_all      ? 
_reflns_shell.number_unique_obs      328 
_reflns_shell.pdbx_CC_half           ? 
_reflns_shell.pdbx_Rpim_I_all        ? 
_reflns_shell.pdbx_Rrim_I_all        ? 
# 
_refine.pdbx_refine_id                           'X-RAY DIFFRACTION' 
_refine.entry_id                                 6CAB 
_refine.pdbx_diffrn_id                           1 
_refine.pdbx_TLS_residual_ADP_flag               ? 
_refine.ls_number_reflns_obs                     3729 
_refine.ls_number_reflns_all                     ? 
_refine.pdbx_ls_sigma_I                          ? 
_refine.pdbx_ls_sigma_F                          ? 
_refine.pdbx_data_cutoff_high_absF               ? 
_refine.pdbx_data_cutoff_low_absF                ? 
_refine.pdbx_data_cutoff_high_rms_absF           ? 
_refine.ls_d_res_low                             50.00 
_refine.ls_d_res_high                            2.50 
_refine.ls_percent_reflns_obs                    93.9 
_refine.ls_R_factor_obs                          0.218 
_refine.ls_R_factor_all                          ? 
_refine.ls_R_factor_R_work                       0.215 
_refine.ls_R_factor_R_free                       0.280 
_refine.ls_R_factor_R_free_error                 ? 
_refine.ls_R_factor_R_free_error_details         ? 
_refine.ls_percent_reflns_R_free                 4.500 
_refine.ls_number_reflns_R_free                  176 
_refine.ls_number_parameters                     ? 
_refine.ls_number_restraints                     ? 
_refine.occupancy_min                            ? 
_refine.occupancy_max                            ? 
_refine.correlation_coeff_Fo_to_Fc               0.961 
_refine.correlation_coeff_Fo_to_Fc_free          0.942 
_refine.B_iso_mean                               73.72 
_refine.aniso_B[1][1]                            0.05000 
_refine.aniso_B[2][2]                            0.05000 
_refine.aniso_B[3][3]                            -0.16000 
_refine.aniso_B[1][2]                            0.03000 
_refine.aniso_B[1][3]                            0.00000 
_refine.aniso_B[2][3]                            0.00000 
_refine.solvent_model_details                    ? 
_refine.solvent_model_param_ksol                 ? 
_refine.solvent_model_param_bsol                 ? 
_refine.pdbx_solvent_vdw_probe_radii             1.20 
_refine.pdbx_solvent_ion_probe_radii             0.80 
_refine.pdbx_solvent_shrinkage_radii             0.80 
_refine.pdbx_ls_cross_valid_method               THROUGHOUT 
_refine.details                                  
;HYDROGENS HAVE BEEN ADDED IN THE RIDING
 POSITIONS
;
_refine.pdbx_starting_model                      5DHC 
_refine.pdbx_method_to_determine_struct          'MOLECULAR REPLACEMENT' 
_refine.pdbx_isotropic_thermal_model             ? 
_refine.pdbx_stereochemistry_target_values       ? 
_refine.pdbx_stereochem_target_val_spec_case     ? 
_refine.pdbx_R_Free_selection_details            RANDOM 
_refine.pdbx_overall_ESU_R                       0.491 
_refine.pdbx_overall_ESU_R_Free                  0.316 
_refine.overall_SU_ML                            0.302 
_refine.pdbx_overall_phase_error                 ? 
_refine.overall_SU_B                             15.392 
_refine.overall_SU_R_Cruickshank_DPI             ? 
_refine.pdbx_overall_SU_R_free_Cruickshank_DPI   ? 
_refine.pdbx_overall_SU_R_Blow_DPI               ? 
_refine.pdbx_overall_SU_R_free_Blow_DPI          ? 
# 
_refine_hist.pdbx_refine_id                   'X-RAY DIFFRACTION' 
_refine_hist.cycle_id                         LAST 
_refine_hist.pdbx_number_atoms_protein        0 
_refine_hist.pdbx_number_atoms_nucleic_acid   598 
_refine_hist.pdbx_number_atoms_ligand         100 
_refine_hist.number_atoms_solvent             8 
_refine_hist.number_atoms_total               706 
_refine_hist.d_res_high                       2.50 
_refine_hist.d_res_low                        50.00 
# 
loop_
_refine_ls_restr.type 
_refine_ls_restr.dev_ideal 
_refine_ls_restr.dev_ideal_target 
_refine_ls_restr.weight 
_refine_ls_restr.number 
_refine_ls_restr.pdbx_refine_id 
_refine_ls_restr.pdbx_restraint_function 
r_bond_refined_d             0.021  0.019  ? 762  'X-RAY DIFFRACTION' ? 
r_bond_other_d               0.043  0.025  ? 308  'X-RAY DIFFRACTION' ? 
r_angle_refined_deg          2.668  2.222  ? 1164 'X-RAY DIFFRACTION' ? 
r_angle_other_deg            4.212  3.297  ? 772  'X-RAY DIFFRACTION' ? 
r_dihedral_angle_1_deg       ?      ?      ? ?    'X-RAY DIFFRACTION' ? 
r_dihedral_angle_2_deg       ?      ?      ? ?    'X-RAY DIFFRACTION' ? 
r_dihedral_angle_3_deg       ?      ?      ? ?    'X-RAY DIFFRACTION' ? 
r_dihedral_angle_4_deg       ?      ?      ? ?    'X-RAY DIFFRACTION' ? 
r_chiral_restr               0.167  0.200  ? 142  'X-RAY DIFFRACTION' ? 
r_gen_planes_refined         0.009  0.020  ? 356  'X-RAY DIFFRACTION' ? 
r_gen_planes_other           0.002  0.020  ? 104  'X-RAY DIFFRACTION' ? 
r_nbd_refined                ?      ?      ? ?    'X-RAY DIFFRACTION' ? 
r_nbd_other                  ?      ?      ? ?    'X-RAY DIFFRACTION' ? 
r_nbtor_refined              ?      ?      ? ?    'X-RAY DIFFRACTION' ? 
r_nbtor_other                ?      ?      ? ?    'X-RAY DIFFRACTION' ? 
r_xyhbond_nbd_refined        ?      ?      ? ?    'X-RAY DIFFRACTION' ? 
r_xyhbond_nbd_other          ?      ?      ? ?    'X-RAY DIFFRACTION' ? 
r_metal_ion_refined          ?      ?      ? ?    'X-RAY DIFFRACTION' ? 
r_metal_ion_other            ?      ?      ? ?    'X-RAY DIFFRACTION' ? 
r_symmetry_vdw_refined       ?      ?      ? ?    'X-RAY DIFFRACTION' ? 
r_symmetry_vdw_other         ?      ?      ? ?    'X-RAY DIFFRACTION' ? 
r_symmetry_hbond_refined     ?      ?      ? ?    'X-RAY DIFFRACTION' ? 
r_symmetry_hbond_other       ?      ?      ? ?    'X-RAY DIFFRACTION' ? 
r_symmetry_metal_ion_refined ?      ?      ? ?    'X-RAY DIFFRACTION' ? 
r_symmetry_metal_ion_other   ?      ?      ? ?    'X-RAY DIFFRACTION' ? 
r_mcbond_it                  ?      ?      ? ?    'X-RAY DIFFRACTION' ? 
r_mcbond_other               ?      ?      ? ?    'X-RAY DIFFRACTION' ? 
r_mcangle_it                 ?      ?      ? ?    'X-RAY DIFFRACTION' ? 
r_mcangle_other              ?      ?      ? ?    'X-RAY DIFFRACTION' ? 
r_scbond_it                  6.306  8.141  ? 759  'X-RAY DIFFRACTION' ? 
r_scbond_other               6.125  8.095  ? 755  'X-RAY DIFFRACTION' ? 
r_scangle_it                 ?      ?      ? ?    'X-RAY DIFFRACTION' ? 
r_scangle_other              8.801  12.142 ? 1158 'X-RAY DIFFRACTION' ? 
r_long_range_B_refined       10.495 78.508 ? 1130 'X-RAY DIFFRACTION' ? 
r_long_range_B_other         10.573 78.634 ? 1131 'X-RAY DIFFRACTION' ? 
r_rigid_bond_restr           ?      ?      ? ?    'X-RAY DIFFRACTION' ? 
r_sphericity_free            ?      ?      ? ?    'X-RAY DIFFRACTION' ? 
r_sphericity_bonded          ?      ?      ? ?    'X-RAY DIFFRACTION' ? 
# 
_refine_ls_shell.pdbx_refine_id                   'X-RAY DIFFRACTION' 
_refine_ls_shell.pdbx_total_number_of_bins_used   20 
_refine_ls_shell.d_res_high                       2.50 
_refine_ls_shell.d_res_low                        2.56 
_refine_ls_shell.number_reflns_R_work             238 
_refine_ls_shell.R_factor_R_work                  0.3570 
_refine_ls_shell.percent_reflns_obs               80.32 
_refine_ls_shell.R_factor_R_free                  0.4010 
_refine_ls_shell.R_factor_R_free_error            ? 
_refine_ls_shell.percent_reflns_R_free            ? 
_refine_ls_shell.number_reflns_R_free             11 
_refine_ls_shell.number_reflns_all                ? 
_refine_ls_shell.R_factor_all                     ? 
_refine_ls_shell.R_factor_obs                     ? 
_refine_ls_shell.number_reflns_obs                ? 
# 
_struct.entry_id                     6CAB 
_struct.title                        'RNA-dGMP complex with Sr ion' 
_struct.pdbx_model_details           ? 
_struct.pdbx_formula_weight          ? 
_struct.pdbx_formula_weight_method   ? 
_struct.pdbx_model_type_details      ? 
_struct.pdbx_CASP_flag               N 
# 
_struct_keywords.entry_id        6CAB 
_struct_keywords.text            'RNA, activated monomer' 
_struct_keywords.pdbx_keywords   RNA 
# 
loop_
_struct_asym.id 
_struct_asym.pdbx_blank_PDB_chainid_flag 
_struct_asym.pdbx_modified 
_struct_asym.entity_id 
_struct_asym.details 
A N N 1 ? 
B N N 1 ? 
C N N 2 ? 
D N N 2 ? 
E N N 3 ? 
F N N 3 ? 
G N N 2 ? 
H N N 2 ? 
I N N 3 ? 
J N N 3 ? 
K N N 4 ? 
L N N 4 ? 
# 
_struct_ref.id                         1 
_struct_ref.db_name                    PDB 
_struct_ref.db_code                    6CAB 
_struct_ref.pdbx_db_accession          6CAB 
_struct_ref.pdbx_db_isoform            ? 
_struct_ref.entity_id                  1 
_struct_ref.pdbx_seq_one_letter_code   ? 
_struct_ref.pdbx_align_begin           1 
# 
loop_
_struct_ref_seq.align_id 
_struct_ref_seq.ref_id 
_struct_ref_seq.pdbx_PDB_id_code 
_struct_ref_seq.pdbx_strand_id 
_struct_ref_seq.seq_align_beg 
_struct_ref_seq.pdbx_seq_align_beg_ins_code 
_struct_ref_seq.seq_align_end 
_struct_ref_seq.pdbx_seq_align_end_ins_code 
_struct_ref_seq.pdbx_db_accession 
_struct_ref_seq.db_align_beg 
_struct_ref_seq.pdbx_db_align_beg_ins_code 
_struct_ref_seq.db_align_end 
_struct_ref_seq.pdbx_db_align_end_ins_code 
_struct_ref_seq.pdbx_auth_seq_align_beg 
_struct_ref_seq.pdbx_auth_seq_align_end 
1 1 6CAB A 1 ? 14 ? 6CAB 1 ? 14 ? 1 14 
2 1 6CAB B 1 ? 14 ? 6CAB 1 ? 14 ? 1 14 
# 
_pdbx_struct_assembly.id                   1 
_pdbx_struct_assembly.details              author_and_software_defined_assembly 
_pdbx_struct_assembly.method_details       PISA 
_pdbx_struct_assembly.oligomeric_details   dimeric 
_pdbx_struct_assembly.oligomeric_count     2 
# 
loop_
_pdbx_struct_assembly_prop.biol_id 
_pdbx_struct_assembly_prop.type 
_pdbx_struct_assembly_prop.value 
_pdbx_struct_assembly_prop.details 
1 'ABSA (A^2)' 3410 ? 
1 MORE         -66  ? 
1 'SSA (A^2)'  5670 ? 
# 
_pdbx_struct_assembly_gen.assembly_id       1 
_pdbx_struct_assembly_gen.oper_expression   1 
_pdbx_struct_assembly_gen.asym_id_list      A,B,C,D,E,F,G,H,I,J,K,L 
# 
_pdbx_struct_assembly_auth_evidence.id                     1 
_pdbx_struct_assembly_auth_evidence.assembly_id            1 
_pdbx_struct_assembly_auth_evidence.experimental_support   none 
_pdbx_struct_assembly_auth_evidence.details                ? 
# 
_pdbx_struct_oper_list.id                   1 
_pdbx_struct_oper_list.type                 'identity operation' 
_pdbx_struct_oper_list.name                 1_555 
_pdbx_struct_oper_list.symmetry_operation   x,y,z 
_pdbx_struct_oper_list.matrix[1][1]         1.0000000000 
_pdbx_struct_oper_list.matrix[1][2]         0.0000000000 
_pdbx_struct_oper_list.matrix[1][3]         0.0000000000 
_pdbx_struct_oper_list.vector[1]            0.0000000000 
_pdbx_struct_oper_list.matrix[2][1]         0.0000000000 
_pdbx_struct_oper_list.matrix[2][2]         1.0000000000 
_pdbx_struct_oper_list.matrix[2][3]         0.0000000000 
_pdbx_struct_oper_list.vector[2]            0.0000000000 
_pdbx_struct_oper_list.matrix[3][1]         0.0000000000 
_pdbx_struct_oper_list.matrix[3][2]         0.0000000000 
_pdbx_struct_oper_list.matrix[3][3]         1.0000000000 
_pdbx_struct_oper_list.vector[3]            0.0000000000 
# 
loop_
_struct_conn.id 
_struct_conn.conn_type_id 
_struct_conn.pdbx_leaving_atom_flag 
_struct_conn.pdbx_PDB_id 
_struct_conn.ptnr1_label_asym_id 
_struct_conn.ptnr1_label_comp_id 
_struct_conn.ptnr1_label_seq_id 
_struct_conn.ptnr1_label_atom_id 
_struct_conn.pdbx_ptnr1_label_alt_id 
_struct_conn.pdbx_ptnr1_PDB_ins_code 
_struct_conn.pdbx_ptnr1_standard_comp_id 
_struct_conn.ptnr1_symmetry 
_struct_conn.ptnr2_label_asym_id 
_struct_conn.ptnr2_label_comp_id 
_struct_conn.ptnr2_label_seq_id 
_struct_conn.ptnr2_label_atom_id 
_struct_conn.pdbx_ptnr2_label_alt_id 
_struct_conn.pdbx_ptnr2_PDB_ins_code 
_struct_conn.ptnr1_auth_asym_id 
_struct_conn.ptnr1_auth_comp_id 
_struct_conn.ptnr1_auth_seq_id 
_struct_conn.ptnr2_auth_asym_id 
_struct_conn.ptnr2_auth_comp_id 
_struct_conn.ptnr2_auth_seq_id 
_struct_conn.ptnr2_symmetry 
_struct_conn.pdbx_ptnr3_label_atom_id 
_struct_conn.pdbx_ptnr3_label_seq_id 
_struct_conn.pdbx_ptnr3_label_comp_id 
_struct_conn.pdbx_ptnr3_label_asym_id 
_struct_conn.pdbx_ptnr3_label_alt_id 
_struct_conn.pdbx_ptnr3_PDB_ins_code 
_struct_conn.details 
_struct_conn.pdbx_dist_value 
_struct_conn.pdbx_value_order 
_struct_conn.pdbx_role 
covale1  covale both ? A LCC 1  "O3'" ? ? ? 1_555 A LCC 2  P  ? ? A LCC 1   A LCC 2   1_555 ? ? ? ? ? ? ?            1.585 ? ? 
covale2  covale both ? A LCC 2  "O3'" ? ? ? 1_555 A LCC 3  P  ? ? A LCC 2   A LCC 3   1_555 ? ? ? ? ? ? ?            1.642 ? ? 
covale3  covale both ? A LCC 3  "O3'" ? ? ? 1_555 A LCG 4  P  ? ? A LCC 3   A LCG 4   1_555 ? ? ? ? ? ? ?            1.629 ? ? 
covale4  covale both ? A LCG 4  "O3'" ? ? ? 1_555 A A   5  P  ? ? A LCG 4   A A   5   1_555 ? ? ? ? ? ? ?            1.640 ? ? 
covale5  covale both ? B LCC 1  "O3'" ? ? ? 1_555 B LCC 2  P  ? ? B LCC 1   B LCC 2   1_555 ? ? ? ? ? ? ?            1.622 ? ? 
covale6  covale both ? B LCC 2  "O3'" ? ? ? 1_555 B LCC 3  P  ? ? B LCC 2   B LCC 3   1_555 ? ? ? ? ? ? ?            1.670 ? ? 
covale7  covale both ? B LCC 3  "O3'" ? ? ? 1_555 B LCG 4  P  ? ? B LCC 3   B LCG 4   1_555 ? ? ? ? ? ? ?            1.673 ? ? 
covale8  covale both ? B LCG 4  "O3'" ? ? ? 1_555 B A   5  P  ? ? B LCG 4   B A   5   1_555 ? ? ? ? ? ? ?            1.676 ? ? 
metalc1  metalc ?    ? A G   14 O6    ? ? ? 1_555 E SR  .  SR ? ? A G   14  A SR  103 1_555 ? ? ? ? ? ? ?            2.860 ? ? 
metalc2  metalc ?    ? C 5GP .  N7    ? ? ? 1_555 E SR  .  SR ? ? A 5GP 101 A SR  103 1_555 ? ? ? ? ? ? ?            2.934 ? ? 
metalc3  metalc ?    ? C 5GP .  O6    ? ? ? 1_555 E SR  .  SR ? ? A 5GP 101 A SR  103 1_555 ? ? ? ? ? ? ?            2.952 ? ? 
metalc4  metalc ?    ? C 5GP .  "O3'" ? ? ? 1_555 F SR  .  SR ? ? A 5GP 101 A SR  104 1_555 ? ? ? ? ? ? ?            2.583 ? ? 
metalc5  metalc ?    ? C 5GP .  "O3'" ? ? ? 1_555 F SR  .  SR ? ? A 5GP 101 A SR  104 2_545 ? ? ? ? ? ? ?            2.553 ? ? 
metalc6  metalc ?    ? E SR  .  SR    ? ? ? 1_555 L HOH .  O  ? ? A SR  103 B HOH 201 1_555 ? ? ? ? ? ? ?            2.810 ? ? 
metalc7  metalc ?    ? K HOH .  O     ? ? ? 1_555 I SR  .  SR ? ? A HOH 202 B SR  103 1_555 ? ? ? ? ? ? ?            2.774 ? ? 
metalc8  metalc ?    ? B G   14 O6    ? ? ? 1_555 I SR  .  SR ? ? B G   14  B SR  103 1_555 ? ? ? ? ? ? ?            2.996 ? ? 
metalc9  metalc ?    ? H 5GP .  O6    ? ? ? 1_555 I SR  .  SR ? ? B 5GP 102 B SR  103 1_555 ? ? ? ? ? ? ?            2.921 ? ? 
metalc10 metalc ?    ? H 5GP .  "O3'" ? ? ? 1_555 J SR  .  SR ? ? B 5GP 102 B SR  104 1_555 ? ? ? ? ? ? ?            2.378 ? ? 
metalc11 metalc ?    ? H 5GP .  "O3'" ? ? ? 1_555 J SR  .  SR ? ? B 5GP 102 B SR  104 2_545 ? ? ? ? ? ? ?            2.376 ? ? 
hydrog1  hydrog ?    ? A LCG 4  N1    ? ? ? 1_555 B C   13 N3 ? ? A LCG 4   B C   13  1_555 ? ? ? ? ? ? WATSON-CRICK ?     ? ? 
hydrog2  hydrog ?    ? A LCG 4  N2    ? ? ? 1_555 B C   13 O2 ? ? A LCG 4   B C   13  1_555 ? ? ? ? ? ? WATSON-CRICK ?     ? ? 
hydrog3  hydrog ?    ? A LCG 4  O6    ? ? ? 1_555 B C   13 N4 ? ? A LCG 4   B C   13  1_555 ? ? ? ? ? ? WATSON-CRICK ?     ? ? 
hydrog4  hydrog ?    ? A A   5  N1    ? ? ? 1_555 B U   12 N3 ? ? A A   5   B U   12  1_555 ? ? ? ? ? ? WATSON-CRICK ?     ? ? 
hydrog5  hydrog ?    ? A A   5  N6    ? ? ? 1_555 B U   12 O4 ? ? A A   5   B U   12  1_555 ? ? ? ? ? ? WATSON-CRICK ?     ? ? 
hydrog6  hydrog ?    ? A C   6  N3    ? ? ? 1_555 B G   11 N1 ? ? A C   6   B G   11  1_555 ? ? ? ? ? ? WATSON-CRICK ?     ? ? 
hydrog7  hydrog ?    ? A C   6  N4    ? ? ? 1_555 B G   11 O6 ? ? A C   6   B G   11  1_555 ? ? ? ? ? ? WATSON-CRICK ?     ? ? 
hydrog8  hydrog ?    ? A C   6  O2    ? ? ? 1_555 B G   11 N2 ? ? A C   6   B G   11  1_555 ? ? ? ? ? ? WATSON-CRICK ?     ? ? 
hydrog9  hydrog ?    ? A U   7  N3    ? ? ? 1_555 B A   10 N1 ? ? A U   7   B A   10  1_555 ? ? ? ? ? ? WATSON-CRICK ?     ? ? 
hydrog10 hydrog ?    ? A U   7  O4    ? ? ? 1_555 B A   10 N6 ? ? A U   7   B A   10  1_555 ? ? ? ? ? ? WATSON-CRICK ?     ? ? 
hydrog11 hydrog ?    ? A U   8  N3    ? ? ? 1_555 B A   9  N1 ? ? A U   8   B A   9   1_555 ? ? ? ? ? ? WATSON-CRICK ?     ? ? 
hydrog12 hydrog ?    ? A U   8  O4    ? ? ? 1_555 B A   9  N6 ? ? A U   8   B A   9   1_555 ? ? ? ? ? ? WATSON-CRICK ?     ? ? 
hydrog13 hydrog ?    ? A A   9  N1    ? ? ? 1_555 B U   8  N3 ? ? A A   9   B U   8   1_555 ? ? ? ? ? ? WATSON-CRICK ?     ? ? 
hydrog14 hydrog ?    ? A A   9  N6    ? ? ? 1_555 B U   8  O4 ? ? A A   9   B U   8   1_555 ? ? ? ? ? ? WATSON-CRICK ?     ? ? 
hydrog15 hydrog ?    ? A A   10 N1    ? ? ? 1_555 B U   7  N3 ? ? A A   10  B U   7   1_555 ? ? ? ? ? ? WATSON-CRICK ?     ? ? 
hydrog16 hydrog ?    ? A A   10 N6    ? ? ? 1_555 B U   7  O4 ? ? A A   10  B U   7   1_555 ? ? ? ? ? ? WATSON-CRICK ?     ? ? 
hydrog17 hydrog ?    ? A G   11 N1    ? ? ? 1_555 B C   6  N3 ? ? A G   11  B C   6   1_555 ? ? ? ? ? ? WATSON-CRICK ?     ? ? 
hydrog18 hydrog ?    ? A G   11 N2    ? ? ? 1_555 B C   6  O2 ? ? A G   11  B C   6   1_555 ? ? ? ? ? ? WATSON-CRICK ?     ? ? 
hydrog19 hydrog ?    ? A G   11 O6    ? ? ? 1_555 B C   6  N4 ? ? A G   11  B C   6   1_555 ? ? ? ? ? ? WATSON-CRICK ?     ? ? 
hydrog20 hydrog ?    ? A U   12 N3    ? ? ? 1_555 B A   5  N1 ? ? A U   12  B A   5   1_555 ? ? ? ? ? ? WATSON-CRICK ?     ? ? 
hydrog21 hydrog ?    ? A U   12 O4    ? ? ? 1_555 B A   5  N6 ? ? A U   12  B A   5   1_555 ? ? ? ? ? ? WATSON-CRICK ?     ? ? 
hydrog22 hydrog ?    ? A C   13 N3    ? ? ? 1_555 B LCG 4  N1 ? ? A C   13  B LCG 4   1_555 ? ? ? ? ? ? WATSON-CRICK ?     ? ? 
hydrog23 hydrog ?    ? A C   13 N4    ? ? ? 1_555 B LCG 4  O6 ? ? A C   13  B LCG 4   1_555 ? ? ? ? ? ? WATSON-CRICK ?     ? ? 
hydrog24 hydrog ?    ? A C   13 O2    ? ? ? 1_555 B LCG 4  N2 ? ? A C   13  B LCG 4   1_555 ? ? ? ? ? ? WATSON-CRICK ?     ? ? 
# 
loop_
_struct_conn_type.id 
_struct_conn_type.criteria 
_struct_conn_type.reference 
covale ? ? 
metalc ? ? 
hydrog ? ? 
# 
loop_
_pdbx_struct_conn_angle.id 
_pdbx_struct_conn_angle.ptnr1_label_atom_id 
_pdbx_struct_conn_angle.ptnr1_label_alt_id 
_pdbx_struct_conn_angle.ptnr1_label_asym_id 
_pdbx_struct_conn_angle.ptnr1_label_comp_id 
_pdbx_struct_conn_angle.ptnr1_label_seq_id 
_pdbx_struct_conn_angle.ptnr1_auth_atom_id 
_pdbx_struct_conn_angle.ptnr1_auth_asym_id 
_pdbx_struct_conn_angle.ptnr1_auth_comp_id 
_pdbx_struct_conn_angle.ptnr1_auth_seq_id 
_pdbx_struct_conn_angle.ptnr1_PDB_ins_code 
_pdbx_struct_conn_angle.ptnr1_symmetry 
_pdbx_struct_conn_angle.ptnr2_label_atom_id 
_pdbx_struct_conn_angle.ptnr2_label_alt_id 
_pdbx_struct_conn_angle.ptnr2_label_asym_id 
_pdbx_struct_conn_angle.ptnr2_label_comp_id 
_pdbx_struct_conn_angle.ptnr2_label_seq_id 
_pdbx_struct_conn_angle.ptnr2_auth_atom_id 
_pdbx_struct_conn_angle.ptnr2_auth_asym_id 
_pdbx_struct_conn_angle.ptnr2_auth_comp_id 
_pdbx_struct_conn_angle.ptnr2_auth_seq_id 
_pdbx_struct_conn_angle.ptnr2_PDB_ins_code 
_pdbx_struct_conn_angle.ptnr2_symmetry 
_pdbx_struct_conn_angle.ptnr3_label_atom_id 
_pdbx_struct_conn_angle.ptnr3_label_alt_id 
_pdbx_struct_conn_angle.ptnr3_label_asym_id 
_pdbx_struct_conn_angle.ptnr3_label_comp_id 
_pdbx_struct_conn_angle.ptnr3_label_seq_id 
_pdbx_struct_conn_angle.ptnr3_auth_atom_id 
_pdbx_struct_conn_angle.ptnr3_auth_asym_id 
_pdbx_struct_conn_angle.ptnr3_auth_comp_id 
_pdbx_struct_conn_angle.ptnr3_auth_seq_id 
_pdbx_struct_conn_angle.ptnr3_PDB_ins_code 
_pdbx_struct_conn_angle.ptnr3_symmetry 
_pdbx_struct_conn_angle.value 
_pdbx_struct_conn_angle.value_esd 
1  O6    ? A G   14 ? A G   14  ? 1_555 SR ? E SR . ? A SR 103 ? 1_555 N7    ? C 5GP .  ? A 5GP 101 ? 1_555 64.0  ? 
2  O6    ? A G   14 ? A G   14  ? 1_555 SR ? E SR . ? A SR 103 ? 1_555 O6    ? C 5GP .  ? A 5GP 101 ? 1_555 74.3  ? 
3  N7    ? C 5GP .  ? A 5GP 101 ? 1_555 SR ? E SR . ? A SR 103 ? 1_555 O6    ? C 5GP .  ? A 5GP 101 ? 1_555 63.3  ? 
4  O6    ? A G   14 ? A G   14  ? 1_555 SR ? E SR . ? A SR 103 ? 1_555 O     ? L HOH .  ? B HOH 201 ? 1_555 148.0 ? 
5  N7    ? C 5GP .  ? A 5GP 101 ? 1_555 SR ? E SR . ? A SR 103 ? 1_555 O     ? L HOH .  ? B HOH 201 ? 1_555 84.6  ? 
6  O6    ? C 5GP .  ? A 5GP 101 ? 1_555 SR ? E SR . ? A SR 103 ? 1_555 O     ? L HOH .  ? B HOH 201 ? 1_555 86.7  ? 
7  "O3'" ? C 5GP .  ? A 5GP 101 ? 1_555 SR ? F SR . ? A SR 104 ? 1_555 "O3'" ? C 5GP .  ? A 5GP 101 ? 1_555 0.0   ? 
8  O     ? K HOH .  ? A HOH 202 ? 1_555 SR ? I SR . ? B SR 103 ? 1_555 O6    ? B G   14 ? B G   14  ? 1_555 136.9 ? 
9  O     ? K HOH .  ? A HOH 202 ? 1_555 SR ? I SR . ? B SR 103 ? 1_555 O6    ? H 5GP .  ? B 5GP 102 ? 1_555 68.6  ? 
10 O6    ? B G   14 ? B G   14  ? 1_555 SR ? I SR . ? B SR 103 ? 1_555 O6    ? H 5GP .  ? B 5GP 102 ? 1_555 69.1  ? 
11 "O3'" ? H 5GP .  ? B 5GP 102 ? 1_555 SR ? J SR . ? B SR 104 ? 1_555 "O3'" ? H 5GP .  ? B 5GP 102 ? 1_555 0.0   ? 
# 
loop_
_struct_site.id 
_struct_site.pdbx_evidence_code 
_struct_site.pdbx_auth_asym_id 
_struct_site.pdbx_auth_comp_id 
_struct_site.pdbx_auth_seq_id 
_struct_site.pdbx_auth_ins_code 
_struct_site.pdbx_num_residues 
_struct_site.details 
AC1 Software A 5GP 101 ? 8 'binding site for residue 5GP A 101' 
AC2 Software A 5GP 102 ? 4 'binding site for residue 5GP A 102' 
AC3 Software A SR  103 ? 3 'binding site for residue SR A 103'  
AC4 Software A SR  104 ? 3 'binding site for residue SR A 104'  
AC5 Software B 5GP 101 ? 4 'binding site for residue 5GP B 101' 
AC6 Software B 5GP 102 ? 8 'binding site for residue 5GP B 102' 
AC7 Software B SR  103 ? 3 'binding site for residue SR B 103'  
AC8 Software B SR  104 ? 3 'binding site for residue SR B 104'  
# 
loop_
_struct_site_gen.id 
_struct_site_gen.site_id 
_struct_site_gen.pdbx_num_res 
_struct_site_gen.label_comp_id 
_struct_site_gen.label_asym_id 
_struct_site_gen.label_seq_id 
_struct_site_gen.pdbx_auth_ins_code 
_struct_site_gen.auth_comp_id 
_struct_site_gen.auth_asym_id 
_struct_site_gen.auth_seq_id 
_struct_site_gen.label_atom_id 
_struct_site_gen.label_alt_id 
_struct_site_gen.symmetry 
_struct_site_gen.details 
1  AC1 8 G   A 14 ? G   A 14  . ? 1_555 ? 
2  AC1 8 G   A 14 ? G   A 14  . ? 3_655 ? 
3  AC1 8 SR  E .  ? SR  A 103 . ? 1_555 ? 
4  AC1 8 SR  F .  ? SR  A 104 . ? 2_545 ? 
5  AC1 8 SR  F .  ? SR  A 104 . ? 3_655 ? 
6  AC1 8 SR  F .  ? SR  A 104 . ? 1_555 ? 
7  AC1 8 5GP G .  ? 5GP B 101 . ? 1_555 ? 
8  AC1 8 5GP G .  ? 5GP B 101 . ? 2_545 ? 
9  AC2 4 HOH K .  ? HOH A 202 . ? 1_555 ? 
10 AC2 4 G   B 14 ? G   B 14  . ? 2_545 ? 
11 AC2 4 5GP H .  ? 5GP B 102 . ? 2_545 ? 
12 AC2 4 5GP H .  ? 5GP B 102 . ? 1_555 ? 
13 AC3 3 G   A 14 ? G   A 14  . ? 1_555 ? 
14 AC3 3 5GP C .  ? 5GP A 101 . ? 1_555 ? 
15 AC3 3 HOH L .  ? HOH B 201 . ? 1_555 ? 
16 AC4 3 5GP C .  ? 5GP A 101 . ? 3_655 ? 
17 AC4 3 5GP C .  ? 5GP A 101 . ? 1_555 ? 
18 AC4 3 5GP C .  ? 5GP A 101 . ? 2_545 ? 
19 AC5 4 G   A 14 ? G   A 14  . ? 3_655 ? 
20 AC5 4 5GP C .  ? 5GP A 101 . ? 3_655 ? 
21 AC5 4 5GP C .  ? 5GP A 101 . ? 1_555 ? 
22 AC5 4 HOH L .  ? HOH B 201 . ? 1_555 ? 
23 AC6 8 5GP D .  ? 5GP A 102 . ? 3_655 ? 
24 AC6 8 5GP D .  ? 5GP A 102 . ? 1_555 ? 
25 AC6 8 G   B 14 ? G   B 14  . ? 1_555 ? 
26 AC6 8 G   B 14 ? G   B 14  . ? 2_545 ? 
27 AC6 8 SR  I .  ? SR  B 103 . ? 1_555 ? 
28 AC6 8 SR  J .  ? SR  B 104 . ? 3_655 ? 
29 AC6 8 SR  J .  ? SR  B 104 . ? 2_545 ? 
30 AC6 8 SR  J .  ? SR  B 104 . ? 1_555 ? 
31 AC7 3 HOH K .  ? HOH A 202 . ? 1_555 ? 
32 AC7 3 G   B 14 ? G   B 14  . ? 1_555 ? 
33 AC7 3 5GP H .  ? 5GP B 102 . ? 1_555 ? 
34 AC8 3 5GP H .  ? 5GP B 102 . ? 3_655 ? 
35 AC8 3 5GP H .  ? 5GP B 102 . ? 1_555 ? 
36 AC8 3 5GP H .  ? 5GP B 102 . ? 2_545 ? 
# 
_pdbx_entry_details.entry_id                   6CAB 
_pdbx_entry_details.compound_details           ? 
_pdbx_entry_details.source_details             ? 
_pdbx_entry_details.nonpolymer_details         ? 
_pdbx_entry_details.sequence_details           ? 
_pdbx_entry_details.has_ligand_of_interest     ? 
_pdbx_entry_details.has_protein_modification   N 
# 
loop_
_pdbx_validate_rmsd_angle.id 
_pdbx_validate_rmsd_angle.PDB_model_num 
_pdbx_validate_rmsd_angle.auth_atom_id_1 
_pdbx_validate_rmsd_angle.auth_asym_id_1 
_pdbx_validate_rmsd_angle.auth_comp_id_1 
_pdbx_validate_rmsd_angle.auth_seq_id_1 
_pdbx_validate_rmsd_angle.PDB_ins_code_1 
_pdbx_validate_rmsd_angle.label_alt_id_1 
_pdbx_validate_rmsd_angle.auth_atom_id_2 
_pdbx_validate_rmsd_angle.auth_asym_id_2 
_pdbx_validate_rmsd_angle.auth_comp_id_2 
_pdbx_validate_rmsd_angle.auth_seq_id_2 
_pdbx_validate_rmsd_angle.PDB_ins_code_2 
_pdbx_validate_rmsd_angle.label_alt_id_2 
_pdbx_validate_rmsd_angle.auth_atom_id_3 
_pdbx_validate_rmsd_angle.auth_asym_id_3 
_pdbx_validate_rmsd_angle.auth_comp_id_3 
_pdbx_validate_rmsd_angle.auth_seq_id_3 
_pdbx_validate_rmsd_angle.PDB_ins_code_3 
_pdbx_validate_rmsd_angle.label_alt_id_3 
_pdbx_validate_rmsd_angle.angle_value 
_pdbx_validate_rmsd_angle.angle_target_value 
_pdbx_validate_rmsd_angle.angle_deviation 
_pdbx_validate_rmsd_angle.angle_standard_deviation 
_pdbx_validate_rmsd_angle.linker_flag 
1  1 "C3'" A LCC 1 ? ? "O3'" A LCC 1 ? ? P     A LCC 2 ? ? 144.83 119.70 25.13  1.20 Y 
2  1 "O3'" A LCC 1 ? ? P     A LCC 2 ? ? "O5'" A LCC 2 ? ? 80.05  104.00 -23.95 1.90 Y 
3  1 "C3'" A LCC 2 ? ? "O3'" A LCC 2 ? ? P     A LCC 3 ? ? 130.80 119.70 11.10  1.20 Y 
4  1 "O3'" A LCC 2 ? ? P     A LCC 3 ? ? "O5'" A LCC 3 ? ? 86.75  104.00 -17.25 1.90 Y 
5  1 "O3'" A LCC 3 ? ? P     A LCG 4 ? ? "O5'" A LCG 4 ? ? 90.85  104.00 -13.15 1.90 Y 
6  1 "O3'" A LCG 4 ? ? P     A A   5 ? ? OP2   A A   5 ? ? 122.55 110.50 12.05  1.10 Y 
7  1 "C3'" B LCC 1 ? ? "O3'" B LCC 1 ? ? P     B LCC 2 ? ? 147.89 119.70 28.19  1.20 Y 
8  1 "O3'" B LCC 1 ? ? P     B LCC 2 ? ? "O5'" B LCC 2 ? ? 125.36 104.00 21.36  1.90 Y 
9  1 "C3'" B LCC 2 ? ? "O3'" B LCC 2 ? ? P     B LCC 3 ? ? 128.24 119.70 8.54   1.20 Y 
10 1 "C3'" B LCC 3 ? ? "O3'" B LCC 3 ? ? P     B LCG 4 ? ? 129.05 119.70 9.35   1.20 Y 
11 1 "O3'" B LCC 3 ? ? P     B LCG 4 ? ? "O5'" B LCG 4 ? ? 137.47 104.00 33.47  1.90 Y 
12 1 "O3'" B LCG 4 ? ? P     B A   5 ? ? OP1   B A   5 ? ? 85.18  105.20 -20.02 2.20 Y 
# 
loop_
_pdbx_struct_special_symmetry.id 
_pdbx_struct_special_symmetry.PDB_model_num 
_pdbx_struct_special_symmetry.auth_asym_id 
_pdbx_struct_special_symmetry.auth_comp_id 
_pdbx_struct_special_symmetry.auth_seq_id 
_pdbx_struct_special_symmetry.PDB_ins_code 
_pdbx_struct_special_symmetry.label_asym_id 
_pdbx_struct_special_symmetry.label_comp_id 
_pdbx_struct_special_symmetry.label_seq_id 
1 1 A SR  104 ? F SR  . 
2 1 B SR  104 ? J SR  . 
3 1 B HOH 203 ? L HOH . 
# 
loop_
_chem_comp_atom.comp_id 
_chem_comp_atom.atom_id 
_chem_comp_atom.type_symbol 
_chem_comp_atom.pdbx_aromatic_flag 
_chem_comp_atom.pdbx_stereo_config 
_chem_comp_atom.pdbx_ordinal 
5GP P      P  N N 1   
5GP O1P    O  N N 2   
5GP O2P    O  N N 3   
5GP O3P    O  N N 4   
5GP "O5'"  O  N N 5   
5GP "C5'"  C  N N 6   
5GP "C4'"  C  N R 7   
5GP "O4'"  O  N N 8   
5GP "C3'"  C  N S 9   
5GP "O3'"  O  N N 10  
5GP "C2'"  C  N R 11  
5GP "O2'"  O  N N 12  
5GP "C1'"  C  N R 13  
5GP N9     N  Y N 14  
5GP C8     C  Y N 15  
5GP N7     N  Y N 16  
5GP C5     C  Y N 17  
5GP C6     C  N N 18  
5GP O6     O  N N 19  
5GP N1     N  N N 20  
5GP C2     C  N N 21  
5GP N2     N  N N 22  
5GP N3     N  N N 23  
5GP C4     C  Y N 24  
5GP HOP2   H  N N 25  
5GP HOP3   H  N N 26  
5GP "H5'1" H  N N 27  
5GP "H5'2" H  N N 28  
5GP "H4'"  H  N N 29  
5GP "H3'"  H  N N 30  
5GP "HO3'" H  N N 31  
5GP "H2'"  H  N N 32  
5GP "HO2'" H  N N 33  
5GP "H1'"  H  N N 34  
5GP H8     H  N N 35  
5GP HN1    H  N N 36  
5GP HN21   H  N N 37  
5GP HN22   H  N N 38  
A   OP3    O  N N 39  
A   P      P  N N 40  
A   OP1    O  N N 41  
A   OP2    O  N N 42  
A   "O5'"  O  N N 43  
A   "C5'"  C  N N 44  
A   "C4'"  C  N R 45  
A   "O4'"  O  N N 46  
A   "C3'"  C  N S 47  
A   "O3'"  O  N N 48  
A   "C2'"  C  N R 49  
A   "O2'"  O  N N 50  
A   "C1'"  C  N R 51  
A   N9     N  Y N 52  
A   C8     C  Y N 53  
A   N7     N  Y N 54  
A   C5     C  Y N 55  
A   C6     C  Y N 56  
A   N6     N  N N 57  
A   N1     N  Y N 58  
A   C2     C  Y N 59  
A   N3     N  Y N 60  
A   C4     C  Y N 61  
A   HOP3   H  N N 62  
A   HOP2   H  N N 63  
A   "H5'"  H  N N 64  
A   "H5''" H  N N 65  
A   "H4'"  H  N N 66  
A   "H3'"  H  N N 67  
A   "HO3'" H  N N 68  
A   "H2'"  H  N N 69  
A   "HO2'" H  N N 70  
A   "H1'"  H  N N 71  
A   H8     H  N N 72  
A   H61    H  N N 73  
A   H62    H  N N 74  
A   H2     H  N N 75  
C   OP3    O  N N 76  
C   P      P  N N 77  
C   OP1    O  N N 78  
C   OP2    O  N N 79  
C   "O5'"  O  N N 80  
C   "C5'"  C  N N 81  
C   "C4'"  C  N R 82  
C   "O4'"  O  N N 83  
C   "C3'"  C  N S 84  
C   "O3'"  O  N N 85  
C   "C2'"  C  N R 86  
C   "O2'"  O  N N 87  
C   "C1'"  C  N R 88  
C   N1     N  N N 89  
C   C2     C  N N 90  
C   O2     O  N N 91  
C   N3     N  N N 92  
C   C4     C  N N 93  
C   N4     N  N N 94  
C   C5     C  N N 95  
C   C6     C  N N 96  
C   HOP3   H  N N 97  
C   HOP2   H  N N 98  
C   "H5'"  H  N N 99  
C   "H5''" H  N N 100 
C   "H4'"  H  N N 101 
C   "H3'"  H  N N 102 
C   "HO3'" H  N N 103 
C   "H2'"  H  N N 104 
C   "HO2'" H  N N 105 
C   "H1'"  H  N N 106 
C   H41    H  N N 107 
C   H42    H  N N 108 
C   H5     H  N N 109 
C   H6     H  N N 110 
G   OP3    O  N N 111 
G   P      P  N N 112 
G   OP1    O  N N 113 
G   OP2    O  N N 114 
G   "O5'"  O  N N 115 
G   "C5'"  C  N N 116 
G   "C4'"  C  N R 117 
G   "O4'"  O  N N 118 
G   "C3'"  C  N S 119 
G   "O3'"  O  N N 120 
G   "C2'"  C  N R 121 
G   "O2'"  O  N N 122 
G   "C1'"  C  N R 123 
G   N9     N  Y N 124 
G   C8     C  Y N 125 
G   N7     N  Y N 126 
G   C5     C  Y N 127 
G   C6     C  N N 128 
G   O6     O  N N 129 
G   N1     N  N N 130 
G   C2     C  N N 131 
G   N2     N  N N 132 
G   N3     N  N N 133 
G   C4     C  Y N 134 
G   HOP3   H  N N 135 
G   HOP2   H  N N 136 
G   "H5'"  H  N N 137 
G   "H5''" H  N N 138 
G   "H4'"  H  N N 139 
G   "H3'"  H  N N 140 
G   "HO3'" H  N N 141 
G   "H2'"  H  N N 142 
G   "HO2'" H  N N 143 
G   "H1'"  H  N N 144 
G   H8     H  N N 145 
G   H1     H  N N 146 
G   H21    H  N N 147 
G   H22    H  N N 148 
HOH O      O  N N 149 
HOH H1     H  N N 150 
HOH H2     H  N N 151 
LCC "O5'"  O  N N 152 
LCC "C5'"  C  N N 153 
LCC "C4'"  C  N R 154 
LCC "O4'"  O  N N 155 
LCC "C1'"  C  N R 156 
LCC N1     N  N N 157 
LCC C6     C  N N 158 
LCC C5     C  N N 159 
LCC C5M    C  N N 160 
LCC C4     C  N N 161 
LCC N4     N  N N 162 
LCC N3     N  N N 163 
LCC C2     C  N N 164 
LCC O2     O  N N 165 
LCC "C3'"  C  N S 166 
LCC "C2'"  C  N R 167 
LCC "O2'"  O  N N 168 
LCC "O3'"  O  N N 169 
LCC "C6'"  C  N N 170 
LCC P      P  N N 171 
LCC O1P    O  N N 172 
LCC O2P    O  N N 173 
LCC OXT    O  N N 174 
LCC "H5'1" H  N N 175 
LCC "H5'2" H  N N 176 
LCC "H1'"  H  N N 177 
LCC H6     H  N N 178 
LCC H5M1   H  N N 179 
LCC H5M2   H  N N 180 
LCC H5M3   H  N N 181 
LCC H41    H  N N 182 
LCC H42    H  N N 183 
LCC "H3'"  H  N N 184 
LCC "H2'1" H  N N 185 
LCC H3T    H  N N 186 
LCC "H6'1" H  N N 187 
LCC "H6'2" H  N N 188 
LCC H1P    H  N N 189 
LCC HXT    H  N N 190 
LCG P      P  N N 191 
LCG OP1    O  N N 192 
LCG "O5'"  O  N N 193 
LCG "C5'"  C  N N 194 
LCG "C3'"  C  N S 195 
LCG "C6'"  C  N N 196 
LCG N9     N  Y N 197 
LCG C8     C  Y N 198 
LCG C4     C  Y N 199 
LCG N7     N  Y N 200 
LCG C5     C  Y N 201 
LCG C6     C  N N 202 
LCG "C2'"  C  N R 203 
LCG O6     O  N N 204 
LCG "C4'"  C  N R 205 
LCG "C1'"  C  N R 206 
LCG C2     C  N N 207 
LCG N1     N  N N 208 
LCG "O4'"  O  N N 209 
LCG OP2    O  N N 210 
LCG N2     N  N N 211 
LCG N3     N  N N 212 
LCG "O2'"  O  N N 213 
LCG "O3'"  O  N N 214 
LCG OP3    O  N N 215 
LCG "H5'"  H  N N 216 
LCG "H5''" H  N N 217 
LCG "H3'"  H  N N 218 
LCG "H6'1" H  N N 219 
LCG "H6'2" H  N N 220 
LCG H8     H  N N 221 
LCG "H2'"  H  N N 222 
LCG "H1'"  H  N N 223 
LCG H1     H  N N 224 
LCG HOP2   H  N N 225 
LCG H21    H  N N 226 
LCG H22    H  N N 227 
LCG "HO3'" H  N N 228 
LCG HOP3   H  N N 229 
SR  SR     SR N N 230 
U   OP3    O  N N 231 
U   P      P  N N 232 
U   OP1    O  N N 233 
U   OP2    O  N N 234 
U   "O5'"  O  N N 235 
U   "C5'"  C  N N 236 
U   "C4'"  C  N R 237 
U   "O4'"  O  N N 238 
U   "C3'"  C  N S 239 
U   "O3'"  O  N N 240 
U   "C2'"  C  N R 241 
U   "O2'"  O  N N 242 
U   "C1'"  C  N R 243 
U   N1     N  N N 244 
U   C2     C  N N 245 
U   O2     O  N N 246 
U   N3     N  N N 247 
U   C4     C  N N 248 
U   O4     O  N N 249 
U   C5     C  N N 250 
U   C6     C  N N 251 
U   HOP3   H  N N 252 
U   HOP2   H  N N 253 
U   "H5'"  H  N N 254 
U   "H5''" H  N N 255 
U   "H4'"  H  N N 256 
U   "H3'"  H  N N 257 
U   "HO3'" H  N N 258 
U   "H2'"  H  N N 259 
U   "HO2'" H  N N 260 
U   "H1'"  H  N N 261 
U   H3     H  N N 262 
U   H5     H  N N 263 
U   H6     H  N N 264 
# 
loop_
_chem_comp_bond.comp_id 
_chem_comp_bond.atom_id_1 
_chem_comp_bond.atom_id_2 
_chem_comp_bond.value_order 
_chem_comp_bond.pdbx_aromatic_flag 
_chem_comp_bond.pdbx_stereo_config 
_chem_comp_bond.pdbx_ordinal 
5GP P     O1P    doub N N 1   
5GP P     O2P    sing N N 2   
5GP P     O3P    sing N N 3   
5GP P     "O5'"  sing N N 4   
5GP O2P   HOP2   sing N N 5   
5GP O3P   HOP3   sing N N 6   
5GP "O5'" "C5'"  sing N N 7   
5GP "C5'" "C4'"  sing N N 8   
5GP "C5'" "H5'1" sing N N 9   
5GP "C5'" "H5'2" sing N N 10  
5GP "C4'" "O4'"  sing N N 11  
5GP "C4'" "C3'"  sing N N 12  
5GP "C4'" "H4'"  sing N N 13  
5GP "O4'" "C1'"  sing N N 14  
5GP "C3'" "O3'"  sing N N 15  
5GP "C3'" "C2'"  sing N N 16  
5GP "C3'" "H3'"  sing N N 17  
5GP "O3'" "HO3'" sing N N 18  
5GP "C2'" "O2'"  sing N N 19  
5GP "C2'" "C1'"  sing N N 20  
5GP "C2'" "H2'"  sing N N 21  
5GP "O2'" "HO2'" sing N N 22  
5GP "C1'" N9     sing N N 23  
5GP "C1'" "H1'"  sing N N 24  
5GP N9    C8     sing Y N 25  
5GP N9    C4     sing Y N 26  
5GP C8    N7     doub Y N 27  
5GP C8    H8     sing N N 28  
5GP N7    C5     sing Y N 29  
5GP C5    C6     sing N N 30  
5GP C5    C4     doub Y N 31  
5GP C6    O6     doub N N 32  
5GP C6    N1     sing N N 33  
5GP N1    C2     sing N N 34  
5GP N1    HN1    sing N N 35  
5GP C2    N2     sing N N 36  
5GP C2    N3     doub N N 37  
5GP N2    HN21   sing N N 38  
5GP N2    HN22   sing N N 39  
5GP N3    C4     sing N N 40  
A   OP3   P      sing N N 41  
A   OP3   HOP3   sing N N 42  
A   P     OP1    doub N N 43  
A   P     OP2    sing N N 44  
A   P     "O5'"  sing N N 45  
A   OP2   HOP2   sing N N 46  
A   "O5'" "C5'"  sing N N 47  
A   "C5'" "C4'"  sing N N 48  
A   "C5'" "H5'"  sing N N 49  
A   "C5'" "H5''" sing N N 50  
A   "C4'" "O4'"  sing N N 51  
A   "C4'" "C3'"  sing N N 52  
A   "C4'" "H4'"  sing N N 53  
A   "O4'" "C1'"  sing N N 54  
A   "C3'" "O3'"  sing N N 55  
A   "C3'" "C2'"  sing N N 56  
A   "C3'" "H3'"  sing N N 57  
A   "O3'" "HO3'" sing N N 58  
A   "C2'" "O2'"  sing N N 59  
A   "C2'" "C1'"  sing N N 60  
A   "C2'" "H2'"  sing N N 61  
A   "O2'" "HO2'" sing N N 62  
A   "C1'" N9     sing N N 63  
A   "C1'" "H1'"  sing N N 64  
A   N9    C8     sing Y N 65  
A   N9    C4     sing Y N 66  
A   C8    N7     doub Y N 67  
A   C8    H8     sing N N 68  
A   N7    C5     sing Y N 69  
A   C5    C6     sing Y N 70  
A   C5    C4     doub Y N 71  
A   C6    N6     sing N N 72  
A   C6    N1     doub Y N 73  
A   N6    H61    sing N N 74  
A   N6    H62    sing N N 75  
A   N1    C2     sing Y N 76  
A   C2    N3     doub Y N 77  
A   C2    H2     sing N N 78  
A   N3    C4     sing Y N 79  
C   OP3   P      sing N N 80  
C   OP3   HOP3   sing N N 81  
C   P     OP1    doub N N 82  
C   P     OP2    sing N N 83  
C   P     "O5'"  sing N N 84  
C   OP2   HOP2   sing N N 85  
C   "O5'" "C5'"  sing N N 86  
C   "C5'" "C4'"  sing N N 87  
C   "C5'" "H5'"  sing N N 88  
C   "C5'" "H5''" sing N N 89  
C   "C4'" "O4'"  sing N N 90  
C   "C4'" "C3'"  sing N N 91  
C   "C4'" "H4'"  sing N N 92  
C   "O4'" "C1'"  sing N N 93  
C   "C3'" "O3'"  sing N N 94  
C   "C3'" "C2'"  sing N N 95  
C   "C3'" "H3'"  sing N N 96  
C   "O3'" "HO3'" sing N N 97  
C   "C2'" "O2'"  sing N N 98  
C   "C2'" "C1'"  sing N N 99  
C   "C2'" "H2'"  sing N N 100 
C   "O2'" "HO2'" sing N N 101 
C   "C1'" N1     sing N N 102 
C   "C1'" "H1'"  sing N N 103 
C   N1    C2     sing N N 104 
C   N1    C6     sing N N 105 
C   C2    O2     doub N N 106 
C   C2    N3     sing N N 107 
C   N3    C4     doub N N 108 
C   C4    N4     sing N N 109 
C   C4    C5     sing N N 110 
C   N4    H41    sing N N 111 
C   N4    H42    sing N N 112 
C   C5    C6     doub N N 113 
C   C5    H5     sing N N 114 
C   C6    H6     sing N N 115 
G   OP3   P      sing N N 116 
G   OP3   HOP3   sing N N 117 
G   P     OP1    doub N N 118 
G   P     OP2    sing N N 119 
G   P     "O5'"  sing N N 120 
G   OP2   HOP2   sing N N 121 
G   "O5'" "C5'"  sing N N 122 
G   "C5'" "C4'"  sing N N 123 
G   "C5'" "H5'"  sing N N 124 
G   "C5'" "H5''" sing N N 125 
G   "C4'" "O4'"  sing N N 126 
G   "C4'" "C3'"  sing N N 127 
G   "C4'" "H4'"  sing N N 128 
G   "O4'" "C1'"  sing N N 129 
G   "C3'" "O3'"  sing N N 130 
G   "C3'" "C2'"  sing N N 131 
G   "C3'" "H3'"  sing N N 132 
G   "O3'" "HO3'" sing N N 133 
G   "C2'" "O2'"  sing N N 134 
G   "C2'" "C1'"  sing N N 135 
G   "C2'" "H2'"  sing N N 136 
G   "O2'" "HO2'" sing N N 137 
G   "C1'" N9     sing N N 138 
G   "C1'" "H1'"  sing N N 139 
G   N9    C8     sing Y N 140 
G   N9    C4     sing Y N 141 
G   C8    N7     doub Y N 142 
G   C8    H8     sing N N 143 
G   N7    C5     sing Y N 144 
G   C5    C6     sing N N 145 
G   C5    C4     doub Y N 146 
G   C6    O6     doub N N 147 
G   C6    N1     sing N N 148 
G   N1    C2     sing N N 149 
G   N1    H1     sing N N 150 
G   C2    N2     sing N N 151 
G   C2    N3     doub N N 152 
G   N2    H21    sing N N 153 
G   N2    H22    sing N N 154 
G   N3    C4     sing N N 155 
HOH O     H1     sing N N 156 
HOH O     H2     sing N N 157 
LCC "O5'" "C5'"  sing N N 158 
LCC "O5'" P      sing N N 159 
LCC "C5'" "C4'"  sing N N 160 
LCC "C5'" "H5'1" sing N N 161 
LCC "C5'" "H5'2" sing N N 162 
LCC "C4'" "O4'"  sing N N 163 
LCC "C4'" "C3'"  sing N N 164 
LCC "C4'" "C6'"  sing N N 165 
LCC "O4'" "C1'"  sing N N 166 
LCC "C1'" N1     sing N N 167 
LCC "C1'" "C2'"  sing N N 168 
LCC "C1'" "H1'"  sing N N 169 
LCC N1    C6     sing N N 170 
LCC N1    C2     sing N N 171 
LCC C6    C5     doub N N 172 
LCC C6    H6     sing N N 173 
LCC C5    C5M    sing N N 174 
LCC C5    C4     sing N N 175 
LCC C5M   H5M1   sing N N 176 
LCC C5M   H5M2   sing N N 177 
LCC C5M   H5M3   sing N N 178 
LCC C4    N4     sing N N 179 
LCC C4    N3     doub N N 180 
LCC N4    H41    sing N N 181 
LCC N4    H42    sing N N 182 
LCC N3    C2     sing N N 183 
LCC C2    O2     doub N N 184 
LCC "C3'" "C2'"  sing N N 185 
LCC "C3'" "O3'"  sing N N 186 
LCC "C3'" "H3'"  sing N N 187 
LCC "C2'" "O2'"  sing N N 188 
LCC "C2'" "H2'1" sing N N 189 
LCC "O2'" "C6'"  sing N N 190 
LCC "O3'" H3T    sing N N 191 
LCC "C6'" "H6'1" sing N N 192 
LCC "C6'" "H6'2" sing N N 193 
LCC P     O1P    sing N N 194 
LCC P     O2P    doub N N 195 
LCC P     OXT    sing N N 196 
LCC O1P   H1P    sing N N 197 
LCC OXT   HXT    sing N N 198 
LCG P     OP1    doub N N 199 
LCG P     "O5'"  sing N N 200 
LCG P     OP2    sing N N 201 
LCG P     OP3    sing N N 202 
LCG "O5'" "C5'"  sing N N 203 
LCG "C5'" "C4'"  sing N N 204 
LCG "C5'" "H5'"  sing N N 205 
LCG "C5'" "H5''" sing N N 206 
LCG "C3'" "C2'"  sing N N 207 
LCG "C3'" "C4'"  sing N N 208 
LCG "C3'" "O3'"  sing N N 209 
LCG "C3'" "H3'"  sing N N 210 
LCG "C6'" "C4'"  sing N N 211 
LCG "C6'" "O2'"  sing N N 212 
LCG "C6'" "H6'1" sing N N 213 
LCG "C6'" "H6'2" sing N N 214 
LCG N9    C8     sing Y N 215 
LCG N9    C4     sing Y N 216 
LCG N9    "C1'"  sing N N 217 
LCG C8    N7     doub Y N 218 
LCG C8    H8     sing N N 219 
LCG C4    C5     doub Y N 220 
LCG C4    N3     sing N N 221 
LCG N7    C5     sing Y N 222 
LCG C5    C6     sing N N 223 
LCG C6    O6     doub N N 224 
LCG C6    N1     sing N N 225 
LCG "C2'" "C1'"  sing N N 226 
LCG "C2'" "O2'"  sing N N 227 
LCG "C2'" "H2'"  sing N N 228 
LCG "C4'" "O4'"  sing N N 229 
LCG "C1'" "O4'"  sing N N 230 
LCG "C1'" "H1'"  sing N N 231 
LCG C2    N1     sing N N 232 
LCG C2    N2     sing N N 233 
LCG C2    N3     doub N N 234 
LCG N1    H1     sing N N 235 
LCG OP2   HOP2   sing N N 236 
LCG N2    H21    sing N N 237 
LCG N2    H22    sing N N 238 
LCG "O3'" "HO3'" sing N N 239 
LCG OP3   HOP3   sing N N 240 
U   OP3   P      sing N N 241 
U   OP3   HOP3   sing N N 242 
U   P     OP1    doub N N 243 
U   P     OP2    sing N N 244 
U   P     "O5'"  sing N N 245 
U   OP2   HOP2   sing N N 246 
U   "O5'" "C5'"  sing N N 247 
U   "C5'" "C4'"  sing N N 248 
U   "C5'" "H5'"  sing N N 249 
U   "C5'" "H5''" sing N N 250 
U   "C4'" "O4'"  sing N N 251 
U   "C4'" "C3'"  sing N N 252 
U   "C4'" "H4'"  sing N N 253 
U   "O4'" "C1'"  sing N N 254 
U   "C3'" "O3'"  sing N N 255 
U   "C3'" "C2'"  sing N N 256 
U   "C3'" "H3'"  sing N N 257 
U   "O3'" "HO3'" sing N N 258 
U   "C2'" "O2'"  sing N N 259 
U   "C2'" "C1'"  sing N N 260 
U   "C2'" "H2'"  sing N N 261 
U   "O2'" "HO2'" sing N N 262 
U   "C1'" N1     sing N N 263 
U   "C1'" "H1'"  sing N N 264 
U   N1    C2     sing N N 265 
U   N1    C6     sing N N 266 
U   C2    O2     doub N N 267 
U   C2    N3     sing N N 268 
U   N3    C4     sing N N 269 
U   N3    H3     sing N N 270 
U   C4    O4     doub N N 271 
U   C4    C5     sing N N 272 
U   C5    C6     doub N N 273 
U   C5    H5     sing N N 274 
U   C6    H6     sing N N 275 
# 
_ndb_struct_conf_na.entry_id   6CAB 
_ndb_struct_conf_na.feature    'a-form double helix' 
# 
loop_
_ndb_struct_na_base_pair.model_number 
_ndb_struct_na_base_pair.i_label_asym_id 
_ndb_struct_na_base_pair.i_label_comp_id 
_ndb_struct_na_base_pair.i_label_seq_id 
_ndb_struct_na_base_pair.i_symmetry 
_ndb_struct_na_base_pair.j_label_asym_id 
_ndb_struct_na_base_pair.j_label_comp_id 
_ndb_struct_na_base_pair.j_label_seq_id 
_ndb_struct_na_base_pair.j_symmetry 
_ndb_struct_na_base_pair.shear 
_ndb_struct_na_base_pair.stretch 
_ndb_struct_na_base_pair.stagger 
_ndb_struct_na_base_pair.buckle 
_ndb_struct_na_base_pair.propeller 
_ndb_struct_na_base_pair.opening 
_ndb_struct_na_base_pair.pair_number 
_ndb_struct_na_base_pair.pair_name 
_ndb_struct_na_base_pair.i_auth_asym_id 
_ndb_struct_na_base_pair.i_auth_seq_id 
_ndb_struct_na_base_pair.i_PDB_ins_code 
_ndb_struct_na_base_pair.j_auth_asym_id 
_ndb_struct_na_base_pair.j_auth_seq_id 
_ndb_struct_na_base_pair.j_PDB_ins_code 
_ndb_struct_na_base_pair.hbond_type_28 
_ndb_struct_na_base_pair.hbond_type_12 
1 A LCG 4  1_555 B C   13 1_555 -0.287 -0.468 0.047  5.180   -11.881 -1.120 1  A_LCG4:C13_B A 4  ? B 13 ? 19 1 
1 A A   5  1_555 B U   12 1_555 -0.400 -0.104 -0.085 1.842   -14.185 4.976  2  A_A5:U12_B   A 5  ? B 12 ? 20 1 
1 A C   6  1_555 B G   11 1_555 -0.066 -0.011 0.495  3.840   -15.899 5.986  3  A_C6:G11_B   A 6  ? B 11 ? 19 1 
1 A U   7  1_555 B A   10 1_555 0.072  -0.143 -0.074 -6.172  -20.845 10.291 4  A_U7:A10_B   A 7  ? B 10 ? 20 1 
1 A U   8  1_555 B A   9  1_555 0.566  -0.282 0.329  -4.255  -18.597 5.279  5  A_U8:A9_B    A 8  ? B 9  ? 20 1 
1 A A   9  1_555 B U   8  1_555 -0.311 -0.265 0.265  -2.549  -12.016 2.887  6  A_A9:U8_B    A 9  ? B 8  ? 20 1 
1 A A   10 1_555 B U   7  1_555 -0.267 -0.124 0.071  11.112  -20.542 5.898  7  A_A10:U7_B   A 10 ? B 7  ? 20 1 
1 A G   11 1_555 B C   6  1_555 0.347  0.183  0.530  -10.985 -23.525 9.541  8  A_G11:C6_B   A 11 ? B 6  ? 19 1 
1 A U   12 1_555 B A   5  1_555 0.159  -0.091 0.038  -1.271  -13.542 1.390  9  A_U12:A5_B   A 12 ? B 5  ? 20 1 
1 A C   13 1_555 B LCG 4  1_555 0.277  -0.466 0.256  -4.931  -9.577  0.485  10 A_C13:LCG4_B A 13 ? B 4  ? 19 1 
# 
loop_
_ndb_struct_na_base_pair_step.model_number 
_ndb_struct_na_base_pair_step.i_label_asym_id_1 
_ndb_struct_na_base_pair_step.i_label_comp_id_1 
_ndb_struct_na_base_pair_step.i_label_seq_id_1 
_ndb_struct_na_base_pair_step.i_symmetry_1 
_ndb_struct_na_base_pair_step.j_label_asym_id_1 
_ndb_struct_na_base_pair_step.j_label_comp_id_1 
_ndb_struct_na_base_pair_step.j_label_seq_id_1 
_ndb_struct_na_base_pair_step.j_symmetry_1 
_ndb_struct_na_base_pair_step.i_label_asym_id_2 
_ndb_struct_na_base_pair_step.i_label_comp_id_2 
_ndb_struct_na_base_pair_step.i_label_seq_id_2 
_ndb_struct_na_base_pair_step.i_symmetry_2 
_ndb_struct_na_base_pair_step.j_label_asym_id_2 
_ndb_struct_na_base_pair_step.j_label_comp_id_2 
_ndb_struct_na_base_pair_step.j_label_seq_id_2 
_ndb_struct_na_base_pair_step.j_symmetry_2 
_ndb_struct_na_base_pair_step.shift 
_ndb_struct_na_base_pair_step.slide 
_ndb_struct_na_base_pair_step.rise 
_ndb_struct_na_base_pair_step.tilt 
_ndb_struct_na_base_pair_step.roll 
_ndb_struct_na_base_pair_step.twist 
_ndb_struct_na_base_pair_step.x_displacement 
_ndb_struct_na_base_pair_step.y_displacement 
_ndb_struct_na_base_pair_step.helical_rise 
_ndb_struct_na_base_pair_step.inclination 
_ndb_struct_na_base_pair_step.tip 
_ndb_struct_na_base_pair_step.helical_twist 
_ndb_struct_na_base_pair_step.step_number 
_ndb_struct_na_base_pair_step.step_name 
_ndb_struct_na_base_pair_step.i_auth_asym_id_1 
_ndb_struct_na_base_pair_step.i_auth_seq_id_1 
_ndb_struct_na_base_pair_step.i_PDB_ins_code_1 
_ndb_struct_na_base_pair_step.j_auth_asym_id_1 
_ndb_struct_na_base_pair_step.j_auth_seq_id_1 
_ndb_struct_na_base_pair_step.j_PDB_ins_code_1 
_ndb_struct_na_base_pair_step.i_auth_asym_id_2 
_ndb_struct_na_base_pair_step.i_auth_seq_id_2 
_ndb_struct_na_base_pair_step.i_PDB_ins_code_2 
_ndb_struct_na_base_pair_step.j_auth_asym_id_2 
_ndb_struct_na_base_pair_step.j_auth_seq_id_2 
_ndb_struct_na_base_pair_step.j_PDB_ins_code_2 
1 A LCG 4  1_555 B C 13 1_555 A A 5  1_555 B U   12 1_555 -0.052 -1.377 3.318 1.464  8.649  31.583 -3.873 0.334  2.847 15.520 
-2.626 32.749 1 AA_LCG4A5:U12C13_BB A 4  ? B 13 ? A 5  ? B 12 ? 
1 A A   5  1_555 B U 12 1_555 A C 6  1_555 B G   11 1_555 0.147  -1.400 3.226 -6.170 6.012  33.855 -3.196 -1.130 2.873 10.121 
10.387 34.903 2 AA_A5C6:G11U12_BB   A 5  ? B 12 ? A 6  ? B 11 ? 
1 A C   6  1_555 B G 11 1_555 A U 7  1_555 B A   10 1_555 -0.423 -1.593 3.429 2.852  10.269 28.768 -4.964 1.341  2.663 19.830 
-5.508 30.640 3 AA_C6U7:A10G11_BB   A 6  ? B 11 ? A 7  ? B 10 ? 
1 A U   7  1_555 B A 10 1_555 A U 8  1_555 B A   9  1_555 -0.222 -0.797 3.341 -4.125 8.766  34.539 -2.551 -0.231 3.060 14.416 
6.783  35.832 4 AA_U7U8:A9A10_BB    A 7  ? B 10 ? A 8  ? B 9  ? 
1 A U   8  1_555 B A 9  1_555 A A 9  1_555 B U   8  1_555 -0.023 -1.456 2.788 -1.052 15.565 26.202 -5.069 -0.112 1.677 31.077 
2.099  30.424 5 AA_U8A9:U8A9_BB     A 8  ? B 9  ? A 9  ? B 8  ? 
1 A A   9  1_555 B U 8  1_555 A A 10 1_555 B U   7  1_555 0.182  -1.080 2.889 4.892  6.241  33.499 -2.663 0.347  2.650 10.644 
-8.343 34.398 6 AA_A9A10:U7U8_BB    A 9  ? B 8  ? A 10 ? B 7  ? 
1 A A   10 1_555 B U 7  1_555 A G 11 1_555 B C   6  1_555 0.854  -1.451 3.862 0.563  12.742 30.657 -4.903 -1.392 3.049 22.896 
-1.012 33.146 7 AA_A10G11:C6U7_BB   A 10 ? B 7  ? A 11 ? B 6  ? 
1 A G   11 1_555 B C 6  1_555 A U 12 1_555 B A   5  1_555 -0.473 -1.397 3.010 3.557  4.751  31.144 -3.329 1.443  2.704 8.749  
-6.550 31.690 8 AA_G11U12:A5C6_BB   A 11 ? B 6  ? A 12 ? B 5  ? 
1 A U   12 1_555 B A 5  1_555 A C 13 1_555 B LCG 4  1_555 0.271  -1.398 3.277 -1.629 7.522  32.710 -3.596 -0.724 2.877 13.130 
2.844  33.579 9 AA_U12C13:LCG4A5_BB A 12 ? B 5  ? A 13 ? B 4  ? 
# 
_pdbx_audit_support.funding_organization   'Howard Hughes Medical Institute (HHMI)' 
_pdbx_audit_support.country                'United States' 
_pdbx_audit_support.grant_number           ? 
_pdbx_audit_support.ordinal                1 
# 
_pdbx_initial_refinement_model.id               1 
_pdbx_initial_refinement_model.entity_id_list   ? 
_pdbx_initial_refinement_model.type             'experimental model' 
_pdbx_initial_refinement_model.source_name      PDB 
_pdbx_initial_refinement_model.accession_code   5DHC 
_pdbx_initial_refinement_model.details          ? 
# 
_atom_sites.entry_id                    6CAB 
_atom_sites.fract_transf_matrix[1][1]   -0.00159582 
_atom_sites.fract_transf_matrix[1][2]   -0.00898899 
_atom_sites.fract_transf_matrix[1][3]   -0.02187900 
_atom_sites.fract_transf_matrix[2][1]   -0.02059096 
_atom_sites.fract_transf_matrix[2][2]   0.00090404 
_atom_sites.fract_transf_matrix[2][3]   -0.01171396 
_atom_sites.fract_transf_matrix[3][1]   0.00318904 
_atom_sites.fract_transf_matrix[3][2]   0.01100992 
_atom_sites.fract_transf_matrix[3][3]   -0.00475603 
_atom_sites.fract_transf_vector[1]      0.595901 
_atom_sites.fract_transf_vector[2]      -0.202067 
_atom_sites.fract_transf_vector[3]      1.250055 
# 
loop_
_atom_type.symbol 
C  
N  
O  
P  
SR 
# 
loop_
_atom_site.group_PDB 
_atom_site.id 
_atom_site.type_symbol 
_atom_site.label_atom_id 
_atom_site.label_alt_id 
_atom_site.label_comp_id 
_atom_site.label_asym_id 
_atom_site.label_entity_id 
_atom_site.label_seq_id 
_atom_site.pdbx_PDB_ins_code 
_atom_site.Cartn_x 
_atom_site.Cartn_y 
_atom_site.Cartn_z 
_atom_site.occupancy 
_atom_site.B_iso_or_equiv 
_atom_site.pdbx_formal_charge 
_atom_site.auth_seq_id 
_atom_site.auth_comp_id 
_atom_site.auth_asym_id 
_atom_site.auth_atom_id 
_atom_site.pdbx_PDB_model_num 
HETATM 1   O  "O5'" . LCC A 1 1  ? -17.029 -13.563 1.093   1.00 91.26  ? 1   LCC A "O5'" 1 
HETATM 2   C  "C5'" . LCC A 1 1  ? -16.743 -12.307 1.713   1.00 95.01  ? 1   LCC A "C5'" 1 
HETATM 3   C  "C4'" . LCC A 1 1  ? -16.855 -12.539 3.230   1.00 94.33  ? 1   LCC A "C4'" 1 
HETATM 4   O  "O4'" . LCC A 1 1  ? -16.601 -13.877 3.660   1.00 92.06  ? 1   LCC A "O4'" 1 
HETATM 5   C  "C1'" . LCC A 1 1  ? -15.908 -13.709 4.942   1.00 80.79  ? 1   LCC A "C1'" 1 
HETATM 6   N  N1    . LCC A 1 1  ? -14.511 -14.245 4.837   1.00 75.02  ? 1   LCC A N1    1 
HETATM 7   C  C6    . LCC A 1 1  ? -14.064 -14.812 3.608   1.00 66.85  ? 1   LCC A C6    1 
HETATM 8   C  C5    . LCC A 1 1  ? -12.797 -15.370 3.543   1.00 72.09  ? 1   LCC A C5    1 
HETATM 9   C  C5M   . LCC A 1 1  ? -12.322 -15.917 2.341   1.00 76.50  ? 1   LCC A C5M   1 
HETATM 10  C  C4    . LCC A 1 1  ? -12.037 -15.364 4.721   1.00 70.54  ? 1   LCC A C4    1 
HETATM 11  N  N4    . LCC A 1 1  ? -10.820 -15.886 4.695   1.00 76.35  ? 1   LCC A N4    1 
HETATM 12  N  N3    . LCC A 1 1  ? -12.490 -14.834 5.869   1.00 64.26  ? 1   LCC A N3    1 
HETATM 13  C  C2    . LCC A 1 1  ? -13.709 -14.279 5.936   1.00 68.13  ? 1   LCC A C2    1 
HETATM 14  O  O2    . LCC A 1 1  ? -14.063 -13.805 7.017   1.00 69.79  ? 1   LCC A O2    1 
HETATM 15  C  "C3'" . LCC A 1 1  ? -15.786 -11.787 3.946   1.00 88.63  ? 1   LCC A "C3'" 1 
HETATM 16  C  "C2'" . LCC A 1 1  ? -16.100 -12.273 5.250   1.00 79.47  ? 1   LCC A "C2'" 1 
HETATM 17  O  "O2'" . LCC A 1 1  ? -17.558 -11.963 5.352   1.00 81.58  ? 1   LCC A "O2'" 1 
HETATM 18  O  "O3'" . LCC A 1 1  ? -15.742 -10.542 3.954   1.00 96.15  ? 1   LCC A "O3'" 1 
HETATM 19  C  "C6'" . LCC A 1 1  ? -18.151 -12.075 3.952   1.00 89.89  ? 1   LCC A "C6'" 1 
HETATM 20  O  "O5'" . LCC A 1 2  ? -14.631 -9.125  4.614   1.00 70.76  ? 2   LCC A "O5'" 1 
HETATM 21  C  "C5'" . LCC A 1 2  ? -14.532 -8.276  5.660   1.00 77.67  ? 2   LCC A "C5'" 1 
HETATM 22  C  "C4'" . LCC A 1 2  ? -14.127 -8.808  7.044   1.00 77.86  ? 2   LCC A "C4'" 1 
HETATM 23  O  "O4'" . LCC A 1 2  ? -13.980 -10.204 7.310   1.00 68.64  ? 2   LCC A "O4'" 1 
HETATM 24  C  "C1'" . LCC A 1 2  ? -12.978 -10.256 8.356   1.00 69.42  ? 2   LCC A "C1'" 1 
HETATM 25  N  N1    . LCC A 1 2  ? -11.789 -10.950 7.816   1.00 71.77  ? 2   LCC A N1    1 
HETATM 26  C  C6    . LCC A 1 2  ? -11.798 -11.319 6.460   1.00 60.92  ? 2   LCC A C6    1 
HETATM 27  C  C5    . LCC A 1 2  ? -10.724 -11.998 5.953   1.00 66.62  ? 2   LCC A C5    1 
HETATM 28  C  C5M   . LCC A 1 2  ? -10.739 -12.355 4.587   1.00 66.42  ? 2   LCC A C5M   1 
HETATM 29  C  C4    . LCC A 1 2  ? -9.670  -12.285 6.830   1.00 63.65  ? 2   LCC A C4    1 
HETATM 30  N  N4    . LCC A 1 2  ? -8.620  -12.948 6.368   1.00 62.81  ? 2   LCC A N4    1 
HETATM 31  N  N3    . LCC A 1 2  ? -9.682  -11.912 8.108   1.00 66.66  ? 2   LCC A N3    1 
HETATM 32  C  C2    . LCC A 1 2  ? -10.726 -11.256 8.626   1.00 71.47  ? 2   LCC A C2    1 
HETATM 33  O  O2    . LCC A 1 2  ? -10.673 -10.981 9.838   1.00 60.44  ? 2   LCC A O2    1 
HETATM 34  C  "C3'" . LCC A 1 2  ? -12.751 -8.309  7.402   1.00 74.70  ? 2   LCC A "C3'" 1 
HETATM 35  C  "C2'" . LCC A 1 2  ? -12.732 -8.845  8.714   1.00 74.51  ? 2   LCC A "C2'" 1 
HETATM 36  O  "O2'" . LCC A 1 2  ? -13.959 -8.226  9.293   1.00 85.15  ? 2   LCC A "O2'" 1 
HETATM 37  O  "O3'" . LCC A 1 2  ? -12.676 -6.938  7.411   1.00 67.95  ? 2   LCC A "O3'" 1 
HETATM 38  C  "C6'" . LCC A 1 2  ? -15.009 -8.224  8.194   1.00 79.48  ? 2   LCC A "C6'" 1 
HETATM 39  P  P     . LCC A 1 2  ? -15.064 -9.266  3.304   1.00 76.75  ? 2   LCC A P     1 
HETATM 40  O  O1P   . LCC A 1 2  ? -15.842 -8.132  2.742   1.00 98.58  ? 2   LCC A O1P   1 
HETATM 41  O  O2P   . LCC A 1 2  ? -13.843 -9.756  2.610   1.00 87.15  ? 2   LCC A O2P   1 
HETATM 42  O  "O5'" . LCC A 1 3  ? -10.533 -6.012  7.426   1.00 64.13  ? 3   LCC A "O5'" 1 
HETATM 43  C  "C5'" . LCC A 1 3  ? -10.636 -5.236  8.622   1.00 57.80  ? 3   LCC A "C5'" 1 
HETATM 44  C  "C4'" . LCC A 1 3  ? -9.685  -5.955  9.603   1.00 67.44  ? 3   LCC A "C4'" 1 
HETATM 45  O  "O4'" . LCC A 1 3  ? -9.598  -7.422  9.636   1.00 61.95  ? 3   LCC A "O4'" 1 
HETATM 46  C  "C1'" . LCC A 1 3  ? -8.256  -7.627  10.112  1.00 61.38  ? 3   LCC A "C1'" 1 
HETATM 47  N  N1    . LCC A 1 3  ? -7.521  -8.367  9.109   1.00 60.62  ? 3   LCC A N1    1 
HETATM 48  C  C6    . LCC A 1 3  ? -8.066  -8.567  7.817   1.00 63.76  ? 3   LCC A C6    1 
HETATM 49  C  C5    . LCC A 1 3  ? -7.351  -9.342  6.908   1.00 69.17  ? 3   LCC A C5    1 
HETATM 50  C  C5M   . LCC A 1 3  ? -7.849  -9.550  5.629   1.00 68.67  ? 3   LCC A C5M   1 
HETATM 51  C  C4    . LCC A 1 3  ? -6.132  -9.904  7.337   1.00 75.49  ? 3   LCC A C4    1 
HETATM 52  N  N4    . LCC A 1 3  ? -5.435  -10.644 6.484   1.00 68.51  ? 3   LCC A N4    1 
HETATM 53  N  N3    . LCC A 1 3  ? -5.661  -9.697  8.588   1.00 76.11  ? 3   LCC A N3    1 
HETATM 54  C  C2    . LCC A 1 3  ? -6.352  -8.951  9.469   1.00 67.16  ? 3   LCC A C2    1 
HETATM 55  O  O2    . LCC A 1 3  ? -5.861  -8.813  10.587  1.00 62.32  ? 3   LCC A O2    1 
HETATM 56  C  "C3'" . LCC A 1 3  ? -8.276  -5.553  9.346   1.00 68.90  ? 3   LCC A "C3'" 1 
HETATM 57  C  "C2'" . LCC A 1 3  ? -7.712  -6.287  10.428  1.00 61.91  ? 3   LCC A "C2'" 1 
HETATM 58  O  "O2'" . LCC A 1 3  ? -8.469  -5.700  11.566  1.00 59.38  ? 3   LCC A "O2'" 1 
HETATM 59  O  "O3'" . LCC A 1 3  ? -8.075  -4.082  9.435   1.00 71.01  ? 3   LCC A "O3'" 1 
HETATM 60  C  "C6'" . LCC A 1 3  ? -9.867  -5.464  11.073  1.00 63.55  ? 3   LCC A "C6'" 1 
HETATM 61  P  P     . LCC A 1 3  ? -11.937 -5.897  6.379   1.00 69.62  ? 3   LCC A P     1 
HETATM 62  O  O1P   . LCC A 1 3  ? -12.795 -4.675  6.295   1.00 63.89  ? 3   LCC A O1P   1 
HETATM 63  O  O2P   . LCC A 1 3  ? -11.626 -6.602  5.091   1.00 75.84  ? 3   LCC A O2P   1 
HETATM 64  P  P     . LCG A 1 4  ? -7.227  -3.237  8.332   1.00 67.06  ? 4   LCG A P     1 
HETATM 65  O  OP1   . LCG A 1 4  ? -7.658  -1.833  8.425   1.00 72.03  ? 4   LCG A OP1   1 
HETATM 66  O  "O5'" . LCG A 1 4  ? -5.788  -3.735  9.019   1.00 70.19  ? 4   LCG A "O5'" 1 
HETATM 67  C  "C5'" . LCG A 1 4  ? -5.181  -2.938  10.073  1.00 68.69  ? 4   LCG A "C5'" 1 
HETATM 68  C  "C3'" . LCG A 1 4  ? -2.908  -3.579  9.512   1.00 74.23  ? 4   LCG A "C3'" 1 
HETATM 69  C  "C6'" . LCG A 1 4  ? -3.094  -3.430  11.806  1.00 95.19  ? 4   LCG A "C6'" 1 
HETATM 70  N  N9    . LCG A 1 4  ? -3.036  -6.489  9.022   1.00 63.52  ? 4   LCG A N9    1 
HETATM 71  C  C8    . LCG A 1 4  ? -4.068  -6.549  8.166   1.00 60.61  ? 4   LCG A C8    1 
HETATM 72  C  C4    . LCG A 1 4  ? -2.124  -7.377  8.696   1.00 65.88  ? 4   LCG A C4    1 
HETATM 73  N  N7    . LCG A 1 4  ? -3.793  -7.459  7.258   1.00 66.10  ? 4   LCG A N7    1 
HETATM 74  C  C5    . LCG A 1 4  ? -2.603  -7.979  7.600   1.00 71.13  ? 4   LCG A C5    1 
HETATM 75  C  C6    . LCG A 1 4  ? -1.903  -8.939  7.040   1.00 66.66  ? 4   LCG A C6    1 
HETATM 76  C  "C2'" . LCG A 1 4  ? -1.916  -4.554  10.117  1.00 64.99  ? 4   LCG A "C2'" 1 
HETATM 77  O  O6    . LCG A 1 4  ? -2.338  -9.489  6.042   1.00 67.96  ? 4   LCG A O6    1 
HETATM 78  C  "C4'" . LCG A 1 4  ? -3.927  -3.777  10.472  1.00 75.04  ? 4   LCG A "C4'" 1 
HETATM 79  C  "C1'" . LCG A 1 4  ? -2.821  -5.700  10.235  1.00 64.66  ? 4   LCG A "C1'" 1 
HETATM 80  C  C2    . LCG A 1 4  ? -0.177  -8.645  8.726   1.00 70.42  ? 4   LCG A C2    1 
HETATM 81  N  N1    . LCG A 1 4  ? -0.675  -9.298  7.575   1.00 69.15  ? 4   LCG A N1    1 
HETATM 82  O  "O4'" . LCG A 1 4  ? -4.126  -5.181  10.543  1.00 69.97  ? 4   LCG A "O4'" 1 
HETATM 83  O  OP2   . LCG A 1 4  ? -7.312  -4.010  7.078   1.00 70.93  ? 4   LCG A OP2   1 
HETATM 84  N  N2    . LCG A 1 4  ? 1.002   -8.981  9.259   1.00 61.96  ? 4   LCG A N2    1 
HETATM 85  N  N3    . LCG A 1 4  ? -0.938  -7.686  9.277   1.00 64.42  ? 4   LCG A N3    1 
HETATM 86  O  "O2'" . LCG A 1 4  ? -1.682  -3.979  11.398  1.00 71.09  ? 4   LCG A "O2'" 1 
HETATM 87  O  "O3'" . LCG A 1 4  ? -2.505  -2.192  9.671   1.00 65.81  ? 4   LCG A "O3'" 1 
ATOM   88  P  P     . A   A 1 5  ? -1.896  -1.346  8.405   1.00 68.25  ? 5   A   A P     1 
ATOM   89  O  OP1   . A   A 1 5  ? -1.823  -0.038  9.104   1.00 85.51  ? 5   A   A OP1   1 
ATOM   90  O  OP2   . A   A 1 5  ? -2.454  -1.448  7.035   1.00 75.21  ? 5   A   A OP2   1 
ATOM   91  O  "O5'" . A   A 1 5  ? -0.467  -2.041  8.386   1.00 62.99  ? 5   A   A "O5'" 1 
ATOM   92  C  "C5'" . A   A 1 5  ? 0.504   -1.768  9.399   1.00 57.77  ? 5   A   A "C5'" 1 
ATOM   93  C  "C4'" . A   A 1 5  ? 1.736   -2.589  9.129   1.00 60.01  ? 5   A   A "C4'" 1 
ATOM   94  O  "O4'" . A   A 1 5  ? 1.407   -4.005  9.198   1.00 57.22  ? 5   A   A "O4'" 1 
ATOM   95  C  "C3'" . A   A 1 5  ? 2.365   -2.442  7.745   1.00 58.31  ? 5   A   A "C3'" 1 
ATOM   96  O  "O3'" . A   A 1 5  ? 3.042   -1.195  7.645   1.00 63.86  ? 5   A   A "O3'" 1 
ATOM   97  C  "C2'" . A   A 1 5  ? 3.192   -3.718  7.687   1.00 60.21  ? 5   A   A "C2'" 1 
ATOM   98  O  "O2'" . A   A 1 5  ? 4.283   -3.821  8.580   1.00 62.24  ? 5   A   A "O2'" 1 
ATOM   99  C  "C1'" . A   A 1 5  ? 2.180   -4.716  8.237   1.00 67.28  ? 5   A   A "C1'" 1 
ATOM   100 N  N9    . A   A 1 5  ? 1.281   -5.264  7.223   1.00 69.60  ? 5   A   A N9    1 
ATOM   101 C  C8    . A   A 1 5  ? 0.011   -4.853  6.899   1.00 70.02  ? 5   A   A C8    1 
ATOM   102 N  N7    . A   A 1 5  ? -0.552  -5.567  5.957   1.00 70.39  ? 5   A   A N7    1 
ATOM   103 C  C5    . A   A 1 5  ? 0.412   -6.511  5.635   1.00 70.38  ? 5   A   A C5    1 
ATOM   104 C  C6    . A   A 1 5  ? 0.424   -7.564  4.711   1.00 65.37  ? 5   A   A C6    1 
ATOM   105 N  N6    . A   A 1 5  ? -0.601  -7.841  3.904   1.00 55.73  ? 5   A   A N6    1 
ATOM   106 N  N1    . A   A 1 5  ? 1.542   -8.324  4.635   1.00 71.11  ? 5   A   A N1    1 
ATOM   107 C  C2    . A   A 1 5  ? 2.576   -8.026  5.437   1.00 62.05  ? 5   A   A C2    1 
ATOM   108 N  N3    . A   A 1 5  ? 2.682   -7.061  6.350   1.00 62.31  ? 5   A   A N3    1 
ATOM   109 C  C4    . A   A 1 5  ? 1.549   -6.335  6.404   1.00 70.04  ? 5   A   A C4    1 
ATOM   110 P  P     . C   A 1 6  ? 3.423   -0.558  6.213   1.00 63.87  ? 6   C   A P     1 
ATOM   111 O  OP1   . C   A 1 6  ? 4.212   0.669   6.474   1.00 68.61  ? 6   C   A OP1   1 
ATOM   112 O  OP2   . C   A 1 6  ? 2.191   -0.466  5.384   1.00 61.80  ? 6   C   A OP2   1 
ATOM   113 O  "O5'" . C   A 1 6  ? 4.367   -1.673  5.561   1.00 59.52  ? 6   C   A "O5'" 1 
ATOM   114 C  "C5'" . C   A 1 6  ? 5.673   -1.968  6.093   1.00 61.01  ? 6   C   A "C5'" 1 
ATOM   115 C  "C4'" . C   A 1 6  ? 6.317   -3.069  5.283   1.00 68.42  ? 6   C   A "C4'" 1 
ATOM   116 O  "O4'" . C   A 1 6  ? 5.551   -4.299  5.426   1.00 66.42  ? 6   C   A "O4'" 1 
ATOM   117 C  "C3'" . C   A 1 6  ? 6.383   -2.846  3.774   1.00 69.01  ? 6   C   A "C3'" 1 
ATOM   118 O  "O3'" . C   A 1 6  ? 7.459   -1.991  3.376   1.00 69.14  ? 6   C   A "O3'" 1 
ATOM   119 C  "C2'" . C   A 1 6  ? 6.523   -4.277  3.278   1.00 66.89  ? 6   C   A "C2'" 1 
ATOM   120 O  "O2'" . C   A 1 6  ? 7.788   -4.850  3.518   1.00 67.30  ? 6   C   A "O2'" 1 
ATOM   121 C  "C1'" . C   A 1 6  ? 5.532   -4.996  4.185   1.00 68.02  ? 6   C   A "C1'" 1 
ATOM   122 N  N1    . C   A 1 6  ? 4.157   -5.020  3.648   1.00 63.85  ? 6   C   A N1    1 
ATOM   123 C  C2    . C   A 1 6  ? 3.842   -5.947  2.652   1.00 63.50  ? 6   C   A C2    1 
ATOM   124 O  O2    . C   A 1 6  ? 4.721   -6.719  2.255   1.00 70.16  ? 6   C   A O2    1 
ATOM   125 N  N3    . C   A 1 6  ? 2.586   -5.980  2.151   1.00 65.39  ? 6   C   A N3    1 
ATOM   126 C  C4    . C   A 1 6  ? 1.668   -5.119  2.598   1.00 68.73  ? 6   C   A C4    1 
ATOM   127 N  N4    . C   A 1 6  ? 0.436   -5.186  2.082   1.00 66.97  ? 6   C   A N4    1 
ATOM   128 C  C5    . C   A 1 6  ? 1.968   -4.152  3.597   1.00 70.95  ? 6   C   A C5    1 
ATOM   129 C  C6    . C   A 1 6  ? 3.213   -4.134  4.087   1.00 70.17  ? 6   C   A C6    1 
ATOM   130 P  P     . U   A 1 7  ? 7.455   -1.268  1.911   1.00 81.56  ? 7   U   A P     1 
ATOM   131 O  OP1   . U   A 1 7  ? 8.721   -0.507  1.782   1.00 81.58  ? 7   U   A OP1   1 
ATOM   132 O  OP2   . U   A 1 7  ? 6.153   -0.561  1.696   1.00 63.25  ? 7   U   A OP2   1 
ATOM   133 O  "O5'" . U   A 1 7  ? 7.496   -2.504  0.908   1.00 79.55  ? 7   U   A "O5'" 1 
ATOM   134 C  "C5'" . U   A 1 7  ? 8.681   -3.300  0.765   1.00 79.65  ? 7   U   A "C5'" 1 
ATOM   135 C  "C4'" . U   A 1 7  ? 8.487   -4.292  -0.348  1.00 84.80  ? 7   U   A "C4'" 1 
ATOM   136 O  "O4'" . U   A 1 7  ? 7.396   -5.191  -0.018  1.00 92.23  ? 7   U   A "O4'" 1 
ATOM   137 C  "C3'" . U   A 1 7  ? 8.086   -3.710  -1.691  1.00 94.36  ? 7   U   A "C3'" 1 
ATOM   138 O  "O3'" . U   A 1 7  ? 9.219   -3.131  -2.336  1.00 95.86  ? 7   U   A "O3'" 1 
ATOM   139 C  "C2'" . U   A 1 7  ? 7.470   -4.927  -2.365  1.00 96.34  ? 7   U   A "C2'" 1 
ATOM   140 O  "O2'" . U   A 1 7  ? 8.416   -5.862  -2.848  1.00 101.49 ? 7   U   A "O2'" 1 
ATOM   141 C  "C1'" . U   A 1 7  ? 6.687   -5.533  -1.201  1.00 91.12  ? 7   U   A "C1'" 1 
ATOM   142 N  N1    . U   A 1 7  ? 5.293   -5.066  -1.073  1.00 87.91  ? 7   U   A N1    1 
ATOM   143 C  C2    . U   A 1 7  ? 4.338   -5.676  -1.867  1.00 87.55  ? 7   U   A C2    1 
ATOM   144 O  O2    . U   A 1 7  ? 4.606   -6.549  -2.674  1.00 99.99  ? 7   U   A O2    1 
ATOM   145 N  N3    . U   A 1 7  ? 3.055   -5.227  -1.675  1.00 78.51  ? 7   U   A N3    1 
ATOM   146 C  C4    . U   A 1 7  ? 2.632   -4.254  -0.794  1.00 79.59  ? 7   U   A C4    1 
ATOM   147 O  O4    . U   A 1 7  ? 1.437   -3.948  -0.752  1.00 66.72  ? 7   U   A O4    1 
ATOM   148 C  C5    . U   A 1 7  ? 3.678   -3.668  -0.012  1.00 86.32  ? 7   U   A C5    1 
ATOM   149 C  C6    . U   A 1 7  ? 4.940   -4.083  -0.175  1.00 83.29  ? 7   U   A C6    1 
ATOM   150 P  P     . U   A 1 8  ? 9.068   -1.788  -3.197  1.00 102.68 ? 8   U   A P     1 
ATOM   151 O  OP1   . U   A 1 8  ? 10.430  -1.253  -3.448  1.00 106.77 ? 8   U   A OP1   1 
ATOM   152 O  OP2   . U   A 1 8  ? 8.033   -0.924  -2.572  1.00 102.66 ? 8   U   A OP2   1 
ATOM   153 O  "O5'" . U   A 1 8  ? 8.450   -2.305  -4.568  1.00 99.41  ? 8   U   A "O5'" 1 
ATOM   154 C  "C5'" . U   A 1 8  ? 9.034   -3.409  -5.284  1.00 97.15  ? 8   U   A "C5'" 1 
ATOM   155 C  "C4'" . U   A 1 8  ? 8.059   -3.951  -6.300  1.00 95.32  ? 8   U   A "C4'" 1 
ATOM   156 O  "O4'" . U   A 1 8  ? 6.998   -4.696  -5.635  1.00 97.32  ? 8   U   A "O4'" 1 
ATOM   157 C  "C3'" . U   A 1 8  ? 7.306   -2.918  -7.125  1.00 103.32 ? 8   U   A "C3'" 1 
ATOM   158 O  "O3'" . U   A 1 8  ? 8.119   -2.287  -8.119  1.00 112.38 ? 8   U   A "O3'" 1 
ATOM   159 C  "C2'" . U   A 1 8  ? 6.125   -3.747  -7.613  1.00 97.91  ? 8   U   A "C2'" 1 
ATOM   160 O  "O2'" . U   A 1 8  ? 6.403   -4.638  -8.668  1.00 103.12 ? 8   U   A "O2'" 1 
ATOM   161 C  "C1'" . U   A 1 8  ? 5.776   -4.526  -6.346  1.00 93.86  ? 8   U   A "C1'" 1 
ATOM   162 N  N1    . U   A 1 8  ? 4.803   -3.819  -5.491  1.00 89.99  ? 8   U   A N1    1 
ATOM   163 C  C2    . U   A 1 8  ? 3.461   -3.985  -5.781  1.00 87.14  ? 8   U   A C2    1 
ATOM   164 O  O2    . U   A 1 8  ? 3.059   -4.683  -6.693  1.00 86.35  ? 8   U   A O2    1 
ATOM   165 N  N3    . U   A 1 8  ? 2.605   -3.290  -4.965  1.00 86.63  ? 8   U   A N3    1 
ATOM   166 C  C4    . U   A 1 8  ? 2.938   -2.456  -3.917  1.00 85.10  ? 8   U   A C4    1 
ATOM   167 O  O4    . U   A 1 8  ? 2.047   -1.904  -3.272  1.00 88.84  ? 8   U   A O4    1 
ATOM   168 C  C5    . U   A 1 8  ? 4.345   -2.326  -3.688  1.00 77.63  ? 8   U   A C5    1 
ATOM   169 C  C6    . U   A 1 8  ? 5.208   -2.987  -4.467  1.00 80.64  ? 8   U   A C6    1 
ATOM   170 P  P     . A   A 1 9  ? 7.866   -0.744  -8.536  1.00 105.69 ? 9   A   A P     1 
ATOM   171 O  OP1   . A   A 1 9  ? 8.968   -0.343  -9.439  1.00 116.72 ? 9   A   A OP1   1 
ATOM   172 O  OP2   . A   A 1 9  ? 7.637   0.047   -7.303  1.00 106.52 ? 9   A   A OP2   1 
ATOM   173 O  "O5'" . A   A 1 9  ? 6.508   -0.818  -9.373  1.00 93.55  ? 9   A   A "O5'" 1 
ATOM   174 C  "C5'" . A   A 1 9  ? 6.463   -1.556  -10.609 1.00 89.67  ? 9   A   A "C5'" 1 
ATOM   175 C  "C4'" . A   A 1 9  ? 5.044   -1.809  -11.060 1.00 92.12  ? 9   A   A "C4'" 1 
ATOM   176 O  "O4'" . A   A 1 9  ? 4.333   -2.565  -10.049 1.00 98.35  ? 9   A   A "O4'" 1 
ATOM   177 C  "C3'" . A   A 1 9  ? 4.169   -0.584  -11.294 1.00 96.31  ? 9   A   A "C3'" 1 
ATOM   178 O  "O3'" . A   A 1 9  ? 4.403   0.023   -12.563 1.00 100.66 ? 9   A   A "O3'" 1 
ATOM   179 C  "C2'" . A   A 1 9  ? 2.765   -1.176  -11.180 1.00 101.17 ? 9   A   A "C2'" 1 
ATOM   180 O  "O2'" . A   A 1 9  ? 2.252   -1.774  -12.352 1.00 102.16 ? 9   A   A "O2'" 1 
ATOM   181 C  "C1'" . A   A 1 9  ? 2.958   -2.221  -10.076 1.00 102.25 ? 9   A   A "C1'" 1 
ATOM   182 N  N9    . A   A 1 9  ? 2.566   -1.734  -8.750  1.00 99.39  ? 9   A   A N9    1 
ATOM   183 C  C8    . A   A 1 9  ? 3.364   -1.325  -7.709  1.00 94.91  ? 9   A   A C8    1 
ATOM   184 N  N7    . A   A 1 9  ? 2.695   -0.927  -6.656  1.00 95.51  ? 9   A   A N7    1 
ATOM   185 C  C5    . A   A 1 9  ? 1.367   -1.072  -7.030  1.00 92.60  ? 9   A   A C5    1 
ATOM   186 C  C6    . A   A 1 9  ? 0.164   -0.823  -6.353  1.00 88.70  ? 9   A   A C6    1 
ATOM   187 N  N6    . A   A 1 9  ? 0.103   -0.356  -5.105  1.00 80.51  ? 9   A   A N6    1 
ATOM   188 N  N1    . A   A 1 9  ? -0.991  -1.072  -7.010  1.00 88.84  ? 9   A   A N1    1 
ATOM   189 C  C2    . A   A 1 9  ? -0.927  -1.548  -8.260  1.00 86.79  ? 9   A   A C2    1 
ATOM   190 N  N3    . A   A 1 9  ? 0.145   -1.831  -8.998  1.00 84.36  ? 9   A   A N3    1 
ATOM   191 C  C4    . A   A 1 9  ? 1.273   -1.566  -8.318  1.00 89.29  ? 9   A   A C4    1 
ATOM   192 P  P     . A   A 1 10 ? 4.350   1.636   -12.735 1.00 116.00 ? 10  A   A P     1 
ATOM   193 O  OP1   . A   A 1 10 ? 4.934   1.971   -14.057 1.00 128.12 ? 10  A   A OP1   1 
ATOM   194 O  OP2   . A   A 1 10 ? 4.918   2.256   -11.514 1.00 105.61 ? 10  A   A OP2   1 
ATOM   195 O  "O5'" . A   A 1 10 ? 2.794   1.958   -12.842 1.00 102.83 ? 10  A   A "O5'" 1 
ATOM   196 C  "C5'" . A   A 1 10 ? 2.006   1.351   -13.878 1.00 113.17 ? 10  A   A "C5'" 1 
ATOM   197 C  "C4'" . A   A 1 10 ? 0.536   1.495   -13.582 1.00 117.80 ? 10  A   A "C4'" 1 
ATOM   198 O  "O4'" . A   A 1 10 ? 0.186   0.768   -12.377 1.00 124.90 ? 10  A   A "O4'" 1 
ATOM   199 C  "C3'" . A   A 1 10 ? 0.064   2.917   -13.314 1.00 113.11 ? 10  A   A "C3'" 1 
ATOM   200 O  "O3'" . A   A 1 10 ? 0.076   3.823   -14.388 1.00 104.92 ? 10  A   A "O3'" 1 
ATOM   201 C  "C2'" . A   A 1 10 ? -1.220  2.690   -12.526 1.00 112.07 ? 10  A   A "C2'" 1 
ATOM   202 O  "O2'" . A   A 1 10 ? -2.380  2.524   -13.319 1.00 101.89 ? 10  A   A "O2'" 1 
ATOM   203 C  "C1'" . A   A 1 10 ? -0.868  1.443   -11.707 1.00 123.83 ? 10  A   A "C1'" 1 
ATOM   204 N  N9    . A   A 1 10 ? -0.428  1.750   -10.343 1.00 124.49 ? 10  A   A N9    1 
ATOM   205 C  C8    . A   A 1 10 ? 0.837   2.087   -9.927  1.00 117.13 ? 10  A   A C8    1 
ATOM   206 N  N7    . A   A 1 10 ? 0.927   2.311   -8.639  1.00 108.03 ? 10  A   A N7    1 
ATOM   207 C  C5    . A   A 1 10 ? -0.365  2.115   -8.175  1.00 111.93 ? 10  A   A C5    1 
ATOM   208 C  C6    . A   A 1 10 ? -0.932  2.204   -6.893  1.00 110.70 ? 10  A   A C6    1 
ATOM   209 N  N6    . A   A 1 10 ? -0.237  2.521   -5.799  1.00 104.18 ? 10  A   A N6    1 
ATOM   210 N  N1    . A   A 1 10 ? -2.255  1.947   -6.769  1.00 108.60 ? 10  A   A N1    1 
ATOM   211 C  C2    . A   A 1 10 ? -2.951  1.630   -7.869  1.00 112.21 ? 10  A   A C2    1 
ATOM   212 N  N3    . A   A 1 10 ? -2.529  1.513   -9.128  1.00 116.13 ? 10  A   A N3    1 
ATOM   213 C  C4    . A   A 1 10 ? -1.212  1.774   -9.214  1.00 115.01 ? 10  A   A C4    1 
ATOM   214 P  P     . G   A 1 11 ? 0.424   5.374   -14.041 1.00 103.29 ? 11  G   A P     1 
ATOM   215 O  OP1   . G   A 1 11 ? 0.171   6.189   -15.234 1.00 117.39 ? 11  G   A OP1   1 
ATOM   216 O  OP2   . G   A 1 11 ? 1.731   5.430   -13.370 1.00 99.42  ? 11  G   A OP2   1 
ATOM   217 O  "O5'" . G   A 1 11 ? -0.642  5.768   -12.936 1.00 98.15  ? 11  G   A "O5'" 1 
ATOM   218 C  "C5'" . G   A 1 11 ? -1.858  6.418   -13.312 1.00 106.32 ? 11  G   A "C5'" 1 
ATOM   219 C  "C4'" . G   A 1 11 ? -2.935  6.301   -12.255 1.00 109.42 ? 11  G   A "C4'" 1 
ATOM   220 O  "O4'" . G   A 1 11 ? -2.734  5.161   -11.374 1.00 114.67 ? 11  G   A "O4'" 1 
ATOM   221 C  "C3'" . G   A 1 11 ? -3.057  7.456   -11.286 1.00 107.56 ? 11  G   A "C3'" 1 
ATOM   222 O  "O3'" . G   A 1 11 ? -3.735  8.554   -11.845 1.00 107.81 ? 11  G   A "O3'" 1 
ATOM   223 C  "C2'" . G   A 1 11 ? -3.912  6.824   -10.208 1.00 108.71 ? 11  G   A "C2'" 1 
ATOM   224 O  "O2'" . G   A 1 11 ? -5.234  6.635   -10.653 1.00 105.37 ? 11  G   A "O2'" 1 
ATOM   225 C  "C1'" . G   A 1 11 ? -3.225  5.473   -10.078 1.00 105.56 ? 11  G   A "C1'" 1 
ATOM   226 N  N9    . G   A 1 11 ? -2.096  5.571   -9.168  1.00 97.37  ? 11  G   A N9    1 
ATOM   227 C  C8    . G   A 1 11 ? -0.763  5.530   -9.488  1.00 94.85  ? 11  G   A C8    1 
ATOM   228 N  N7    . G   A 1 11 ? 0.018   5.670   -8.453  1.00 92.61  ? 11  G   A N7    1 
ATOM   229 C  C5    . G   A 1 11 ? -0.853  5.838   -7.388  1.00 97.63  ? 11  G   A C5    1 
ATOM   230 C  C6    . G   A 1 11 ? -0.585  6.035   -6.003  1.00 94.32  ? 11  G   A C6    1 
ATOM   231 O  O6    . G   A 1 11 ? 0.508   6.110   -5.435  1.00 97.50  ? 11  G   A O6    1 
ATOM   232 N  N1    . G   A 1 11 ? -1.759  6.155   -5.264  1.00 89.46  ? 11  G   A N1    1 
ATOM   233 C  C2    . G   A 1 11 ? -3.026  6.087   -5.793  1.00 85.01  ? 11  G   A C2    1 
ATOM   234 N  N2    . G   A 1 11 ? -4.034  6.227   -4.925  1.00 74.39  ? 11  G   A N2    1 
ATOM   235 N  N3    . G   A 1 11 ? -3.287  5.906   -7.081  1.00 88.68  ? 11  G   A N3    1 
ATOM   236 C  C4    . G   A 1 11 ? -2.161  5.788   -7.815  1.00 95.38  ? 11  G   A C4    1 
ATOM   237 P  P     . U   A 1 12 ? -3.051  9.943   -11.849 1.00 87.60  ? 12  U   A P     1 
ATOM   238 O  OP1   . U   A 1 12 ? -3.386  10.561  -13.147 1.00 110.78 ? 12  U   A OP1   1 
ATOM   239 O  OP2   . U   A 1 12 ? -1.646  9.713   -11.498 1.00 92.07  ? 12  U   A OP2   1 
ATOM   240 O  "O5'" . U   A 1 12 ? -3.908  10.726  -10.737 1.00 89.83  ? 12  U   A "O5'" 1 
ATOM   241 C  "C5'" . U   A 1 12 ? -5.299  10.653  -10.671 1.00 83.60  ? 12  U   A "C5'" 1 
ATOM   242 C  "C4'" . U   A 1 12 ? -5.691  10.813  -9.182  1.00 92.22  ? 12  U   A "C4'" 1 
ATOM   243 O  "O4'" . U   A 1 12 ? -5.316  9.638   -8.407  1.00 92.27  ? 12  U   A "O4'" 1 
ATOM   244 C  "C3'" . U   A 1 12 ? -5.140  11.961  -8.353  1.00 93.92  ? 12  U   A "C3'" 1 
ATOM   245 O  "O3'" . U   A 1 12 ? -5.701  13.235  -8.649  1.00 93.21  ? 12  U   A "O3'" 1 
ATOM   246 C  "C2'" . U   A 1 12 ? -5.454  11.481  -6.947  1.00 88.21  ? 12  U   A "C2'" 1 
ATOM   247 O  "O2'" . U   A 1 12 ? -6.810  11.610  -6.585  1.00 95.14  ? 12  U   A "O2'" 1 
ATOM   248 C  "C1'" . U   A 1 12 ? -5.062  10.010  -7.057  1.00 87.41  ? 12  U   A "C1'" 1 
ATOM   249 N  N1    . U   A 1 12 ? -3.647  9.741   -6.730  1.00 87.34  ? 12  U   A N1    1 
ATOM   250 C  C2    . U   A 1 12 ? -3.311  9.596   -5.393  1.00 86.54  ? 12  U   A C2    1 
ATOM   251 O  O2    . U   A 1 12 ? -4.128  9.682   -4.490  1.00 82.25  ? 12  U   A O2    1 
ATOM   252 N  N3    . U   A 1 12 ? -1.979  9.352   -5.156  1.00 80.10  ? 12  U   A N3    1 
ATOM   253 C  C4    . U   A 1 12 ? -0.971  9.238   -6.089  1.00 81.66  ? 12  U   A C4    1 
ATOM   254 O  O4    . U   A 1 12 ? 0.179   9.010   -5.714  1.00 81.53  ? 12  U   A O4    1 
ATOM   255 C  C5    . U   A 1 12 ? -1.395  9.400   -7.445  1.00 88.01  ? 12  U   A C5    1 
ATOM   256 C  C6    . U   A 1 12 ? -2.683  9.649   -7.713  1.00 88.75  ? 12  U   A C6    1 
ATOM   257 P  P     . C   A 1 13 ? -4.805  14.544  -8.453  1.00 95.90  ? 13  C   A P     1 
ATOM   258 O  OP1   . C   A 1 13 ? -5.538  15.712  -9.027  1.00 91.39  ? 13  C   A OP1   1 
ATOM   259 O  OP2   . C   A 1 13 ? -3.422  14.225  -8.915  1.00 81.63  ? 13  C   A OP2   1 
ATOM   260 O  "O5'" . C   A 1 13 ? -4.775  14.723  -6.871  1.00 86.11  ? 13  C   A "O5'" 1 
ATOM   261 C  "C5'" . C   A 1 13 ? -5.989  14.730  -6.114  1.00 85.14  ? 13  C   A "C5'" 1 
ATOM   262 C  "C4'" . C   A 1 13 ? -5.681  14.617  -4.646  1.00 86.14  ? 13  C   A "C4'" 1 
ATOM   263 O  "O4'" . C   A 1 13 ? -5.108  13.322  -4.326  1.00 83.25  ? 13  C   A "O4'" 1 
ATOM   264 C  "C3'" . C   A 1 13 ? -4.650  15.602  -4.140  1.00 80.52  ? 13  C   A "C3'" 1 
ATOM   265 O  "O3'" . C   A 1 13 ? -5.315  16.825  -3.873  1.00 76.47  ? 13  C   A "O3'" 1 
ATOM   266 C  "C2'" . C   A 1 13 ? -4.197  14.941  -2.855  1.00 74.43  ? 13  C   A "C2'" 1 
ATOM   267 O  "O2'" . C   A 1 13 ? -5.153  15.217  -1.855  1.00 73.77  ? 13  C   A "O2'" 1 
ATOM   268 C  "C1'" . C   A 1 13 ? -4.169  13.470  -3.273  1.00 74.62  ? 13  C   A "C1'" 1 
ATOM   269 N  N1    . C   A 1 13 ? -2.839  13.029  -3.743  1.00 71.08  ? 13  C   A N1    1 
ATOM   270 C  C2    . C   A 1 13 ? -1.843  12.770  -2.792  1.00 66.65  ? 13  C   A C2    1 
ATOM   271 O  O2    . C   A 1 13 ? -2.119  12.874  -1.588  1.00 60.79  ? 13  C   A O2    1 
ATOM   272 N  N3    . C   A 1 13 ? -0.612  12.393  -3.209  1.00 60.24  ? 13  C   A N3    1 
ATOM   273 C  C4    . C   A 1 13 ? -0.356  12.278  -4.513  1.00 57.78  ? 13  C   A C4    1 
ATOM   274 N  N4    . C   A 1 13 ? 0.860   11.885  -4.876  1.00 57.13  ? 13  C   A N4    1 
ATOM   275 C  C5    . C   A 1 13 ? -1.347  12.541  -5.504  1.00 61.38  ? 13  C   A C5    1 
ATOM   276 C  C6    . C   A 1 13 ? -2.561  12.922  -5.079  1.00 69.65  ? 13  C   A C6    1 
ATOM   277 P  P     . G   A 1 14 ? -4.373  18.113  -3.932  1.00 78.43  ? 14  G   A P     1 
ATOM   278 O  OP1   . G   A 1 14 ? -5.157  19.255  -3.492  1.00 80.66  ? 14  G   A OP1   1 
ATOM   279 O  OP2   . G   A 1 14 ? -3.634  18.161  -5.192  1.00 62.49  ? 14  G   A OP2   1 
ATOM   280 O  "O5'" . G   A 1 14 ? -3.286  17.797  -2.825  1.00 75.13  ? 14  G   A "O5'" 1 
ATOM   281 C  "C5'" . G   A 1 14 ? -3.336  18.422  -1.530  1.00 70.12  ? 14  G   A "C5'" 1 
ATOM   282 C  "C4'" . G   A 1 14 ? -2.292  17.879  -0.572  1.00 68.47  ? 14  G   A "C4'" 1 
ATOM   283 O  "O4'" . G   A 1 14 ? -1.858  16.553  -0.937  1.00 58.56  ? 14  G   A "O4'" 1 
ATOM   284 C  "C3'" . G   A 1 14 ? -1.001  18.662  -0.479  1.00 70.12  ? 14  G   A "C3'" 1 
ATOM   285 O  "O3'" . G   A 1 14 ? -1.060  19.900  0.206   1.00 73.83  ? 14  G   A "O3'" 1 
ATOM   286 C  "C2'" . G   A 1 14 ? -0.040  17.648  0.122   1.00 64.73  ? 14  G   A "C2'" 1 
ATOM   287 O  "O2'" . G   A 1 14 ? -0.067  17.592  1.525   1.00 66.62  ? 14  G   A "O2'" 1 
ATOM   288 C  "C1'" . G   A 1 14 ? -0.570  16.328  -0.429  1.00 67.78  ? 14  G   A "C1'" 1 
ATOM   289 N  N9    . G   A 1 14 ? 0.249   15.793  -1.503  1.00 73.56  ? 14  G   A N9    1 
ATOM   290 C  C8    . G   A 1 14 ? -0.074  15.727  -2.834  1.00 73.36  ? 14  G   A C8    1 
ATOM   291 N  N7    . G   A 1 14 ? 0.866   15.189  -3.563  1.00 69.66  ? 14  G   A N7    1 
ATOM   292 C  C5    . G   A 1 14 ? 1.865   14.875  -2.655  1.00 69.69  ? 14  G   A C5    1 
ATOM   293 C  C6    . G   A 1 14 ? 3.139   14.274  -2.861  1.00 70.24  ? 14  G   A C6    1 
ATOM   294 O  O6    . G   A 1 14 ? 3.643   13.887  -3.918  1.00 62.68  ? 14  G   A O6    1 
ATOM   295 N  N1    . G   A 1 14 ? 3.848   14.148  -1.672  1.00 65.05  ? 14  G   A N1    1 
ATOM   296 C  C2    . G   A 1 14 ? 3.384   14.544  -0.441  1.00 62.57  ? 14  G   A C2    1 
ATOM   297 N  N2    . G   A 1 14 ? 4.210   14.346  0.588   1.00 64.16  ? 14  G   A N2    1 
ATOM   298 N  N3    . G   A 1 14 ? 2.204   15.113  -0.237  1.00 63.58  ? 14  G   A N3    1 
ATOM   299 C  C4    . G   A 1 14 ? 1.502   15.248  -1.381  1.00 70.89  ? 14  G   A C4    1 
HETATM 300 O  "O5'" . LCC B 1 1  ? 16.120  9.560   -10.723 1.00 80.12  ? 1   LCC B "O5'" 1 
HETATM 301 C  "C5'" . LCC B 1 1  ? 17.280  9.688   -9.854  1.00 80.64  ? 1   LCC B "C5'" 1 
HETATM 302 C  "C4'" . LCC B 1 1  ? 16.857  10.612  -8.675  1.00 83.33  ? 1   LCC B "C4'" 1 
HETATM 303 O  "O4'" . LCC B 1 1  ? 16.544  12.006  -8.931  1.00 82.41  ? 1   LCC B "O4'" 1 
HETATM 304 C  "C1'" . LCC B 1 1  ? 15.751  12.434  -7.792  1.00 77.45  ? 1   LCC B "C1'" 1 
HETATM 305 N  N1    . LCC B 1 1  ? 14.391  12.884  -8.201  1.00 75.51  ? 1   LCC B N1    1 
HETATM 306 C  C6    . LCC B 1 1  ? 13.821  12.476  -9.436  1.00 68.96  ? 1   LCC B C6    1 
HETATM 307 C  C5    . LCC B 1 1  ? 12.562  12.916  -9.788  1.00 70.98  ? 1   LCC B C5    1 
HETATM 308 C  C5M   . LCC B 1 1  ? 12.021  12.493  -11.014 1.00 80.57  ? 1   LCC B C5M   1 
HETATM 309 C  C4    . LCC B 1 1  ? 11.903  13.779  -8.891  1.00 63.82  ? 1   LCC B C4    1 
HETATM 310 N  N4    . LCC B 1 1  ? 10.682  14.262  -9.219  1.00 54.70  ? 1   LCC B N4    1 
HETATM 311 N  N3    . LCC B 1 1  ? 12.480  14.138  -7.717  1.00 60.11  ? 1   LCC B N3    1 
HETATM 312 C  C2    . LCC B 1 1  ? 13.704  13.709  -7.375  1.00 69.87  ? 1   LCC B C2    1 
HETATM 313 O  O2    . LCC B 1 1  ? 14.177  14.076  -6.297  1.00 77.40  ? 1   LCC B O2    1 
HETATM 314 C  "C3'" . LCC B 1 1  ? 15.597  10.196  -8.040  1.00 82.61  ? 1   LCC B "C3'" 1 
HETATM 315 C  "C2'" . LCC B 1 1  ? 15.723  11.232  -6.945  1.00 79.83  ? 1   LCC B "C2'" 1 
HETATM 316 O  "O2'" . LCC B 1 1  ? 17.077  11.067  -6.387  1.00 77.30  ? 1   LCC B "O2'" 1 
HETATM 317 O  "O3'" . LCC B 1 1  ? 15.608  9.134   -7.164  1.00 87.06  ? 1   LCC B "O3'" 1 
HETATM 318 C  "C6'" . LCC B 1 1  ? 17.915  10.582  -7.496  1.00 79.96  ? 1   LCC B "C6'" 1 
HETATM 319 O  "O5'" . LCC B 1 2  ? 14.297  9.175   -4.598  1.00 77.83  ? 2   LCC B "O5'" 1 
HETATM 320 C  "C5'" . LCC B 1 2  ? 15.270  9.671   -3.658  1.00 75.38  ? 2   LCC B "C5'" 1 
HETATM 321 C  "C4'" . LCC B 1 2  ? 14.541  10.737  -2.886  1.00 76.71  ? 2   LCC B "C4'" 1 
HETATM 322 O  "O4'" . LCC B 1 2  ? 14.181  11.824  -3.693  1.00 74.74  ? 2   LCC B "O4'" 1 
HETATM 323 C  "C1'" . LCC B 1 2  ? 13.214  12.510  -2.921  1.00 74.78  ? 2   LCC B "C1'" 1 
HETATM 324 N  N1    . LCC B 1 2  ? 12.007  12.609  -3.727  1.00 72.43  ? 2   LCC B N1    1 
HETATM 325 C  C6    . LCC B 1 2  ? 11.882  11.825  -4.882  1.00 64.18  ? 2   LCC B C6    1 
HETATM 326 C  C5    . LCC B 1 2  ? 10.735  11.950  -5.622  1.00 70.83  ? 2   LCC B C5    1 
HETATM 327 C  C5M   . LCC B 1 2  ? 10.562  11.184  -6.791  1.00 73.30  ? 2   LCC B C5M   1 
HETATM 328 C  C4    . LCC B 1 2  ? 9.776   12.857  -5.169  1.00 67.85  ? 2   LCC B C4    1 
HETATM 329 N  N4    . LCC B 1 2  ? 8.672   12.985  -5.886  1.00 73.21  ? 2   LCC B N4    1 
HETATM 330 N  N3    . LCC B 1 2  ? 9.932   13.589  -4.064  1.00 65.86  ? 2   LCC B N3    1 
HETATM 331 C  C2    . LCC B 1 2  ? 11.040  13.475  -3.328  1.00 71.76  ? 2   LCC B C2    1 
HETATM 332 O  O2    . LCC B 1 2  ? 11.141  14.190  -2.315  1.00 64.05  ? 2   LCC B O2    1 
HETATM 333 C  "C3'" . LCC B 1 2  ? 13.243  10.373  -2.346  1.00 76.82  ? 2   LCC B "C3'" 1 
HETATM 334 C  "C2'" . LCC B 1 2  ? 13.021  11.650  -1.730  1.00 77.16  ? 2   LCC B "C2'" 1 
HETATM 335 O  "O2'" . LCC B 1 2  ? 14.218  11.757  -0.865  1.00 87.31  ? 2   LCC B "O2'" 1 
HETATM 336 O  "O3'" . LCC B 1 2  ? 13.166  9.374   -1.346  1.00 75.42  ? 2   LCC B "O3'" 1 
HETATM 337 C  "C6'" . LCC B 1 2  ? 15.356  11.200  -1.645  1.00 79.20  ? 2   LCC B "C6'" 1 
HETATM 338 P  P     . LCC B 1 2  ? 14.943  8.410   -5.874  1.00 75.85  ? 2   LCC B P     1 
HETATM 339 O  O1P   . LCC B 1 2  ? 13.863  8.051   -6.834  1.00 76.60  ? 2   LCC B O1P   1 
HETATM 340 O  O2P   . LCC B 1 2  ? 15.613  7.135   -5.468  1.00 85.11  ? 2   LCC B O2P   1 
HETATM 341 O  "O5'" . LCC B 1 3  ? 11.058  8.813   -0.183  1.00 67.53  ? 3   LCC B "O5'" 1 
HETATM 342 C  "C5'" . LCC B 1 3  ? 11.627  9.497   0.949   1.00 70.27  ? 3   LCC B "C5'" 1 
HETATM 343 C  "C4'" . LCC B 1 3  ? 10.548  10.502  1.386   1.00 73.79  ? 3   LCC B "C4'" 1 
HETATM 344 O  "O4'" . LCC B 1 3  ? 10.298  11.636  0.533   1.00 65.16  ? 3   LCC B "O4'" 1 
HETATM 345 C  "C1'" . LCC B 1 3  ? 8.958   11.999  0.875   1.00 66.03  ? 3   LCC B "C1'" 1 
HETATM 346 N  N1    . LCC B 1 3  ? 8.144   11.895  -0.320  1.00 65.94  ? 3   LCC B N1    1 
HETATM 347 C  C6    . LCC B 1 3  ? 8.546   11.094  -1.406  1.00 72.51  ? 3   LCC B C6    1 
HETATM 348 C  C5    . LCC B 1 3  ? 7.775   11.048  -2.555  1.00 73.62  ? 3   LCC B C5    1 
HETATM 349 C  C5M   . LCC B 1 3  ? 8.180   10.221  -3.603  1.00 76.32  ? 3   LCC B C5M   1 
HETATM 350 C  C4    . LCC B 1 3  ? 6.628   11.849  -2.589  1.00 75.46  ? 3   LCC B C4    1 
HETATM 351 N  N4    . LCC B 1 3  ? 5.873   11.832  -3.677  1.00 65.12  ? 3   LCC B N4    1 
HETATM 352 N  N3    . LCC B 1 3  ? 6.289   12.618  -1.533  1.00 82.83  ? 3   LCC B N3    1 
HETATM 353 C  C2    . LCC B 1 3  ? 7.036   12.649  -0.416  1.00 70.66  ? 3   LCC B C2    1 
HETATM 354 O  O2    . LCC B 1 3  ? 6.664   13.380  0.495   1.00 59.29  ? 3   LCC B O2    1 
HETATM 355 C  "C3'" . LCC B 1 3  ? 9.246   9.871   1.480   1.00 74.35  ? 3   LCC B "C3'" 1 
HETATM 356 C  "C2'" . LCC B 1 3  ? 8.558   11.076  1.942   1.00 67.71  ? 3   LCC B "C2'" 1 
HETATM 357 O  "O2'" . LCC B 1 3  ? 9.340   11.390  3.120   1.00 70.35  ? 3   LCC B "O2'" 1 
HETATM 358 O  "O3'" . LCC B 1 3  ? 9.224   8.809   2.413   1.00 72.47  ? 3   LCC B "O3'" 1 
HETATM 359 C  "C6'" . LCC B 1 3  ? 10.750  11.047  2.817   1.00 70.97  ? 3   LCC B "C6'" 1 
HETATM 360 P  P     . LCC B 1 3  ? 12.082  8.109   -1.231  1.00 68.85  ? 3   LCC B P     1 
HETATM 361 O  O1P   . LCC B 1 3  ? 11.376  8.132   -2.535  1.00 72.06  ? 3   LCC B O1P   1 
HETATM 362 O  O2P   . LCC B 1 3  ? 12.480  6.755   -0.755  1.00 73.60  ? 3   LCC B O2P   1 
HETATM 363 P  P     . LCG B 1 4  ? 7.929   7.877   2.918   1.00 66.76  ? 4   LCG B P     1 
HETATM 364 O  OP1   . LCG B 1 4  ? 8.555   6.799   3.713   1.00 69.31  ? 4   LCG B OP1   1 
HETATM 365 O  "O5'" . LCG B 1 4  ? 6.388   8.131   3.538   1.00 81.09  ? 4   LCG B "O5'" 1 
HETATM 366 C  "C5'" . LCG B 1 4  ? 6.312   9.222   4.376   1.00 73.20  ? 4   LCG B "C5'" 1 
HETATM 367 C  "C3'" . LCG B 1 4  ? 3.943   9.048   3.798   1.00 72.15  ? 4   LCG B "C3'" 1 
HETATM 368 C  "C6'" . LCG B 1 4  ? 4.303   10.459  5.601   1.00 95.99  ? 4   LCG B "C6'" 1 
HETATM 369 N  N9    . LCG B 1 4  ? 3.644   10.859  1.455   1.00 63.25  ? 4   LCG B N9    1 
HETATM 370 C  C8    . LCG B 1 4  ? 4.606   10.308  0.692   1.00 62.51  ? 4   LCG B C8    1 
HETATM 371 C  C4    . LCG B 1 4  ? 2.658   11.232  0.678   1.00 61.86  ? 4   LCG B C4    1 
HETATM 372 N  N7    . LCG B 1 4  ? 4.205   10.325  -0.565  1.00 64.89  ? 4   LCG B N7    1 
HETATM 373 C  C5    . LCG B 1 4  ? 3.007   10.904  -0.577  1.00 66.48  ? 4   LCG B C5    1 
HETATM 374 C  C6    . LCG B 1 4  ? 2.200   11.190  -1.582  1.00 68.10  ? 4   LCG B C6    1 
HETATM 375 C  "C2'" . LCG B 1 4  ? 2.857   10.107  3.813   1.00 70.53  ? 4   LCG B "C2'" 1 
HETATM 376 O  O6    . LCG B 1 4  ? 2.509   10.895  -2.733  1.00 64.37  ? 4   LCG B O6    1 
HETATM 377 C  "C4'" . LCG B 1 4  ? 4.973   9.937   4.234   1.00 77.98  ? 4   LCG B "C4'" 1 
HETATM 378 C  "C1'" . LCG B 1 4  ? 3.569   11.129  2.939   1.00 66.70  ? 4   LCG B "C1'" 1 
HETATM 379 C  C2    . LCG B 1 4  ? 0.647   12.146  0.030   1.00 70.54  ? 4   LCG B C2    1 
HETATM 380 N  N1    . LCG B 1 4  ? 0.988   11.819  -1.303  1.00 70.79  ? 4   LCG B N1    1 
HETATM 381 O  "O4'" . LCG B 1 4  ? 4.960   11.031  3.291   1.00 70.26  ? 4   LCG B "O4'" 1 
HETATM 382 O  OP2   . LCG B 1 4  ? 7.496   7.494   1.531   1.00 67.15  ? 4   LCG B OP2   1 
HETATM 383 N  N2    . LCG B 1 4  ? -0.499  12.733  0.339   1.00 70.05  ? 4   LCG B N2    1 
HETATM 384 N  N3    . LCG B 1 4  ? 1.509   11.854  1.005   1.00 61.91  ? 4   LCG B N3    1 
HETATM 385 O  "O2'" . LCG B 1 4  ? 2.821   10.453  5.222   1.00 70.41  ? 4   LCG B "O2'" 1 
HETATM 386 O  "O3'" . LCG B 1 4  ? 3.877   8.130   4.866   1.00 64.56  ? 4   LCG B "O3'" 1 
ATOM   387 P  P     . A   B 1 5  ? 2.828   6.825   4.777   1.00 61.58  ? 5   A   B P     1 
ATOM   388 O  OP1   . A   B 1 5  ? 3.101   6.667   6.228   1.00 63.22  ? 5   A   B OP1   1 
ATOM   389 O  OP2   . A   B 1 5  ? 3.205   5.802   3.769   1.00 54.24  ? 5   A   B OP2   1 
ATOM   390 O  "O5'" . A   B 1 5  ? 1.364   7.335   4.457   1.00 50.14  ? 5   A   B "O5'" 1 
ATOM   391 C  "C5'" . A   B 1 5  ? 0.531   7.817   5.494   1.00 54.29  ? 5   A   B "C5'" 1 
ATOM   392 C  "C4'" . A   B 1 5  ? -0.743  8.298   4.864   1.00 60.38  ? 5   A   B "C4'" 1 
ATOM   393 O  "O4'" . A   B 1 5  ? -0.451  9.324   3.880   1.00 59.39  ? 5   A   B "O4'" 1 
ATOM   394 C  "C3'" . A   B 1 5  ? -1.510  7.264   4.052   1.00 58.94  ? 5   A   B "C3'" 1 
ATOM   395 O  "O3'" . A   B 1 5  ? -2.149  6.369   4.933   1.00 66.19  ? 5   A   B "O3'" 1 
ATOM   396 C  "C2'" . A   B 1 5  ? -2.397  8.171   3.224   1.00 62.92  ? 5   A   B "C2'" 1 
ATOM   397 O  "O2'" . A   B 1 5  ? -3.406  8.853   3.947   1.00 64.06  ? 5   A   B "O2'" 1 
ATOM   398 C  "C1'" . A   B 1 5  ? -1.371  9.216   2.797   1.00 67.65  ? 5   A   B "C1'" 1 
ATOM   399 N  N9    . A   B 1 5  ? -0.632  8.870   1.582   1.00 65.76  ? 5   A   B N9    1 
ATOM   400 C  C8    . A   B 1 5  ? 0.627   8.328   1.476   1.00 68.60  ? 5   A   B C8    1 
ATOM   401 N  N7    . A   B 1 5  ? 1.028   8.161   0.242   1.00 71.50  ? 5   A   B N7    1 
ATOM   402 C  C5    . A   B 1 5  ? -0.040  8.612   -0.519  1.00 66.24  ? 5   A   B C5    1 
ATOM   403 C  C6    . A   B 1 5  ? -0.239  8.694   -1.903  1.00 62.97  ? 5   A   B C6    1 
ATOM   404 N  N6    . A   B 1 5  ? 0.670   8.308   -2.800  1.00 52.81  ? 5   A   B N6    1 
ATOM   405 N  N1    . A   B 1 5  ? -1.419  9.194   -2.341  1.00 70.50  ? 5   A   B N1    1 
ATOM   406 C  C2    . A   B 1 5  ? -2.329  9.580   -1.435  1.00 60.91  ? 5   A   B C2    1 
ATOM   407 N  N3    . A   B 1 5  ? -2.260  9.543   -0.105  1.00 62.48  ? 5   A   B N3    1 
ATOM   408 C  C4    . A   B 1 5  ? -1.073  9.045   0.293   1.00 65.78  ? 5   A   B C4    1 
ATOM   409 P  P     . C   B 1 6  ? -2.632  4.924   4.421   1.00 70.53  ? 6   C   B P     1 
ATOM   410 O  OP1   . C   B 1 6  ? -3.319  4.267   5.563   1.00 68.92  ? 6   C   B OP1   1 
ATOM   411 O  OP2   . C   B 1 6  ? -1.488  4.241   3.761   1.00 64.85  ? 6   C   B OP2   1 
ATOM   412 O  "O5'" . C   B 1 6  ? -3.721  5.280   3.306   1.00 63.41  ? 6   C   B "O5'" 1 
ATOM   413 C  "C5'" . C   B 1 6  ? -4.982  5.882   3.649   1.00 64.45  ? 6   C   B "C5'" 1 
ATOM   414 C  "C4'" . C   B 1 6  ? -5.760  6.175   2.393   1.00 68.95  ? 6   C   B "C4'" 1 
ATOM   415 O  "O4'" . C   B 1 6  ? -4.993  7.086   1.560   1.00 70.08  ? 6   C   B "O4'" 1 
ATOM   416 C  "C3'" . C   B 1 6  ? -6.018  4.984   1.479   1.00 68.06  ? 6   C   B "C3'" 1 
ATOM   417 O  "O3'" . C   B 1 6  ? -7.120  4.155   1.859   1.00 74.96  ? 6   C   B "O3'" 1 
ATOM   418 C  "C2'" . C   B 1 6  ? -6.258  5.678   0.153   1.00 64.16  ? 6   C   B "C2'" 1 
ATOM   419 O  "O2'" . C   B 1 6  ? -7.478  6.370   0.092   1.00 62.47  ? 6   C   B "O2'" 1 
ATOM   420 C  "C1'" . C   B 1 6  ? -5.169  6.738   0.191   1.00 71.98  ? 6   C   B "C1'" 1 
ATOM   421 N  N1    . C   B 1 6  ? -3.891  6.270   -0.372  1.00 69.56  ? 6   C   B N1    1 
ATOM   422 C  C2    . C   B 1 6  ? -3.703  6.346   -1.756  1.00 71.72  ? 6   C   B C2    1 
ATOM   423 O  O2    . C   B 1 6  ? -4.615  6.799   -2.461  1.00 73.34  ? 6   C   B O2    1 
ATOM   424 N  N3    . C   B 1 6  ? -2.526  5.936   -2.287  1.00 72.01  ? 6   C   B N3    1 
ATOM   425 C  C4    . C   B 1 6  ? -1.565  5.460   -1.490  1.00 70.60  ? 6   C   B C4    1 
ATOM   426 N  N4    . C   B 1 6  ? -0.411  5.083   -2.053  1.00 66.14  ? 6   C   B N4    1 
ATOM   427 C  C5    . C   B 1 6  ? -1.737  5.357   -0.080  1.00 74.51  ? 6   C   B C5    1 
ATOM   428 C  C6    . C   B 1 6  ? -2.905  5.769   0.432   1.00 75.19  ? 6   C   B C6    1 
ATOM   429 P  P     . U   B 1 7  ? -7.125  2.594   1.448   1.00 78.39  ? 7   U   B P     1 
ATOM   430 O  OP1   . U   B 1 7  ? -8.231  1.928   2.174   1.00 80.95  ? 7   U   B OP1   1 
ATOM   431 O  OP2   . U   B 1 7  ? -5.734  2.060   1.560   1.00 72.94  ? 7   U   B OP2   1 
ATOM   432 O  "O5'" . U   B 1 7  ? -7.472  2.639   -0.099  1.00 73.17  ? 7   U   B "O5'" 1 
ATOM   433 C  "C5'" . U   B 1 7  ? -8.696  3.225   -0.553  1.00 80.62  ? 7   U   B "C5'" 1 
ATOM   434 C  "C4'" . U   B 1 7  ? -8.722  3.181   -2.055  1.00 86.04  ? 7   U   B "C4'" 1 
ATOM   435 O  "O4'" . U   B 1 7  ? -7.631  3.984   -2.578  1.00 90.55  ? 7   U   B "O4'" 1 
ATOM   436 C  "C3'" . U   B 1 7  ? -8.488  1.809   -2.661  1.00 91.74  ? 7   U   B "C3'" 1 
ATOM   437 O  "O3'" . U   B 1 7  ? -9.680  1.039   -2.576  1.00 91.07  ? 7   U   B "O3'" 1 
ATOM   438 C  "C2'" . U   B 1 7  ? -8.005  2.179   -4.055  1.00 93.97  ? 7   U   B "C2'" 1 
ATOM   439 O  "O2'" . U   B 1 7  ? -9.041  2.617   -4.908  1.00 100.41 ? 7   U   B "O2'" 1 
ATOM   440 C  "C1'" . U   B 1 7  ? -7.091  3.363   -3.737  1.00 86.64  ? 7   U   B "C1'" 1 
ATOM   441 N  N1    . U   B 1 7  ? -5.666  3.043   -3.503  1.00 77.48  ? 7   U   B N1    1 
ATOM   442 C  C2    . U   B 1 7  ? -4.884  2.793   -4.616  1.00 75.52  ? 7   U   B C2    1 
ATOM   443 O  O2    . U   B 1 7  ? -5.332  2.778   -5.748  1.00 86.21  ? 7   U   B O2    1 
ATOM   444 N  N3    . U   B 1 7  ? -3.558  2.551   -4.351  1.00 68.81  ? 7   U   B N3    1 
ATOM   445 C  C4    . U   B 1 7  ? -2.944  2.528   -3.117  1.00 71.90  ? 7   U   B C4    1 
ATOM   446 O  O4    . U   B 1 7  ? -1.739  2.271   -3.043  1.00 64.52  ? 7   U   B O4    1 
ATOM   447 C  C5    . U   B 1 7  ? -3.817  2.793   -2.013  1.00 72.19  ? 7   U   B C5    1 
ATOM   448 C  C6    . U   B 1 7  ? -5.116  3.036   -2.238  1.00 73.18  ? 7   U   B C6    1 
ATOM   449 P  P     . U   B 1 8  ? -9.608  -0.545  -2.387  1.00 96.74  ? 8   U   B P     1 
ATOM   450 O  OP1   . U   B 1 8  ? -10.982 -1.028  -2.117  1.00 101.27 ? 8   U   B OP1   1 
ATOM   451 O  OP2   . U   B 1 8  ? -8.500  -0.880  -1.449  1.00 91.16  ? 8   U   B OP2   1 
ATOM   452 O  "O5'" . U   B 1 8  ? -9.097  -1.052  -3.804  1.00 93.50  ? 8   U   B "O5'" 1 
ATOM   453 C  "C5'" . U   B 1 8  ? -9.798  -0.755  -5.021  1.00 95.47  ? 8   U   B "C5'" 1 
ATOM   454 C  "C4'" . U   B 1 8  ? -8.987  -1.232  -6.199  1.00 94.20  ? 8   U   B "C4'" 1 
ATOM   455 O  "O4'" . U   B 1 8  ? -7.876  -0.322  -6.439  1.00 97.39  ? 8   U   B "O4'" 1 
ATOM   456 C  "C3'" . U   B 1 8  ? -8.305  -2.583  -6.025  1.00 104.04 ? 8   U   B "C3'" 1 
ATOM   457 O  "O3'" . U   B 1 8  ? -9.175  -3.717  -6.106  1.00 100.39 ? 8   U   B "O3'" 1 
ATOM   458 C  "C2'" . U   B 1 8  ? -7.216  -2.503  -7.087  1.00 99.91  ? 8   U   B "C2'" 1 
ATOM   459 O  "O2'" . U   B 1 8  ? -7.665  -2.745  -8.398  1.00 106.98 ? 8   U   B "O2'" 1 
ATOM   460 C  "C1'" . U   B 1 8  ? -6.760  -1.051  -6.938  1.00 96.56  ? 8   U   B "C1'" 1 
ATOM   461 N  N1    . U   B 1 8  ? -5.619  -0.902  -6.013  1.00 94.88  ? 8   U   B N1    1 
ATOM   462 C  C2    . U   B 1 8  ? -4.345  -1.025  -6.542  1.00 89.61  ? 8   U   B C2    1 
ATOM   463 O  O2    . U   B 1 8  ? -4.133  -1.215  -7.725  1.00 91.61  ? 8   U   B O2    1 
ATOM   464 N  N3    . U   B 1 8  ? -3.328  -0.894  -5.631  1.00 85.45  ? 8   U   B N3    1 
ATOM   465 C  C4    . U   B 1 8  ? -3.444  -0.682  -4.273  1.00 88.06  ? 8   U   B C4    1 
ATOM   466 O  O4    . U   B 1 8  ? -2.428  -0.587  -3.585  1.00 90.41  ? 8   U   B O4    1 
ATOM   467 C  C5    . U   B 1 8  ? -4.791  -0.589  -3.799  1.00 87.83  ? 8   U   B C5    1 
ATOM   468 C  C6    . U   B 1 8  ? -5.807  -0.712  -4.660  1.00 89.25  ? 8   U   B C6    1 
ATOM   469 P  P     . A   B 1 9  ? -8.722  -5.128  -5.464  1.00 112.36 ? 9   A   B P     1 
ATOM   470 O  OP1   . A   B 1 9  ? -9.836  -6.082  -5.647  1.00 118.25 ? 9   A   B OP1   1 
ATOM   471 O  OP2   . A   B 1 9  ? -8.202  -4.887  -4.093  1.00 109.21 ? 9   A   B OP2   1 
ATOM   472 O  "O5'" . A   B 1 9  ? -7.493  -5.571  -6.383  1.00 100.90 ? 9   A   B "O5'" 1 
ATOM   473 C  "C5'" . A   B 1 9  ? -7.698  -5.950  -7.757  1.00 92.86  ? 9   A   B "C5'" 1 
ATOM   474 C  "C4'" . A   B 1 9  ? -6.385  -6.218  -8.452  1.00 93.25  ? 9   A   B "C4'" 1 
ATOM   475 O  "O4'" . A   B 1 9  ? -5.538  -5.042  -8.408  1.00 93.46  ? 9   A   B "O4'" 1 
ATOM   476 C  "C3'" . A   B 1 9  ? -5.524  -7.313  -7.841  1.00 94.86  ? 9   A   B "C3'" 1 
ATOM   477 O  "O3'" . A   B 1 9  ? -5.982  -8.598  -8.238  1.00 103.74 ? 9   A   B "O3'" 1 
ATOM   478 C  "C2'" . A   B 1 9  ? -4.139  -6.967  -8.375  1.00 99.55  ? 9   A   B "C2'" 1 
ATOM   479 O  "O2'" . A   B 1 9  ? -3.844  -7.479  -9.656  1.00 96.76  ? 9   A   B "O2'" 1 
ATOM   480 C  "C1'" . A   B 1 9  ? -4.174  -5.436  -8.351  1.00 100.80 ? 9   A   B "C1'" 1 
ATOM   481 N  N9    . A   B 1 9  ? -3.578  -4.878  -7.133  1.00 102.49 ? 9   A   B N9    1 
ATOM   482 C  C8    . A   B 1 9  ? -4.220  -4.499  -5.979  1.00 100.46 ? 9   A   B C8    1 
ATOM   483 N  N7    . A   B 1 9  ? -3.413  -4.051  -5.048  1.00 101.72 ? 9   A   B N7    1 
ATOM   484 C  C5    . A   B 1 9  ? -2.154  -4.154  -5.622  1.00 98.37  ? 9   A   B C5    1 
ATOM   485 C  C6    . A   B 1 9  ? -0.874  -3.835  -5.146  1.00 98.12  ? 9   A   B C6    1 
ATOM   486 N  N6    . A   B 1 9  ? -0.646  -3.330  -3.932  1.00 92.54  ? 9   A   B N6    1 
ATOM   487 N  N1    . A   B 1 9  ? 0.177   -4.053  -5.967  1.00 97.32  ? 9   A   B N1    1 
ATOM   488 C  C2    . A   B 1 9  ? -0.059  -4.558  -7.187  1.00 94.47  ? 9   A   B C2    1 
ATOM   489 N  N3    . A   B 1 9  ? -1.220  -4.893  -7.749  1.00 93.90  ? 9   A   B N3    1 
ATOM   490 C  C4    . A   B 1 9  ? -2.240  -4.664  -6.904  1.00 97.66  ? 9   A   B C4    1 
ATOM   491 P  P     . A   B 1 10 ? -5.852  -9.779  -7.196  1.00 116.94 ? 10  A   B P     1 
ATOM   492 O  OP1   . A   B 1 10 ? -6.469  -10.970 -7.774  1.00 125.42 ? 10  A   B OP1   1 
ATOM   493 O  OP2   . A   B 1 10 ? -6.323  -9.288  -5.897  1.00 100.00 ? 10  A   B OP2   1 
ATOM   494 O  "O5'" . A   B 1 10 ? -4.288  -10.044 -7.154  1.00 99.58  ? 10  A   B "O5'" 1 
ATOM   495 C  "C5'" . A   B 1 10 ? -3.667  -10.660 -8.280  1.00 105.02 ? 10  A   B "C5'" 1 
ATOM   496 C  "C4'" . A   B 1 10 ? -2.168  -10.678 -8.145  1.00 106.27 ? 10  A   B "C4'" 1 
ATOM   497 O  "O4'" . A   B 1 10 ? -1.651  -9.325  -8.069  1.00 110.28 ? 10  A   B "O4'" 1 
ATOM   498 C  "C3'" . A   B 1 10 ? -1.605  -11.319 -6.890  1.00 103.08 ? 10  A   B "C3'" 1 
ATOM   499 O  "O3'" . A   B 1 10 ? -1.631  -12.728 -6.813  1.00 101.95 ? 10  A   B "O3'" 1 
ATOM   500 C  "C2'" . A   B 1 10 ? -0.200  -10.760 -6.897  1.00 101.35 ? 10  A   B "C2'" 1 
ATOM   501 O  "O2'" . A   B 1 10 ? 0.575   -11.366 -7.902  1.00 90.81  ? 10  A   B "O2'" 1 
ATOM   502 C  "C1'" . A   B 1 10 ? -0.498  -9.306  -7.240  1.00 109.57 ? 10  A   B "C1'" 1 
ATOM   503 N  N9    . A   B 1 10 ? -0.818  -8.537  -6.042  1.00 106.62 ? 10  A   B N9    1 
ATOM   504 C  C8    . A   B 1 10 ? -2.039  -8.415  -5.432  1.00 105.17 ? 10  A   B C8    1 
ATOM   505 N  N7    . A   B 1 10 ? -2.021  -7.668  -4.356  1.00 96.89  ? 10  A   B N7    1 
ATOM   506 C  C5    . A   B 1 10 ? -0.696  -7.278  -4.246  1.00 100.28 ? 10  A   B C5    1 
ATOM   507 C  C6    . A   B 1 10 ? -0.019  -6.472  -3.310  1.00 96.98  ? 10  A   B C6    1 
ATOM   508 N  N6    . A   B 1 10 ? -0.615  -5.894  -2.268  1.00 91.10  ? 10  A   B N6    1 
ATOM   509 N  N1    . A   B 1 10 ? 1.308   -6.284  -3.482  1.00 98.59  ? 10  A   B N1    1 
ATOM   510 C  C2    . A   B 1 10 ? 1.907   -6.866  -4.530  1.00 101.57 ? 10  A   B C2    1 
ATOM   511 N  N3    . A   B 1 10 ? 1.377   -7.640  -5.479  1.00 103.60 ? 10  A   B N3    1 
ATOM   512 C  C4    . A   B 1 10 ? 0.059   -7.812  -5.274  1.00 102.63 ? 10  A   B C4    1 
ATOM   513 P  P     . G   B 1 11 ? -2.004  -13.349 -5.434  1.00 98.93  ? 11  G   B P     1 
ATOM   514 O  OP1   . G   B 1 11 ? -2.393  -14.747 -5.609  1.00 118.43 ? 11  G   B OP1   1 
ATOM   515 O  OP2   . G   B 1 11 ? -2.929  -12.427 -4.765  1.00 98.39  ? 11  G   B OP2   1 
ATOM   516 O  "O5'" . G   B 1 11 ? -0.616  -13.408 -4.664  1.00 94.87  ? 11  G   B "O5'" 1 
ATOM   517 C  "C5'" . G   B 1 11 ? 0.557   -13.930 -5.294  1.00 97.27  ? 11  G   B "C5'" 1 
ATOM   518 C  "C4'" . G   B 1 11 ? 1.797   -13.279 -4.731  1.00 99.11  ? 11  G   B "C4'" 1 
ATOM   519 O  "O4'" . G   B 1 11 ? 1.647   -11.838 -4.750  1.00 106.36 ? 11  G   B "O4'" 1 
ATOM   520 C  "C3'" . G   B 1 11 ? 2.105   -13.562 -3.274  1.00 94.02  ? 11  G   B "C3'" 1 
ATOM   521 O  "O3'" . G   B 1 11 ? 2.736   -14.802 -3.026  1.00 87.12  ? 11  G   B "O3'" 1 
ATOM   522 C  "C2'" . G   B 1 11 ? 3.039   -12.419 -2.934  1.00 93.06  ? 11  G   B "C2'" 1 
ATOM   523 O  "O2'" . G   B 1 11 ? 4.320   -12.614 -3.481  1.00 80.08  ? 11  G   B "O2'" 1 
ATOM   524 C  "C1'" . G   B 1 11 ? 2.361   -11.268 -3.664  1.00 99.31  ? 11  G   B "C1'" 1 
ATOM   525 N  N9    . G   B 1 11 ? 1.419   -10.548 -2.816  1.00 94.54  ? 11  G   B N9    1 
ATOM   526 C  C8    . G   B 1 11 ? 0.050   -10.567 -2.899  1.00 91.21  ? 11  G   B C8    1 
ATOM   527 N  N7    . G   B 1 11 ? -0.528  -9.820  -1.999  1.00 87.12  ? 11  G   B N7    1 
ATOM   528 C  C5    . G   B 1 11 ? 0.524   -9.282  -1.274  1.00 88.87  ? 11  G   B C5    1 
ATOM   529 C  C6    . G   B 1 11 ? 0.513   -8.391  -0.161  1.00 88.47  ? 11  G   B C6    1 
ATOM   530 O  O6    . G   B 1 11 ? -0.457  -7.889  0.411   1.00 86.79  ? 11  G   B O6    1 
ATOM   531 N  N1    . G   B 1 11 ? 1.802   -8.088  0.269   1.00 83.07  ? 11  G   B N1    1 
ATOM   532 C  C2    . G   B 1 11 ? 2.951   -8.586  -0.297  1.00 80.45  ? 11  G   B C2    1 
ATOM   533 N  N2    . G   B 1 11 ? 4.100   -8.189  0.259   1.00 71.01  ? 11  G   B N2    1 
ATOM   534 N  N3    . G   B 1 11 ? 2.973   -9.422  -1.327  1.00 85.05  ? 11  G   B N3    1 
ATOM   535 C  C4    . G   B 1 11 ? 1.731   -9.723  -1.765  1.00 87.28  ? 11  G   B C4    1 
ATOM   536 P  P     . U   B 1 12 ? 2.198   -15.660 -1.851  1.00 90.24  ? 12  U   B P     1 
ATOM   537 O  OP1   . U   B 1 12 ? 2.233   -17.118 -2.190  1.00 95.24  ? 12  U   B OP1   1 
ATOM   538 O  OP2   . U   B 1 12 ? 0.822   -15.096 -1.460  1.00 93.11  ? 12  U   B OP2   1 
ATOM   539 O  "O5'" . U   B 1 12 ? 3.045   -15.471 -0.523  1.00 92.79  ? 12  U   B "O5'" 1 
ATOM   540 C  "C5'" . U   B 1 12 ? 4.380   -15.088 -0.705  1.00 86.74  ? 12  U   B "C5'" 1 
ATOM   541 C  "C4'" . U   B 1 12 ? 5.052   -14.295 0.405   1.00 93.07  ? 12  U   B "C4'" 1 
ATOM   542 O  "O4'" . U   B 1 12 ? 4.776   -12.872 0.237   1.00 95.89  ? 12  U   B "O4'" 1 
ATOM   543 C  "C3'" . U   B 1 12 ? 4.628   -14.585 1.838   1.00 92.33  ? 12  U   B "C3'" 1 
ATOM   544 O  "O3'" . U   B 1 12 ? 5.242   -15.723 2.428   1.00 84.78  ? 12  U   B "O3'" 1 
ATOM   545 C  "C2'" . U   B 1 12 ? 5.032   -13.299 2.545   1.00 89.74  ? 12  U   B "C2'" 1 
ATOM   546 O  "O2'" . U   B 1 12 ? 6.403   -13.188 2.867   1.00 91.43  ? 12  U   B "O2'" 1 
ATOM   547 C  "C1'" . U   B 1 12 ? 4.622   -12.256 1.510   1.00 91.27  ? 12  U   B "C1'" 1 
ATOM   548 N  N1    . U   B 1 12 ? 3.227   -11.794 1.656   1.00 93.80  ? 12  U   B N1    1 
ATOM   549 C  C2    . U   B 1 12 ? 2.986   -10.728 2.508   1.00 94.91  ? 12  U   B C2    1 
ATOM   550 O  O2    . U   B 1 12 ? 3.869   -10.161 3.132   1.00 91.14  ? 12  U   B O2    1 
ATOM   551 N  N3    . U   B 1 12 ? 1.668   -10.346 2.594   1.00 87.74  ? 12  U   B N3    1 
ATOM   552 C  C4    . U   B 1 12 ? 0.590   -10.908 1.942   1.00 87.42  ? 12  U   B C4    1 
ATOM   553 O  O4    . U   B 1 12 ? -0.537  -10.447 2.122   1.00 87.62  ? 12  U   B O4    1 
ATOM   554 C  C5    . U   B 1 12 ? 0.919   -12.007 1.090   1.00 92.86  ? 12  U   B C5    1 
ATOM   555 C  C6    . U   B 1 12 ? 2.193   -12.405 0.979   1.00 93.83  ? 12  U   B C6    1 
ATOM   556 P  P     . C   B 1 13 ? 4.483   -16.501 3.585   1.00 87.38  ? 13  C   B P     1 
ATOM   557 O  OP1   . C   B 1 13 ? 5.271   -17.718 3.909   1.00 94.89  ? 13  C   B OP1   1 
ATOM   558 O  OP2   . C   B 1 13 ? 3.047   -16.609 3.218   1.00 79.40  ? 13  C   B OP2   1 
ATOM   559 O  "O5'" . C   B 1 13 ? 4.590   -15.509 4.823   1.00 82.42  ? 13  C   B "O5'" 1 
ATOM   560 C  "C5'" . C   B 1 13 ? 5.861   -15.134 5.355   1.00 77.92  ? 13  C   B "C5'" 1 
ATOM   561 C  "C4'" . C   B 1 13 ? 5.700   -13.982 6.316   1.00 86.78  ? 13  C   B "C4'" 1 
ATOM   562 O  "O4'" . C   B 1 13 ? 5.105   -12.810 5.684   1.00 84.40  ? 13  C   B "O4'" 1 
ATOM   563 C  "C3'" . C   B 1 13 ? 4.777   -14.254 7.483   1.00 77.68  ? 13  C   B "C3'" 1 
ATOM   564 O  "O3'" . C   B 1 13 ? 5.532   -14.966 8.441   1.00 65.93  ? 13  C   B "O3'" 1 
ATOM   565 C  "C2'" . C   B 1 13 ? 4.480   -12.849 7.964   1.00 71.77  ? 13  C   B "C2'" 1 
ATOM   566 O  "O2'" . C   B 1 13 ? 5.623   -12.394 8.653   1.00 69.74  ? 13  C   B "O2'" 1 
ATOM   567 C  "C1'" . C   B 1 13 ? 4.310   -12.114 6.636   1.00 73.81  ? 13  C   B "C1'" 1 
ATOM   568 N  N1    . C   B 1 13 ? 2.907   -12.047 6.160   1.00 74.63  ? 13  C   B N1    1 
ATOM   569 C  C2    . C   B 1 13 ? 2.045   -11.105 6.743   1.00 68.82  ? 13  C   B C2    1 
ATOM   570 O  O2    . C   B 1 13 ? 2.480   -10.357 7.629   1.00 60.78  ? 13  C   B O2    1 
ATOM   571 N  N3    . C   B 1 13 ? 0.760   -11.037 6.328   1.00 65.97  ? 13  C   B N3    1 
ATOM   572 C  C4    . C   B 1 13 ? 0.327   -11.853 5.366   1.00 66.58  ? 13  C   B C4    1 
ATOM   573 N  N4    . C   B 1 13 ? -0.940  -11.738 4.980   1.00 64.23  ? 13  C   B N4    1 
ATOM   574 C  C5    . C   B 1 13 ? 1.178   -12.824 4.759   1.00 67.94  ? 13  C   B C5    1 
ATOM   575 C  C6    . C   B 1 13 ? 2.447   -12.889 5.186   1.00 69.19  ? 13  C   B C6    1 
ATOM   576 P  P     . G   B 1 14 ? 4.696   -15.862 9.454   1.00 75.88  ? 14  G   B P     1 
ATOM   577 O  OP1   . G   B 1 14 ? 5.602   -16.421 10.447  1.00 70.39  ? 14  G   B OP1   1 
ATOM   578 O  OP2   . G   B 1 14 ? 3.813   -16.733 8.685   1.00 61.47  ? 14  G   B OP2   1 
ATOM   579 O  "O5'" . G   B 1 14 ? 3.750   -14.813 10.165  1.00 71.11  ? 14  G   B "O5'" 1 
ATOM   580 C  "C5'" . G   B 1 14 ? 4.061   -14.311 11.467  1.00 66.84  ? 14  G   B "C5'" 1 
ATOM   581 C  "C4'" . G   B 1 14 ? 3.047   -13.293 11.935  1.00 65.26  ? 14  G   B "C4'" 1 
ATOM   582 O  "O4'" . G   B 1 14 ? 2.518   -12.527 10.835  1.00 55.01  ? 14  G   B "O4'" 1 
ATOM   583 C  "C3'" . G   B 1 14 ? 1.795   -13.837 12.583  1.00 63.44  ? 14  G   B "C3'" 1 
ATOM   584 O  "O3'" . G   B 1 14 ? 2.054   -14.211 13.919  1.00 64.19  ? 14  G   B "O3'" 1 
ATOM   585 C  "C2'" . G   B 1 14 ? 0.883   -12.627 12.538  1.00 61.41  ? 14  G   B "C2'" 1 
ATOM   586 O  "O2'" . G   B 1 14 ? 1.168   -11.694 13.546  1.00 62.80  ? 14  G   B "O2'" 1 
ATOM   587 C  "C1'" . G   B 1 14 ? 1.267   -12.002 11.202  1.00 63.79  ? 14  G   B "C1'" 1 
ATOM   588 N  N9    . G   B 1 14 ? 0.312   -12.308 10.150  1.00 73.81  ? 14  G   B N9    1 
ATOM   589 C  C8    . G   B 1 14 ? 0.448   -13.218 9.132   1.00 76.95  ? 14  G   B C8    1 
ATOM   590 N  N7    . G   B 1 14 ? -0.592  -13.266 8.345   1.00 71.63  ? 14  G   B N7    1 
ATOM   591 C  C5    . G   B 1 14 ? -1.466  -12.332 8.878   1.00 69.40  ? 14  G   B C5    1 
ATOM   592 C  C6    . G   B 1 14 ? -2.768  -11.944 8.455   1.00 64.49  ? 14  G   B C6    1 
ATOM   593 O  O6    . G   B 1 14 ? -3.420  -12.361 7.495   1.00 64.02  ? 14  G   B O6    1 
ATOM   594 N  N1    . G   B 1 14 ? -3.310  -10.967 9.283   1.00 63.14  ? 14  G   B N1    1 
ATOM   595 C  C2    . G   B 1 14 ? -2.675  -10.431 10.377  1.00 57.96  ? 14  G   B C2    1 
ATOM   596 N  N2    . G   B 1 14 ? -3.358  -9.508  11.057  1.00 56.53  ? 14  G   B N2    1 
ATOM   597 N  N3    . G   B 1 14 ? -1.468  -10.792 10.787  1.00 61.77  ? 14  G   B N3    1 
ATOM   598 C  C4    . G   B 1 14 ? -0.925  -11.738 9.996   1.00 72.62  ? 14  G   B C4    1 
HETATM 599 P  P     . 5GP C 2 .  ? 1.608   21.042  -3.745  1.00 105.52 ? 101 5GP A P     1 
HETATM 600 O  O1P   . 5GP C 2 .  ? 0.176   21.189  -3.409  1.00 89.61  ? 101 5GP A O1P   1 
HETATM 601 O  O2P   . 5GP C 2 .  ? 2.365   22.293  -3.955  1.00 104.93 ? 101 5GP A O2P   1 
HETATM 602 O  O3P   . 5GP C 2 .  ? 1.906   19.920  -4.818  1.00 93.23  ? 101 5GP A O3P   1 
HETATM 603 O  "O5'" . 5GP C 2 .  ? 2.297   20.393  -2.415  1.00 86.49  ? 101 5GP A "O5'" 1 
HETATM 604 C  "C5'" . 5GP C 2 .  ? 2.335   21.034  -1.136  1.00 76.09  ? 101 5GP A "C5'" 1 
HETATM 605 C  "C4'" . 5GP C 2 .  ? 3.228   20.205  -0.204  1.00 74.81  ? 101 5GP A "C4'" 1 
HETATM 606 O  "O4'" . 5GP C 2 .  ? 3.236   18.768  -0.219  1.00 66.13  ? 101 5GP A "O4'" 1 
HETATM 607 C  "C3'" . 5GP C 2 .  ? 4.726   20.471  -0.590  1.00 71.90  ? 101 5GP A "C3'" 1 
HETATM 608 O  "O3'" . 5GP C 2 .  ? 5.182   21.636  0.059   1.00 68.10  ? 101 5GP A "O3'" 1 
HETATM 609 C  "C2'" . 5GP C 2 .  ? 5.481   19.316  0.009   1.00 66.20  ? 101 5GP A "C2'" 1 
HETATM 610 O  "O2'" . 5GP C 2 .  ? 5.584   19.497  1.458   1.00 63.26  ? 101 5GP A "O2'" 1 
HETATM 611 C  "C1'" . 5GP C 2 .  ? 4.552   18.204  -0.306  1.00 62.48  ? 101 5GP A "C1'" 1 
HETATM 612 N  N9    . 5GP C 2 .  ? 4.850   17.567  -1.588  1.00 73.81  ? 101 5GP A N9    1 
HETATM 613 C  C8    . 5GP C 2 .  ? 4.055   17.514  -2.706  1.00 76.95  ? 101 5GP A C8    1 
HETATM 614 N  N7    . 5GP C 2 .  ? 4.573   16.804  -3.669  1.00 71.63  ? 101 5GP A N7    1 
HETATM 615 C  C5    . 5GP C 2 .  ? 5.783   16.362  -3.156  1.00 69.40  ? 101 5GP A C5    1 
HETATM 616 C  C6    . 5GP C 2 .  ? 6.793   15.553  -3.746  1.00 64.49  ? 101 5GP A C6    1 
HETATM 617 O  O6    . 5GP C 2 .  ? 6.815   15.051  -4.873  1.00 64.02  ? 101 5GP A O6    1 
HETATM 618 N  N1    . 5GP C 2 .  ? 7.863   15.350  -2.882  1.00 63.14  ? 101 5GP A N1    1 
HETATM 619 C  C2    . 5GP C 2 .  ? 7.946   15.861  -1.609  1.00 57.96  ? 101 5GP A C2    1 
HETATM 620 N  N2    . 5GP C 2 .  ? 9.056   15.566  -0.930  1.00 56.53  ? 101 5GP A N2    1 
HETATM 621 N  N3    . 5GP C 2 .  ? 7.018   16.624  -1.052  1.00 61.77  ? 101 5GP A N3    1 
HETATM 622 C  C4    . 5GP C 2 .  ? 5.970   16.831  -1.875  1.00 72.62  ? 101 5GP A C4    1 
HETATM 623 P  P     . 5GP D 2 .  ? -6.312  -19.455 13.282  1.00 172.76 ? 102 5GP A P     1 
HETATM 624 O  O1P   . 5GP D 2 .  ? -4.918  -19.116 13.641  1.00 166.18 ? 102 5GP A O1P   1 
HETATM 625 O  O2P   . 5GP D 2 .  ? -6.973  -20.482 14.105  1.00 159.96 ? 102 5GP A O2P   1 
HETATM 626 O  O3P   . 5GP D 2 .  ? -6.551  -19.608 11.735  1.00 159.52 ? 102 5GP A O3P   1 
HETATM 627 O  "O5'" . 5GP D 2 .  ? -7.216  -18.156 13.647  1.00 151.03 ? 102 5GP A "O5'" 1 
HETATM 628 C  "C5'" . 5GP D 2 .  ? -6.759  -17.078 14.496  1.00 119.33 ? 102 5GP A "C5'" 1 
HETATM 629 C  "C4'" . 5GP D 2 .  ? -7.889  -16.060 14.778  1.00 104.00 ? 102 5GP A "C4'" 1 
HETATM 630 O  "O4'" . 5GP D 2 .  ? -7.631  -14.931 13.914  1.00 92.30  ? 102 5GP A "O4'" 1 
HETATM 631 C  "C3'" . 5GP D 2 .  ? -9.354  -16.492 14.488  1.00 96.79  ? 102 5GP A "C3'" 1 
HETATM 632 O  "O3'" . 5GP D 2 .  ? -10.109 -16.523 15.694  1.00 106.95 ? 102 5GP A "O3'" 1 
HETATM 633 C  "C2'" . 5GP D 2 .  ? -9.916  -15.411 13.619  1.00 92.77  ? 102 5GP A "C2'" 1 
HETATM 634 O  "O2'" . 5GP D 2 .  ? -10.568 -14.390 14.423  1.00 91.36  ? 102 5GP A "O2'" 1 
HETATM 635 C  "C1'" . 5GP D 2 .  ? -8.668  -14.835 12.917  1.00 81.74  ? 102 5GP A "C1'" 1 
HETATM 636 N  N9    . 5GP D 2 .  ? -8.383  -15.455 11.578  1.00 73.81  ? 102 5GP A N9    1 
HETATM 637 C  C8    . 5GP D 2 .  ? -7.387  -16.228 11.035  1.00 76.95  ? 102 5GP A C8    1 
HETATM 638 N  N7    . 5GP D 2 .  ? -7.585  -16.508 9.776   1.00 71.63  ? 102 5GP A N7    1 
HETATM 639 C  C5    . 5GP D 2 .  ? -8.782  -15.882 9.471   1.00 69.40  ? 102 5GP A C5    1 
HETATM 640 C  C6    . 5GP D 2 .  ? -9.514  -15.837 8.251   1.00 64.49  ? 102 5GP A C6    1 
HETATM 641 O  O6    . 5GP D 2 .  ? -9.231  -16.355 7.168   1.00 64.02  ? 102 5GP A O6    1 
HETATM 642 N  N1    . 5GP D 2 .  ? -10.684 -15.097 8.377   1.00 63.14  ? 102 5GP A N1    1 
HETATM 643 C  C2    . 5GP D 2 .  ? -11.095 -14.478 9.532   1.00 57.96  ? 102 5GP A C2    1 
HETATM 644 N  N2    . 5GP D 2 .  ? -12.253 -13.819 9.464   1.00 56.53  ? 102 5GP A N2    1 
HETATM 645 N  N3    . 5GP D 2 .  ? -10.430 -14.521 10.677  1.00 61.77  ? 102 5GP A N3    1 
HETATM 646 C  C4    . 5GP D 2 .  ? -9.290  -15.234 10.575  1.00 72.62  ? 102 5GP A C4    1 
HETATM 647 SR SR    . SR  E 3 .  ? 4.230   15.442  -6.245  1.00 77.01  ? 103 SR  A SR    1 
HETATM 648 SR SR    . SR  F 3 .  ? 6.107   22.623  2.261   0.18 83.52  ? 104 SR  A SR    1 
HETATM 649 P  P     . 5GP G 2 .  ? 7.246   23.095  -4.942  1.00 168.05 ? 101 5GP B P     1 
HETATM 650 O  O1P   . 5GP G 2 .  ? 7.857   24.344  -5.422  1.00 169.22 ? 101 5GP B O1P   1 
HETATM 651 O  O2P   . 5GP G 2 .  ? 7.089   22.018  -5.945  1.00 156.57 ? 101 5GP B O2P   1 
HETATM 652 O  O3P   . 5GP G 2 .  ? 5.973   23.303  -4.002  1.00 158.63 ? 101 5GP B O3P   1 
HETATM 653 O  "O5'" . 5GP G 2 .  ? 8.385   22.573  -3.910  1.00 153.97 ? 101 5GP B "O5'" 1 
HETATM 654 C  "C5'" . 5GP G 2 .  ? 8.472   22.806  -2.472  1.00 126.32 ? 101 5GP B "C5'" 1 
HETATM 655 C  "C4'" . 5GP G 2 .  ? 8.888   21.466  -1.863  1.00 108.71 ? 101 5GP B "C4'" 1 
HETATM 656 O  "O4'" . 5GP G 2 .  ? 8.256   20.344  -2.509  1.00 91.34  ? 101 5GP B "O4'" 1 
HETATM 657 C  "C3'" . 5GP G 2 .  ? 10.427  21.266  -2.020  1.00 97.67  ? 101 5GP B "C3'" 1 
HETATM 658 O  "O3'" . 5GP G 2 .  ? 11.073  21.339  -0.744  1.00 105.97 ? 101 5GP B "O3'" 1 
HETATM 659 C  "C2'" . 5GP G 2 .  ? 10.615  19.895  -2.594  1.00 92.92  ? 101 5GP B "C2'" 1 
HETATM 660 O  "O2'" . 5GP G 2 .  ? 11.513  19.112  -1.742  1.00 85.75  ? 101 5GP B "O2'" 1 
HETATM 661 C  "C1'" . 5GP G 2 .  ? 9.189   19.281  -2.675  1.00 83.76  ? 101 5GP B "C1'" 1 
HETATM 662 N  N9    . 5GP G 2 .  ? 8.843   18.587  -3.974  1.00 73.81  ? 101 5GP B N9    1 
HETATM 663 C  C8    . 5GP G 2 .  ? 7.760   18.735  -4.804  1.00 76.95  ? 101 5GP B C8    1 
HETATM 664 N  N7    . 5GP G 2 .  ? 7.809   17.961  -5.853  1.00 71.63  ? 101 5GP B N7    1 
HETATM 665 C  C5    . 5GP G 2 .  ? 8.997   17.262  -5.707  1.00 69.40  ? 101 5GP B C5    1 
HETATM 666 C  C6    . 5GP G 2 .  ? 9.595   16.278  -6.542  1.00 64.49  ? 101 5GP B C6    1 
HETATM 667 O  O6    . 5GP G 2 .  ? 9.176   15.817  -7.607  1.00 64.02  ? 101 5GP B O6    1 
HETATM 668 N  N1    . 5GP G 2 .  ? 10.807  15.830  -6.027  1.00 63.14  ? 101 5GP B N1    1 
HETATM 669 C  C2    . 5GP G 2 .  ? 11.368  16.274  -4.854  1.00 57.96  ? 101 5GP B C2    1 
HETATM 670 N  N2    . 5GP G 2 .  ? 12.542  15.734  -4.526  1.00 56.53  ? 101 5GP B N2    1 
HETATM 671 N  N3    . 5GP G 2 .  ? 10.826  17.197  -4.073  1.00 61.77  ? 101 5GP B N3    1 
HETATM 672 C  C4    . 5GP G 2 .  ? 9.648   17.644  -4.556  1.00 72.62  ? 101 5GP B C4    1 
HETATM 673 P  P     . 5GP H 2 .  ? -1.031  -17.405 12.484  1.00 111.87 ? 102 5GP B P     1 
HETATM 674 O  O1P   . 5GP H 2 .  ? 0.451   -17.617 12.483  1.00 94.68  ? 102 5GP B O1P   1 
HETATM 675 O  O2P   . 5GP H 2 .  ? -1.780  -18.543 13.148  1.00 99.16  ? 102 5GP B O2P   1 
HETATM 676 O  O3P   . 5GP H 2 .  ? -1.589  -17.178 11.020  1.00 95.81  ? 102 5GP B O3P   1 
HETATM 677 O  "O5'" . 5GP H 2 .  ? -1.272  -16.016 13.233  1.00 87.53  ? 102 5GP B "O5'" 1 
HETATM 678 C  "C5'" . 5GP H 2 .  ? -2.547  -15.825 13.872  1.00 86.47  ? 102 5GP B "C5'" 1 
HETATM 679 C  "C4'" . 5GP H 2 .  ? -2.586  -14.516 14.596  1.00 79.16  ? 102 5GP B "C4'" 1 
HETATM 680 O  "O4'" . 5GP H 2 .  ? -2.382  -13.431 13.721  1.00 74.13  ? 102 5GP B "O4'" 1 
HETATM 681 C  "C3'" . 5GP H 2 .  ? -4.044  -14.346 15.134  1.00 75.62  ? 102 5GP B "C3'" 1 
HETATM 682 O  "O3'" . 5GP H 2 .  ? -4.094  -14.014 16.565  1.00 70.78  ? 102 5GP B "O3'" 1 
HETATM 683 C  "C2'" . 5GP H 2 .  ? -4.633  -13.204 14.378  1.00 74.08  ? 102 5GP B "C2'" 1 
HETATM 684 O  "O2'" . 5GP H 2 .  ? -4.845  -12.097 15.293  1.00 82.08  ? 102 5GP B "O2'" 1 
HETATM 685 C  "C1'" . 5GP H 2 .  ? -3.614  -12.857 13.291  1.00 70.20  ? 102 5GP B "C1'" 1 
HETATM 686 N  N9    . 5GP H 2 .  ? -4.062  -13.280 11.916  1.00 73.81  ? 102 5GP B N9    1 
HETATM 687 C  C8    . 5GP H 2 .  ? -3.403  -14.107 11.041  1.00 76.95  ? 102 5GP B C8    1 
HETATM 688 N  N7    . 5GP H 2 .  ? -4.040  -14.269 9.913   1.00 71.63  ? 102 5GP B N7    1 
HETATM 689 C  C5    . 5GP H 2 .  ? -5.187  -13.504 10.056  1.00 69.40  ? 102 5GP B C5    1 
HETATM 690 C  C6    . 5GP H 2 .  ? -6.271  -13.293 9.158   1.00 64.49  ? 102 5GP B C6    1 
HETATM 691 O  O6    . 5GP H 2 .  ? -6.429  -13.754 8.024   1.00 64.02  ? 102 5GP B O6    1 
HETATM 692 N  N1    . 5GP H 2 .  ? -7.234  -12.452 9.700   1.00 63.14  ? 102 5GP B N1    1 
HETATM 693 C  C2    . 5GP H 2 .  ? -7.162  -11.884 10.949  1.00 57.96  ? 102 5GP B C2    1 
HETATM 694 N  N2    . 5GP H 2 .  ? -8.189  -11.110 11.301  1.00 56.53  ? 102 5GP B N2    1 
HETATM 695 N  N3    . 5GP H 2 .  ? -6.164  -12.081 11.798  1.00 61.77  ? 102 5GP B N3    1 
HETATM 696 C  C4    . 5GP H 2 .  ? -5.217  -12.894 11.290  1.00 72.62  ? 102 5GP B C4    1 
HETATM 697 SR SR    . SR  I 3 .  ? -4.131  -15.225 6.980   1.00 76.98  ? 103 SR  B SR    1 
HETATM 698 SR SR    . SR  J 3 .  ? -4.838  -15.086 18.553  0.16 112.53 ? 104 SR  B SR    1 
HETATM 699 O  O     . HOH K 4 .  ? 2.872   5.596   -6.181  1.00 64.42  ? 201 HOH A O     1 
HETATM 700 O  O     . HOH K 4 .  ? -6.226  -16.933 7.603   1.00 54.88  ? 202 HOH A O     1 
HETATM 701 O  O     . HOH K 4 .  ? -2.065  -3.436  2.543   1.00 61.11  ? 203 HOH A O     1 
HETATM 702 O  O     . HOH L 4 .  ? 5.345   17.782  -7.329  1.00 63.49  ? 201 HOH B O     1 
HETATM 703 O  O     . HOH L 4 .  ? -3.313  -7.518  0.031   1.00 55.44  ? 202 HOH B O     1 
HETATM 704 O  O     . HOH L 4 .  ? 1.821   7.914   8.616   0.22 38.29  ? 203 HOH B O     1 
HETATM 705 O  O     . HOH L 4 .  ? 2.330   3.988   -0.855  1.00 63.63  ? 204 HOH B O     1 
HETATM 706 O  O     . HOH L 4 .  ? 0.276   0.492   -0.101  1.00 76.00  ? 205 HOH B O     1 
# 
